data_5U23
#
_entry.id   5U23
#
_cell.length_a   107.824
_cell.length_b   56.644
_cell.length_c   124.549
_cell.angle_alpha   90.00
_cell.angle_beta   90.01
_cell.angle_gamma   90.00
#
_symmetry.space_group_name_H-M   'P 1 21 1'
#
loop_
_entity.id
_entity.type
_entity.pdbx_description
1 polymer 'Putative aminotransferase'
2 non-polymer 'SODIUM ION'
3 non-polymer '(2R,3R,4S,5S,6R)-3,5-dihydroxy-4-{[(1E)-{3-hydroxy-2-methyl-5-[(phosphonooxy)methyl]pyridin-4-yl}methylidene]amino}-6-methyltetrahydro-2H-pyran-2-yl [(2R,3S,5R)-3-hydroxy-5-(5-methyl-2,4-dioxo-3,4-dihydropyrimidin-1(2H)-yl)tetrahydrofuran-2-yl]methyl dihydrogen diphosphate'
4 non-polymer 1,2-ETHANEDIOL
5 non-polymer 'CHLORIDE ION'
6 non-polymer '3[N-MORPHOLINO]PROPANE SULFONIC ACID'
7 water water
#
_entity_poly.entity_id   1
_entity_poly.type   'polypeptide(L)'
_entity_poly.pdbx_seq_one_letter_code
;MGSSHHHHHHSSRNLYFQGGGHMFFLNLKQINDRFNTEFITKFKEILESGWYILGKQCEKFENNFAKYCGVKHCIGVANG
LDALRLIIKAYDFKENDEIIVPANTYIASILAITDNKCKPILIEPDINTYNINPDLIEEKITKKTKAIMVVHLYGQVCDM
EKIQLLANKYNLKIIEDCAQAHGAIYKDKRVGNLGDAAGFSFYPGKNLGALGDAGCICTNDDNFASKIRALANYGSHKKY
ENLYTGLNSRLDEIQAAFLDIKLKYLDEDNNKRKNIANFYLQNIKNENIILPSNKFDHVWHLFVVKTKLRDELQHYLNNH
DIQTIIHYPIPPHKQKCYKDLNHLKLPITENIHQEVLSLPISPTMKENDFKKVADILNKWKV
;
_entity_poly.pdbx_strand_id   C,D,A,B
#
# COMPACT_ATOMS: atom_id res chain seq x y z
N HIS A 22 33.52 19.32 -27.10
CA HIS A 22 34.39 18.12 -27.11
C HIS A 22 34.16 17.30 -28.37
N MET A 23 35.23 16.71 -28.90
CA MET A 23 35.08 15.73 -29.97
C MET A 23 34.80 14.38 -29.35
N PHE A 24 33.63 13.80 -29.64
CA PHE A 24 33.26 12.54 -29.05
C PHE A 24 33.99 11.38 -29.72
N PHE A 25 34.24 10.35 -28.93
CA PHE A 25 34.81 9.11 -29.45
C PHE A 25 33.94 8.49 -30.55
N LEU A 26 32.62 8.49 -30.35
CA LEU A 26 31.69 7.90 -31.32
C LEU A 26 30.38 8.65 -31.09
N ASN A 27 30.13 9.60 -31.99
CA ASN A 27 28.95 10.44 -31.89
C ASN A 27 27.74 9.75 -32.58
N LEU A 28 26.99 9.00 -31.79
CA LEU A 28 25.91 8.19 -32.38
C LEU A 28 24.72 9.04 -32.82
N LYS A 29 24.50 10.17 -32.18
CA LYS A 29 23.51 11.10 -32.65
C LYS A 29 23.84 11.54 -34.09
N GLN A 30 25.09 11.90 -34.36
CA GLN A 30 25.48 12.31 -35.71
C GLN A 30 25.30 11.16 -36.71
N ILE A 31 25.69 9.95 -36.32
CA ILE A 31 25.53 8.77 -37.18
C ILE A 31 24.06 8.46 -37.50
N ASN A 32 23.19 8.58 -36.49
CA ASN A 32 21.81 8.15 -36.61
C ASN A 32 20.86 9.25 -37.11
N ASP A 33 21.27 10.52 -37.00
CA ASP A 33 20.45 11.65 -37.43
C ASP A 33 20.15 11.53 -38.90
N ARG A 34 21.02 10.88 -39.66
CA ARG A 34 20.79 10.68 -41.10
C ARG A 34 19.48 9.94 -41.44
N PHE A 35 18.96 9.19 -40.45
CA PHE A 35 17.86 8.25 -40.65
C PHE A 35 16.62 8.58 -39.83
N ASN A 36 16.58 9.73 -39.16
CA ASN A 36 15.50 10.03 -38.21
C ASN A 36 14.14 9.93 -38.85
N THR A 37 13.96 10.55 -40.00
CA THR A 37 12.63 10.52 -40.61
CA THR A 37 12.65 10.52 -40.66
C THR A 37 12.18 9.09 -40.89
N GLU A 38 13.07 8.25 -41.42
CA GLU A 38 12.75 6.86 -41.70
CA GLU A 38 12.75 6.85 -41.69
C GLU A 38 12.52 6.06 -40.41
N PHE A 39 13.34 6.31 -39.38
CA PHE A 39 13.15 5.63 -38.11
C PHE A 39 11.73 5.91 -37.59
N ILE A 40 11.31 7.18 -37.64
CA ILE A 40 9.97 7.57 -37.11
C ILE A 40 8.83 6.95 -37.95
N THR A 41 8.99 6.95 -39.26
CA THR A 41 8.03 6.29 -40.14
C THR A 41 7.84 4.83 -39.80
N LYS A 42 8.95 4.12 -39.63
CA LYS A 42 8.88 2.69 -39.40
C LYS A 42 8.31 2.42 -38.01
N PHE A 43 8.67 3.26 -37.04
CA PHE A 43 8.15 3.11 -35.69
C PHE A 43 6.65 3.21 -35.74
N LYS A 44 6.15 4.21 -36.50
CA LYS A 44 4.69 4.39 -36.64
C LYS A 44 4.04 3.24 -37.38
N GLU A 45 4.69 2.71 -38.41
CA GLU A 45 4.25 1.48 -39.09
C GLU A 45 4.12 0.31 -38.09
N ILE A 46 5.07 0.17 -37.19
CA ILE A 46 5.03 -0.91 -36.23
C ILE A 46 3.87 -0.72 -35.26
N LEU A 47 3.69 0.51 -34.77
CA LEU A 47 2.47 0.83 -34.02
C LEU A 47 1.21 0.40 -34.77
N GLU A 48 1.14 0.75 -36.06
CA GLU A 48 -0.02 0.37 -36.89
C GLU A 48 -0.22 -1.13 -36.98
N SER A 49 0.89 -1.86 -37.02
CA SER A 49 0.83 -3.32 -37.05
C SER A 49 0.28 -3.98 -35.79
N GLY A 50 0.49 -3.39 -34.62
CA GLY A 50 0.16 -4.03 -33.34
C GLY A 50 1.00 -5.26 -32.99
N TRP A 51 2.13 -5.42 -33.67
CA TRP A 51 3.01 -6.57 -33.48
C TRP A 51 4.46 -6.10 -33.24
N TYR A 52 4.99 -6.50 -32.09
CA TYR A 52 6.30 -5.97 -31.64
C TYR A 52 7.37 -7.03 -31.51
N ILE A 53 7.02 -8.32 -31.60
CA ILE A 53 7.90 -9.47 -31.34
C ILE A 53 7.72 -10.43 -32.49
N LEU A 54 8.81 -10.92 -33.08
CA LEU A 54 8.79 -11.98 -34.08
C LEU A 54 7.77 -11.73 -35.16
N GLY A 55 7.90 -10.57 -35.81
CA GLY A 55 6.98 -10.21 -36.85
C GLY A 55 7.66 -9.98 -38.19
N LYS A 56 6.99 -9.20 -39.03
CA LYS A 56 7.48 -8.94 -40.40
C LYS A 56 8.79 -8.17 -40.48
N GLN A 57 9.05 -7.28 -39.52
CA GLN A 57 10.32 -6.55 -39.57
C GLN A 57 11.53 -7.41 -39.28
N CYS A 58 11.39 -8.27 -38.28
CA CYS A 58 12.43 -9.25 -37.98
CA CYS A 58 12.38 -9.29 -37.99
C CYS A 58 12.67 -10.12 -39.22
N GLU A 59 11.61 -10.60 -39.86
CA GLU A 59 11.79 -11.50 -41.01
C GLU A 59 12.55 -10.80 -42.14
N LYS A 60 12.13 -9.57 -42.40
CA LYS A 60 12.68 -8.77 -43.50
C LYS A 60 14.15 -8.51 -43.23
N PHE A 61 14.43 -8.06 -42.01
CA PHE A 61 15.83 -7.75 -41.72
C PHE A 61 16.69 -9.03 -41.79
N GLU A 62 16.16 -10.13 -41.27
CA GLU A 62 16.92 -11.36 -41.24
C GLU A 62 17.22 -11.79 -42.66
N ASN A 63 16.20 -11.67 -43.49
CA ASN A 63 16.40 -12.05 -44.89
C ASN A 63 17.46 -11.19 -45.58
N ASN A 64 17.40 -9.87 -45.31
CA ASN A 64 18.37 -8.98 -45.93
C ASN A 64 19.77 -9.13 -45.37
N PHE A 65 19.86 -9.38 -44.06
CA PHE A 65 21.19 -9.58 -43.48
C PHE A 65 21.84 -10.89 -43.89
N ALA A 66 21.04 -11.93 -43.95
CA ALA A 66 21.49 -13.16 -44.55
C ALA A 66 22.04 -12.97 -45.98
N LYS A 67 21.30 -12.25 -46.81
CA LYS A 67 21.78 -12.02 -48.18
C LYS A 67 23.09 -11.22 -48.14
N TYR A 68 23.10 -10.21 -47.28
CA TYR A 68 24.31 -9.38 -47.09
C TYR A 68 25.56 -10.20 -46.71
N CYS A 69 25.42 -11.14 -45.78
CA CYS A 69 26.51 -12.00 -45.39
C CYS A 69 26.76 -13.16 -46.33
N GLY A 70 25.86 -13.41 -47.27
CA GLY A 70 25.97 -14.53 -48.21
C GLY A 70 25.65 -15.89 -47.61
N VAL A 71 24.88 -15.89 -46.52
CA VAL A 71 24.46 -17.12 -45.86
C VAL A 71 22.97 -17.45 -46.06
N LYS A 72 22.60 -18.69 -45.75
CA LYS A 72 21.23 -19.13 -45.95
C LYS A 72 20.27 -18.59 -44.89
N HIS A 73 20.76 -18.49 -43.65
CA HIS A 73 19.90 -18.26 -42.49
C HIS A 73 20.48 -17.22 -41.56
N CYS A 74 19.59 -16.28 -41.17
CA CYS A 74 19.90 -15.28 -40.17
C CYS A 74 18.81 -15.31 -39.10
N ILE A 75 19.21 -15.50 -37.83
CA ILE A 75 18.27 -15.49 -36.69
C ILE A 75 18.57 -14.25 -35.83
N GLY A 76 17.65 -13.30 -35.80
CA GLY A 76 17.75 -12.20 -34.88
C GLY A 76 17.68 -12.70 -33.47
N VAL A 77 18.63 -12.27 -32.65
CA VAL A 77 18.65 -12.51 -31.20
C VAL A 77 18.90 -11.22 -30.41
N ALA A 78 19.09 -11.30 -29.11
CA ALA A 78 18.92 -10.17 -28.22
C ALA A 78 20.14 -9.27 -28.10
N ASN A 79 21.33 -9.84 -28.34
CA ASN A 79 22.61 -9.17 -28.31
C ASN A 79 23.71 -10.13 -28.79
N GLY A 80 24.91 -9.58 -28.96
CA GLY A 80 26.12 -10.30 -29.35
C GLY A 80 26.55 -11.42 -28.43
N LEU A 81 26.48 -11.13 -27.15
CA LEU A 81 26.86 -12.21 -26.24
C LEU A 81 25.93 -13.41 -26.34
N ASP A 82 24.64 -13.10 -26.32
CA ASP A 82 23.61 -14.12 -26.49
C ASP A 82 23.80 -14.89 -27.80
N ALA A 83 24.13 -14.20 -28.88
CA ALA A 83 24.40 -14.87 -30.14
C ALA A 83 25.44 -15.95 -29.98
N LEU A 84 26.55 -15.62 -29.30
CA LEU A 84 27.61 -16.59 -29.18
C LEU A 84 27.20 -17.68 -28.21
N ARG A 85 26.53 -17.29 -27.13
CA ARG A 85 26.10 -18.29 -26.11
C ARG A 85 25.18 -19.36 -26.68
N LEU A 86 24.27 -18.93 -27.57
CA LEU A 86 23.25 -19.80 -28.15
C LEU A 86 23.94 -20.73 -29.14
N ILE A 87 24.91 -20.23 -29.91
CA ILE A 87 25.59 -21.11 -30.87
C ILE A 87 26.23 -22.28 -30.10
N ILE A 88 26.93 -21.94 -29.04
CA ILE A 88 27.64 -22.95 -28.26
C ILE A 88 26.63 -23.87 -27.55
N LYS A 89 25.59 -23.30 -26.97
CA LYS A 89 24.52 -24.12 -26.34
C LYS A 89 23.99 -25.14 -27.34
N ALA A 90 23.77 -24.75 -28.59
CA ALA A 90 23.11 -25.57 -29.59
C ALA A 90 23.96 -26.81 -29.93
N TYR A 91 25.27 -26.71 -29.73
CA TYR A 91 26.18 -27.83 -30.08
C TYR A 91 26.22 -28.92 -29.02
N ASP A 92 25.70 -28.63 -27.82
CA ASP A 92 25.54 -29.66 -26.77
C ASP A 92 26.89 -30.21 -26.38
N PHE A 93 27.86 -29.34 -26.17
CA PHE A 93 29.16 -29.82 -25.72
C PHE A 93 29.09 -30.28 -24.26
N LYS A 94 30.07 -31.11 -23.89
CA LYS A 94 30.16 -31.60 -22.52
C LYS A 94 30.84 -30.57 -21.64
N GLU A 95 30.54 -30.62 -20.36
CA GLU A 95 31.19 -29.78 -19.40
C GLU A 95 32.70 -29.99 -19.49
N ASN A 96 33.43 -28.88 -19.45
CA ASN A 96 34.88 -28.82 -19.65
C ASN A 96 35.42 -29.14 -21.05
N ASP A 97 34.53 -29.29 -22.04
CA ASP A 97 34.96 -29.30 -23.43
C ASP A 97 35.66 -27.98 -23.71
N GLU A 98 36.67 -28.05 -24.58
CA GLU A 98 37.54 -26.91 -24.87
C GLU A 98 37.23 -26.13 -26.15
N ILE A 99 37.26 -24.80 -26.04
CA ILE A 99 37.07 -23.95 -27.20
C ILE A 99 38.25 -23.00 -27.26
N ILE A 100 39.02 -23.13 -28.33
CA ILE A 100 40.16 -22.31 -28.60
C ILE A 100 39.67 -20.92 -29.03
N VAL A 101 40.24 -19.90 -28.43
CA VAL A 101 39.77 -18.51 -28.68
C VAL A 101 40.97 -17.57 -28.48
N PRO A 102 41.00 -16.41 -29.14
CA PRO A 102 42.09 -15.45 -28.92
C PRO A 102 42.03 -14.91 -27.51
N ALA A 103 43.20 -14.69 -26.92
CA ALA A 103 43.29 -14.19 -25.56
C ALA A 103 42.98 -12.71 -25.45
N ASN A 104 43.09 -11.99 -26.57
CA ASN A 104 43.01 -10.53 -26.53
C ASN A 104 41.69 -9.93 -26.99
N THR A 105 40.73 -10.81 -27.21
CA THR A 105 39.36 -10.41 -27.57
C THR A 105 38.66 -9.74 -26.42
N TYR A 106 37.52 -9.07 -26.73
CA TYR A 106 36.64 -8.59 -25.65
C TYR A 106 36.10 -9.68 -24.77
N ILE A 107 35.90 -9.40 -23.49
CA ILE A 107 35.59 -10.44 -22.55
C ILE A 107 34.30 -11.19 -22.93
N ALA A 108 33.33 -10.57 -23.60
CA ALA A 108 32.10 -11.31 -23.90
C ALA A 108 32.34 -12.58 -24.75
N SER A 109 33.34 -12.59 -25.65
CA SER A 109 33.66 -13.83 -26.38
C SER A 109 33.91 -14.99 -25.38
N ILE A 110 34.58 -14.68 -24.28
CA ILE A 110 35.00 -15.69 -23.27
C ILE A 110 33.82 -16.02 -22.37
N LEU A 111 33.07 -15.02 -21.98
CA LEU A 111 31.82 -15.26 -21.23
C LEU A 111 30.88 -16.23 -21.91
N ALA A 112 30.75 -16.16 -23.24
CA ALA A 112 29.93 -17.11 -23.96
C ALA A 112 30.39 -18.55 -23.76
N ILE A 113 31.70 -18.70 -23.67
CA ILE A 113 32.30 -20.02 -23.55
C ILE A 113 32.05 -20.56 -22.15
N THR A 114 32.44 -19.79 -21.14
CA THR A 114 32.31 -20.26 -19.75
C THR A 114 30.84 -20.38 -19.31
N ASP A 115 29.94 -19.55 -19.84
CA ASP A 115 28.51 -19.70 -19.56
C ASP A 115 27.98 -21.08 -19.92
N ASN A 116 28.55 -21.69 -20.96
CA ASN A 116 28.23 -23.05 -21.39
C ASN A 116 29.03 -24.16 -20.70
N LYS A 117 29.73 -23.78 -19.62
CA LYS A 117 30.65 -24.64 -18.87
C LYS A 117 31.72 -25.28 -19.75
N CYS A 118 32.12 -24.59 -20.82
CA CYS A 118 33.26 -24.98 -21.61
C CYS A 118 34.48 -24.21 -21.15
N LYS A 119 35.67 -24.74 -21.51
CA LYS A 119 36.94 -24.17 -21.08
C LYS A 119 37.55 -23.36 -22.22
N PRO A 120 37.71 -22.05 -22.01
CA PRO A 120 38.42 -21.21 -22.97
C PRO A 120 39.95 -21.44 -23.01
N ILE A 121 40.45 -21.80 -24.18
CA ILE A 121 41.85 -22.13 -24.36
C ILE A 121 42.41 -20.95 -25.12
N LEU A 122 43.17 -20.10 -24.41
CA LEU A 122 43.42 -18.73 -24.83
C LEU A 122 44.72 -18.72 -25.62
N ILE A 123 44.70 -18.18 -26.84
CA ILE A 123 45.83 -18.22 -27.76
C ILE A 123 46.26 -16.76 -28.06
N GLU A 124 47.55 -16.55 -28.16
CA GLU A 124 48.12 -15.20 -28.37
C GLU A 124 47.78 -14.74 -29.78
N PRO A 125 47.60 -13.41 -29.95
CA PRO A 125 47.40 -12.89 -31.25
C PRO A 125 48.72 -12.65 -31.94
N ASP A 126 48.61 -12.35 -33.23
CA ASP A 126 49.74 -11.87 -34.03
C ASP A 126 49.76 -10.37 -33.85
N ILE A 127 50.89 -9.82 -33.41
CA ILE A 127 51.07 -8.38 -33.24
C ILE A 127 50.83 -7.61 -34.56
N ASN A 128 50.91 -8.29 -35.71
CA ASN A 128 50.65 -7.63 -37.00
C ASN A 128 49.19 -7.66 -37.47
N THR A 129 48.28 -8.27 -36.71
CA THR A 129 46.88 -8.29 -37.08
C THR A 129 45.92 -7.99 -35.93
N TYR A 130 46.40 -8.13 -34.71
CA TYR A 130 45.64 -8.16 -33.47
C TYR A 130 44.61 -9.28 -33.42
N ASN A 131 44.76 -10.24 -34.33
CA ASN A 131 43.87 -11.40 -34.43
C ASN A 131 44.61 -12.67 -33.97
N ILE A 132 43.88 -13.72 -33.64
CA ILE A 132 44.47 -14.98 -33.20
C ILE A 132 45.62 -15.33 -34.17
N ASN A 133 46.77 -15.77 -33.65
CA ASN A 133 47.84 -16.23 -34.53
C ASN A 133 47.55 -17.67 -34.92
N PRO A 134 47.20 -17.91 -36.19
CA PRO A 134 46.80 -19.29 -36.53
C PRO A 134 47.89 -20.32 -36.28
N ASP A 135 49.16 -19.91 -36.30
CA ASP A 135 50.26 -20.86 -36.11
C ASP A 135 50.39 -21.30 -34.69
N LEU A 136 49.61 -20.75 -33.78
CA LEU A 136 49.77 -21.08 -32.36
C LEU A 136 48.59 -21.94 -31.89
N ILE A 137 47.65 -22.29 -32.78
CA ILE A 137 46.41 -23.01 -32.43
C ILE A 137 46.72 -24.50 -32.22
N GLU A 138 47.36 -25.14 -33.19
CA GLU A 138 47.40 -26.61 -33.21
C GLU A 138 48.02 -27.21 -31.94
N GLU A 139 49.05 -26.55 -31.42
CA GLU A 139 49.80 -27.06 -30.25
C GLU A 139 48.90 -27.13 -29.01
N LYS A 140 47.79 -26.41 -29.04
CA LYS A 140 46.85 -26.34 -27.93
C LYS A 140 45.62 -27.24 -28.07
N ILE A 141 45.58 -27.99 -29.17
CA ILE A 141 44.43 -28.84 -29.42
C ILE A 141 44.63 -30.13 -28.62
N THR A 142 43.53 -30.60 -28.03
CA THR A 142 43.53 -31.78 -27.22
C THR A 142 42.30 -32.61 -27.56
N LYS A 143 42.18 -33.77 -26.92
CA LYS A 143 41.01 -34.63 -27.10
C LYS A 143 39.70 -33.95 -26.71
N LYS A 144 39.80 -32.89 -25.90
CA LYS A 144 38.62 -32.17 -25.40
C LYS A 144 38.25 -31.00 -26.30
N THR A 145 39.12 -30.70 -27.25
CA THR A 145 38.82 -29.51 -28.10
C THR A 145 37.61 -29.82 -28.93
N LYS A 146 36.62 -28.92 -28.94
CA LYS A 146 35.49 -29.15 -29.82
C LYS A 146 35.26 -28.01 -30.85
N ALA A 147 35.92 -26.87 -30.65
CA ALA A 147 35.64 -25.69 -31.46
C ALA A 147 36.80 -24.71 -31.41
N ILE A 148 36.90 -23.93 -32.48
CA ILE A 148 37.71 -22.72 -32.51
C ILE A 148 36.73 -21.55 -32.62
N MET A 149 36.80 -20.60 -31.69
CA MET A 149 36.14 -19.30 -31.85
C MET A 149 37.10 -18.28 -32.42
N VAL A 150 36.92 -17.91 -33.67
CA VAL A 150 37.72 -16.84 -34.25
C VAL A 150 37.01 -15.50 -33.99
N VAL A 151 37.82 -14.46 -33.71
CA VAL A 151 37.26 -13.14 -33.54
C VAL A 151 37.89 -12.22 -34.57
N HIS A 152 37.08 -11.47 -35.31
CA HIS A 152 37.60 -10.55 -36.30
C HIS A 152 37.75 -9.22 -35.63
N LEU A 153 38.85 -9.07 -34.92
CA LEU A 153 38.99 -7.98 -33.96
C LEU A 153 39.22 -6.63 -34.62
N TYR A 154 38.55 -5.62 -34.06
CA TYR A 154 38.63 -4.21 -34.39
C TYR A 154 38.09 -3.88 -35.77
N GLY A 155 37.63 -4.89 -36.51
CA GLY A 155 37.17 -4.69 -37.88
C GLY A 155 37.87 -5.49 -38.93
N GLN A 156 38.98 -6.12 -38.56
CA GLN A 156 39.74 -6.87 -39.55
C GLN A 156 39.47 -8.37 -39.53
N VAL A 157 39.13 -8.92 -40.70
CA VAL A 157 38.92 -10.35 -40.83
C VAL A 157 40.16 -11.16 -40.46
N CYS A 158 39.95 -12.25 -39.72
CA CYS A 158 41.08 -13.11 -39.42
CA CYS A 158 40.99 -13.23 -39.40
C CYS A 158 41.41 -13.99 -40.62
N ASP A 159 42.69 -14.26 -40.73
CA ASP A 159 43.27 -15.17 -41.72
C ASP A 159 42.78 -16.60 -41.54
N MET A 160 41.76 -16.99 -42.28
CA MET A 160 41.08 -18.26 -41.97
C MET A 160 41.71 -19.51 -42.55
N GLU A 161 42.67 -19.36 -43.45
CA GLU A 161 43.10 -20.52 -44.24
C GLU A 161 43.53 -21.67 -43.35
N LYS A 162 44.46 -21.38 -42.45
CA LYS A 162 44.98 -22.43 -41.57
C LYS A 162 43.93 -22.89 -40.55
N ILE A 163 43.06 -21.97 -40.13
CA ILE A 163 42.05 -22.31 -39.15
C ILE A 163 41.05 -23.33 -39.71
N GLN A 164 40.69 -23.12 -40.98
CA GLN A 164 39.82 -24.04 -41.67
C GLN A 164 40.41 -25.42 -41.86
N LEU A 165 41.69 -25.45 -42.22
CA LEU A 165 42.45 -26.69 -42.30
C LEU A 165 42.47 -27.37 -40.95
N LEU A 166 42.69 -26.65 -39.84
CA LEU A 166 42.77 -27.36 -38.56
C LEU A 166 41.41 -27.92 -38.14
N ALA A 167 40.36 -27.13 -38.38
CA ALA A 167 39.01 -27.54 -38.03
C ALA A 167 38.68 -28.81 -38.79
N ASN A 168 39.09 -28.88 -40.06
CA ASN A 168 38.78 -30.08 -40.82
C ASN A 168 39.55 -31.25 -40.24
N LYS A 169 40.82 -31.03 -39.92
CA LYS A 169 41.70 -32.11 -39.54
C LYS A 169 41.24 -32.73 -38.22
N TYR A 170 40.80 -31.87 -37.33
CA TYR A 170 40.52 -32.22 -35.95
C TYR A 170 39.05 -32.33 -35.63
N ASN A 171 38.18 -32.20 -36.65
CA ASN A 171 36.74 -32.31 -36.44
C ASN A 171 36.23 -31.27 -35.45
N LEU A 172 36.70 -30.05 -35.63
CA LEU A 172 36.24 -28.90 -34.83
C LEU A 172 35.21 -28.05 -35.54
N LYS A 173 34.32 -27.47 -34.75
CA LYS A 173 33.45 -26.41 -35.26
C LYS A 173 34.23 -25.10 -35.34
N ILE A 174 33.92 -24.28 -36.33
CA ILE A 174 34.40 -22.92 -36.34
C ILE A 174 33.24 -21.95 -36.02
N ILE A 175 33.36 -21.19 -34.95
CA ILE A 175 32.38 -20.21 -34.55
C ILE A 175 33.02 -18.85 -34.79
N GLU A 176 32.37 -17.99 -35.57
CA GLU A 176 32.87 -16.62 -35.75
C GLU A 176 32.19 -15.62 -34.82
N ASP A 177 33.00 -14.86 -34.08
CA ASP A 177 32.50 -13.65 -33.40
C ASP A 177 32.76 -12.47 -34.30
N CYS A 178 31.69 -12.04 -34.95
CA CYS A 178 31.68 -10.97 -35.95
C CYS A 178 31.24 -9.63 -35.38
N ALA A 179 31.24 -9.46 -34.06
CA ALA A 179 30.67 -8.27 -33.44
C ALA A 179 31.37 -6.99 -33.81
N GLN A 180 32.62 -7.07 -34.26
CA GLN A 180 33.39 -5.90 -34.59
C GLN A 180 33.72 -5.75 -36.06
N ALA A 181 33.16 -6.58 -36.93
CA ALA A 181 33.65 -6.66 -38.31
C ALA A 181 32.57 -6.83 -39.38
N HIS A 182 31.35 -6.33 -39.10
CA HIS A 182 30.26 -6.39 -40.04
C HIS A 182 30.72 -6.05 -41.47
N GLY A 183 30.44 -6.96 -42.37
CA GLY A 183 30.73 -6.74 -43.77
C GLY A 183 32.15 -7.03 -44.26
N ALA A 184 33.10 -7.34 -43.36
CA ALA A 184 34.45 -7.56 -43.84
C ALA A 184 34.47 -8.79 -44.76
N ILE A 185 35.43 -8.83 -45.68
CA ILE A 185 35.45 -9.83 -46.75
C ILE A 185 36.77 -10.65 -46.63
N TYR A 186 36.66 -11.94 -46.92
CA TYR A 186 37.82 -12.85 -46.98
C TYR A 186 37.66 -13.66 -48.23
N LYS A 187 38.58 -13.50 -49.16
CA LYS A 187 38.44 -14.14 -50.45
C LYS A 187 37.08 -13.86 -51.06
N ASP A 188 36.30 -14.91 -51.32
CA ASP A 188 35.02 -14.76 -51.99
C ASP A 188 33.86 -14.62 -51.01
N LYS A 189 34.14 -14.54 -49.71
CA LYS A 189 33.07 -14.63 -48.70
C LYS A 189 33.08 -13.44 -47.75
N ARG A 190 31.99 -13.24 -47.03
CA ARG A 190 31.91 -12.28 -45.93
C ARG A 190 32.11 -12.97 -44.58
N VAL A 191 32.65 -12.23 -43.61
CA VAL A 191 32.52 -12.62 -42.23
C VAL A 191 31.05 -12.96 -41.96
N GLY A 192 30.82 -14.05 -41.24
CA GLY A 192 29.48 -14.60 -41.10
C GLY A 192 29.31 -15.86 -41.89
N ASN A 193 30.08 -16.01 -42.97
CA ASN A 193 30.06 -17.19 -43.82
C ASN A 193 31.43 -17.90 -43.91
N LEU A 194 32.26 -17.73 -42.88
CA LEU A 194 33.63 -18.27 -42.90
C LEU A 194 33.80 -19.48 -42.01
N GLY A 195 32.72 -19.87 -41.33
CA GLY A 195 32.78 -21.02 -40.41
C GLY A 195 31.51 -21.81 -40.42
N ASP A 196 31.23 -22.48 -39.31
CA ASP A 196 29.95 -23.20 -39.21
C ASP A 196 28.77 -22.32 -38.79
N ALA A 197 28.98 -21.44 -37.82
CA ALA A 197 27.98 -20.45 -37.43
C ALA A 197 28.67 -19.21 -36.87
N ALA A 198 27.99 -18.07 -36.99
CA ALA A 198 28.59 -16.78 -36.65
C ALA A 198 27.65 -15.98 -35.79
N GLY A 199 28.19 -15.31 -34.75
CA GLY A 199 27.42 -14.38 -33.92
C GLY A 199 27.75 -12.95 -34.30
N PHE A 200 26.75 -12.07 -34.29
CA PHE A 200 26.92 -10.65 -34.48
C PHE A 200 26.27 -9.89 -33.32
N SER A 201 26.95 -8.85 -32.86
CA SER A 201 26.35 -7.79 -32.09
C SER A 201 25.83 -6.69 -33.01
N PHE A 202 24.69 -6.10 -32.63
CA PHE A 202 24.26 -4.83 -33.23
C PHE A 202 24.04 -3.79 -32.09
N TYR A 203 24.86 -3.88 -31.06
CA TYR A 203 24.91 -2.88 -29.99
C TYR A 203 25.10 -1.53 -30.73
N PRO A 204 24.64 -0.43 -30.12
CA PRO A 204 24.52 0.80 -30.93
C PRO A 204 25.84 1.32 -31.49
N GLY A 205 26.92 1.02 -30.81
CA GLY A 205 28.26 1.47 -31.19
C GLY A 205 28.93 0.63 -32.27
N LYS A 206 28.28 -0.43 -32.74
CA LYS A 206 28.94 -1.31 -33.72
C LYS A 206 28.79 -0.75 -35.13
N ASN A 207 29.54 -1.26 -36.09
CA ASN A 207 29.45 -0.69 -37.43
C ASN A 207 28.07 -0.67 -38.06
N LEU A 208 27.25 -1.66 -37.71
CA LEU A 208 25.80 -1.63 -37.89
C LEU A 208 25.19 -1.68 -36.53
N GLY A 209 24.70 -0.54 -36.05
CA GLY A 209 24.19 -0.39 -34.70
C GLY A 209 22.69 -0.18 -34.56
N ALA A 210 22.10 -0.87 -33.61
CA ALA A 210 20.69 -0.67 -33.26
C ALA A 210 20.48 0.57 -32.34
N LEU A 211 19.23 0.82 -31.90
CA LEU A 211 18.92 1.84 -30.90
C LEU A 211 18.44 1.17 -29.62
N GLY A 212 19.27 0.19 -29.23
CA GLY A 212 19.00 -0.75 -28.17
C GLY A 212 19.92 -1.92 -28.34
N ASP A 213 19.77 -2.89 -27.44
CA ASP A 213 20.55 -4.12 -27.56
C ASP A 213 20.00 -4.96 -28.70
N ALA A 214 20.91 -5.63 -29.41
CA ALA A 214 20.51 -6.41 -30.57
C ALA A 214 21.64 -7.27 -31.07
N GLY A 215 21.28 -8.39 -31.72
CA GLY A 215 22.23 -9.36 -32.19
C GLY A 215 21.64 -10.24 -33.29
N CYS A 216 22.48 -11.07 -33.88
CA CYS A 216 22.03 -12.19 -34.68
C CYS A 216 23.00 -13.34 -34.72
N ILE A 217 22.51 -14.44 -35.29
CA ILE A 217 23.27 -15.64 -35.63
C ILE A 217 23.06 -15.90 -37.09
N CYS A 218 24.15 -16.25 -37.75
CA CYS A 218 24.07 -16.65 -39.14
C CYS A 218 24.69 -18.03 -39.31
N THR A 219 24.10 -18.77 -40.25
CA THR A 219 24.59 -20.10 -40.56
C THR A 219 23.99 -20.56 -41.88
N ASN A 220 24.63 -21.52 -42.54
CA ASN A 220 24.02 -22.20 -43.68
C ASN A 220 23.23 -23.50 -43.38
N ASP A 221 23.36 -24.03 -42.16
CA ASP A 221 22.82 -25.35 -41.86
C ASP A 221 21.35 -25.22 -41.46
N ASP A 222 20.46 -25.84 -42.23
CA ASP A 222 19.01 -25.74 -42.00
C ASP A 222 18.64 -26.21 -40.59
N ASN A 223 19.13 -27.39 -40.19
CA ASN A 223 18.73 -27.95 -38.91
C ASN A 223 19.25 -27.15 -37.75
N PHE A 224 20.50 -26.70 -37.88
CA PHE A 224 21.14 -25.90 -36.85
C PHE A 224 20.31 -24.61 -36.72
N ALA A 225 19.92 -24.03 -37.85
CA ALA A 225 19.24 -22.74 -37.81
C ALA A 225 17.89 -22.88 -37.12
N SER A 226 17.23 -24.01 -37.37
CA SER A 226 15.92 -24.22 -36.80
C SER A 226 16.03 -24.43 -35.28
N LYS A 227 17.06 -25.17 -34.88
CA LYS A 227 17.35 -25.41 -33.48
C LYS A 227 17.63 -24.09 -32.74
N ILE A 228 18.42 -23.23 -33.38
CA ILE A 228 18.76 -21.94 -32.80
C ILE A 228 17.51 -21.06 -32.62
N ARG A 229 16.64 -21.02 -33.64
CA ARG A 229 15.34 -20.34 -33.49
C ARG A 229 14.57 -20.79 -32.25
N ALA A 230 14.48 -22.13 -32.11
CA ALA A 230 13.77 -22.68 -30.97
C ALA A 230 14.46 -22.24 -29.70
N LEU A 231 15.77 -22.43 -29.62
CA LEU A 231 16.50 -22.17 -28.40
C LEU A 231 16.42 -20.73 -27.95
N ALA A 232 16.27 -19.83 -28.91
CA ALA A 232 16.18 -18.40 -28.57
C ALA A 232 14.75 -18.01 -28.21
N ASN A 233 13.81 -18.95 -28.31
CA ASN A 233 12.43 -18.74 -28.02
C ASN A 233 11.94 -19.75 -26.98
N TYR A 234 12.63 -19.75 -25.85
CA TYR A 234 12.36 -20.61 -24.68
C TYR A 234 12.62 -22.08 -24.97
N GLY A 235 13.14 -22.41 -26.15
CA GLY A 235 13.21 -23.80 -26.60
C GLY A 235 11.98 -24.31 -27.34
N SER A 236 11.10 -23.39 -27.72
CA SER A 236 9.85 -23.71 -28.38
C SER A 236 9.95 -23.46 -29.87
N HIS A 237 9.80 -24.55 -30.64
CA HIS A 237 9.56 -24.52 -32.06
C HIS A 237 8.10 -24.25 -32.39
N LYS A 238 7.17 -24.79 -31.62
CA LYS A 238 5.74 -24.67 -31.85
C LYS A 238 5.05 -24.22 -30.55
N LYS A 239 4.10 -23.30 -30.67
CA LYS A 239 3.31 -22.83 -29.55
C LYS A 239 2.87 -23.96 -28.64
N TYR A 240 3.19 -23.78 -27.36
CA TYR A 240 2.80 -24.63 -26.25
C TYR A 240 3.82 -25.69 -25.90
N GLU A 241 4.78 -25.92 -26.80
CA GLU A 241 5.67 -27.07 -26.70
C GLU A 241 7.12 -26.61 -26.54
N ASN A 242 7.88 -27.23 -25.62
CA ASN A 242 9.31 -26.97 -25.53
C ASN A 242 10.13 -28.22 -25.76
N LEU A 243 10.78 -28.22 -26.92
CA LEU A 243 11.74 -29.27 -27.27
C LEU A 243 13.03 -29.20 -26.50
N TYR A 244 13.49 -28.00 -26.18
CA TYR A 244 14.79 -27.78 -25.55
C TYR A 244 14.62 -26.86 -24.35
N THR A 245 15.60 -26.87 -23.45
CA THR A 245 15.59 -25.89 -22.38
C THR A 245 16.28 -24.62 -22.86
N GLY A 246 15.50 -23.69 -23.40
CA GLY A 246 16.08 -22.54 -24.08
C GLY A 246 16.13 -21.26 -23.25
N LEU A 247 16.38 -20.16 -23.98
CA LEU A 247 16.46 -18.82 -23.43
C LEU A 247 15.43 -17.99 -24.15
N ASN A 248 15.31 -16.76 -23.70
CA ASN A 248 14.51 -15.76 -24.39
C ASN A 248 15.48 -14.72 -24.96
N SER A 249 15.75 -14.81 -26.24
CA SER A 249 16.76 -13.97 -26.84
C SER A 249 16.29 -13.61 -28.21
N ARG A 250 15.55 -12.51 -28.26
CA ARG A 250 14.88 -12.12 -29.51
C ARG A 250 15.31 -10.72 -29.92
N LEU A 251 15.19 -10.48 -31.22
CA LEU A 251 15.46 -9.16 -31.78
C LEU A 251 14.13 -8.39 -31.96
N ASP A 252 13.92 -7.28 -31.26
CA ASP A 252 12.61 -6.62 -31.32
C ASP A 252 12.27 -6.10 -32.72
N GLU A 253 10.98 -6.10 -33.07
CA GLU A 253 10.56 -5.56 -34.35
C GLU A 253 11.13 -4.19 -34.58
N ILE A 254 11.10 -3.35 -33.54
CA ILE A 254 11.54 -1.97 -33.74
C ILE A 254 13.01 -1.93 -34.12
N GLN A 255 13.82 -2.77 -33.47
CA GLN A 255 15.24 -2.74 -33.71
C GLN A 255 15.58 -3.33 -35.05
N ALA A 256 14.83 -4.36 -35.45
CA ALA A 256 15.03 -5.02 -36.74
C ALA A 256 14.77 -3.97 -37.82
N ALA A 257 13.74 -3.17 -37.59
CA ALA A 257 13.36 -2.15 -38.59
C ALA A 257 14.52 -1.16 -38.71
N PHE A 258 15.00 -0.68 -37.56
CA PHE A 258 16.03 0.35 -37.59
C PHE A 258 17.31 -0.15 -38.23
N LEU A 259 17.64 -1.41 -37.95
CA LEU A 259 18.78 -2.01 -38.59
C LEU A 259 18.64 -2.24 -40.10
N ASP A 260 17.44 -2.63 -40.54
CA ASP A 260 17.22 -2.83 -41.96
C ASP A 260 17.36 -1.49 -42.72
N ILE A 261 16.90 -0.38 -42.14
CA ILE A 261 17.12 0.92 -42.76
C ILE A 261 18.63 1.15 -42.96
N LYS A 262 19.42 0.91 -41.90
CA LYS A 262 20.84 1.31 -41.86
C LYS A 262 21.66 0.35 -42.71
N LEU A 263 21.17 -0.89 -42.87
CA LEU A 263 21.93 -1.94 -43.56
C LEU A 263 22.19 -1.55 -45.02
N LYS A 264 21.25 -0.81 -45.60
CA LYS A 264 21.39 -0.42 -46.99
C LYS A 264 22.60 0.47 -47.21
N TYR A 265 23.06 1.11 -46.15
CA TYR A 265 24.22 2.00 -46.19
C TYR A 265 25.46 1.42 -45.49
N LEU A 266 25.46 0.14 -45.16
CA LEU A 266 26.58 -0.34 -44.36
C LEU A 266 27.93 -0.39 -45.08
N ASP A 267 27.94 -0.84 -46.33
CA ASP A 267 29.18 -0.92 -47.06
C ASP A 267 29.70 0.48 -47.22
N GLU A 268 28.79 1.37 -47.56
CA GLU A 268 29.17 2.76 -47.73
C GLU A 268 29.76 3.38 -46.46
N ASP A 269 29.12 3.11 -45.34
CA ASP A 269 29.59 3.60 -44.04
C ASP A 269 30.98 3.01 -43.73
N ASN A 270 31.12 1.70 -43.98
CA ASN A 270 32.43 1.06 -43.77
C ASN A 270 33.48 1.70 -44.67
N ASN A 271 33.12 2.06 -45.91
CA ASN A 271 34.13 2.71 -46.80
C ASN A 271 34.49 4.08 -46.26
N LYS A 272 33.53 4.76 -45.67
CA LYS A 272 33.80 6.05 -45.00
C LYS A 272 34.80 5.91 -43.86
N ARG A 273 34.74 4.80 -43.10
CA ARG A 273 35.71 4.51 -42.07
C ARG A 273 37.04 4.20 -42.73
N LYS A 274 37.03 3.47 -43.84
CA LYS A 274 38.25 3.23 -44.59
C LYS A 274 38.93 4.50 -44.97
N ASN A 275 38.17 5.49 -45.36
CA ASN A 275 38.76 6.75 -45.81
C ASN A 275 39.44 7.43 -44.64
N ILE A 276 38.80 7.48 -43.49
CA ILE A 276 39.39 8.09 -42.29
C ILE A 276 40.64 7.30 -41.86
N ALA A 277 40.55 5.98 -41.83
CA ALA A 277 41.69 5.23 -41.40
C ALA A 277 42.85 5.54 -42.30
N ASN A 278 42.60 5.56 -43.62
CA ASN A 278 43.67 5.95 -44.57
C ASN A 278 44.28 7.33 -44.25
N PHE A 279 43.45 8.30 -43.94
CA PHE A 279 43.94 9.62 -43.57
C PHE A 279 44.86 9.50 -42.36
N TYR A 280 44.44 8.83 -41.30
CA TYR A 280 45.32 8.63 -40.16
C TYR A 280 46.65 7.98 -40.57
N LEU A 281 46.58 6.94 -41.37
CA LEU A 281 47.75 6.14 -41.72
C LEU A 281 48.73 6.93 -42.59
N GLN A 282 48.17 7.87 -43.38
CA GLN A 282 48.98 8.64 -44.34
C GLN A 282 49.53 9.90 -43.64
N ASN A 283 48.94 10.28 -42.51
CA ASN A 283 49.26 11.59 -41.90
C ASN A 283 49.86 11.54 -40.49
N ILE A 284 49.52 10.56 -39.66
CA ILE A 284 50.12 10.46 -38.32
C ILE A 284 51.54 9.94 -38.47
N LYS A 285 52.49 10.73 -38.00
CA LYS A 285 53.90 10.40 -38.04
C LYS A 285 54.52 10.81 -36.73
N ASN A 286 54.64 9.83 -35.86
CA ASN A 286 55.09 10.08 -34.50
C ASN A 286 55.76 8.80 -34.02
N GLU A 287 57.04 8.91 -33.66
CA GLU A 287 57.82 7.72 -33.35
C GLU A 287 57.30 7.00 -32.12
N ASN A 288 56.55 7.70 -31.28
CA ASN A 288 55.95 7.10 -30.09
C ASN A 288 54.67 6.28 -30.36
N ILE A 289 54.19 6.20 -31.59
CA ILE A 289 52.86 5.65 -31.89
C ILE A 289 53.10 4.62 -32.97
N ILE A 290 52.72 3.37 -32.67
CA ILE A 290 52.58 2.33 -33.66
C ILE A 290 51.17 2.29 -34.23
N LEU A 291 51.11 2.49 -35.54
CA LEU A 291 49.84 2.52 -36.25
C LEU A 291 49.36 1.11 -36.62
N PRO A 292 48.04 0.93 -36.73
CA PRO A 292 47.48 -0.34 -37.17
C PRO A 292 47.66 -0.54 -38.66
N SER A 293 47.81 -1.77 -39.06
CA SER A 293 47.83 -2.13 -40.50
C SER A 293 46.57 -2.89 -40.85
N ASN A 294 46.37 -3.06 -42.15
CA ASN A 294 45.22 -3.82 -42.62
C ASN A 294 45.66 -4.84 -43.63
N LYS A 295 46.15 -5.96 -43.13
CA LYS A 295 46.68 -7.00 -44.00
C LYS A 295 45.56 -7.60 -44.84
N PHE A 296 44.47 -7.98 -44.18
CA PHE A 296 43.23 -8.39 -44.86
C PHE A 296 42.17 -7.27 -44.70
N ASP A 297 40.98 -7.46 -45.24
CA ASP A 297 39.98 -6.39 -45.29
C ASP A 297 39.66 -5.96 -43.88
N HIS A 298 39.54 -4.64 -43.71
CA HIS A 298 39.37 -4.02 -42.39
C HIS A 298 38.24 -3.01 -42.56
N VAL A 299 37.16 -3.19 -41.79
CA VAL A 299 36.07 -2.24 -41.74
C VAL A 299 36.22 -1.23 -40.58
N TRP A 300 37.31 -1.32 -39.82
CA TRP A 300 37.75 -0.20 -38.98
C TRP A 300 36.64 0.21 -37.99
N HIS A 301 36.07 -0.79 -37.32
CA HIS A 301 35.21 -0.55 -36.16
C HIS A 301 35.98 0.31 -35.12
N LEU A 302 37.27 -0.03 -34.91
CA LEU A 302 38.14 0.63 -33.94
C LEU A 302 39.44 0.86 -34.70
N PHE A 303 39.93 2.09 -34.56
CA PHE A 303 41.27 2.44 -35.00
C PHE A 303 42.26 2.52 -33.86
N VAL A 304 43.09 1.46 -33.77
CA VAL A 304 43.80 1.14 -32.53
C VAL A 304 45.29 1.44 -32.69
N VAL A 305 45.74 2.42 -31.92
CA VAL A 305 47.17 2.78 -31.91
C VAL A 305 47.87 2.14 -30.69
N LYS A 306 49.20 2.13 -30.70
CA LYS A 306 49.90 1.36 -29.67
C LYS A 306 51.15 2.14 -29.24
N THR A 307 51.27 2.41 -27.94
CA THR A 307 52.35 3.23 -27.40
C THR A 307 52.71 2.80 -25.98
N LYS A 308 54.00 2.98 -25.61
CA LYS A 308 54.47 2.73 -24.25
C LYS A 308 53.92 3.77 -23.27
N LEU A 309 53.46 4.91 -23.78
CA LEU A 309 52.95 5.97 -22.93
C LEU A 309 51.45 6.17 -23.16
N ARG A 310 50.70 5.11 -22.99
CA ARG A 310 49.29 5.08 -23.37
C ARG A 310 48.41 5.95 -22.51
N ASP A 311 48.56 5.86 -21.19
CA ASP A 311 47.78 6.68 -20.29
C ASP A 311 48.11 8.15 -20.51
N GLU A 312 49.40 8.45 -20.73
CA GLU A 312 49.84 9.80 -21.01
C GLU A 312 49.14 10.32 -22.24
N LEU A 313 49.13 9.52 -23.30
CA LEU A 313 48.48 9.92 -24.55
C LEU A 313 46.98 10.18 -24.38
N GLN A 314 46.29 9.28 -23.67
CA GLN A 314 44.87 9.47 -23.50
C GLN A 314 44.59 10.80 -22.79
N HIS A 315 45.41 11.12 -21.80
CA HIS A 315 45.23 12.33 -20.97
C HIS A 315 45.50 13.54 -21.86
N TYR A 316 46.62 13.50 -22.56
CA TYR A 316 46.94 14.56 -23.52
C TYR A 316 45.80 14.82 -24.50
N LEU A 317 45.29 13.76 -25.13
CA LEU A 317 44.19 13.92 -26.06
C LEU A 317 42.96 14.53 -25.38
N ASN A 318 42.70 14.10 -24.16
CA ASN A 318 41.61 14.64 -23.38
C ASN A 318 41.82 16.14 -23.13
N ASN A 319 43.08 16.56 -22.87
CA ASN A 319 43.34 17.98 -22.62
C ASN A 319 43.03 18.75 -23.87
N HIS A 320 43.12 18.10 -25.04
CA HIS A 320 42.83 18.72 -26.32
C HIS A 320 41.41 18.49 -26.82
N ASP A 321 40.55 18.07 -25.90
CA ASP A 321 39.12 17.92 -26.14
C ASP A 321 38.83 16.81 -27.16
N ILE A 322 39.68 15.78 -27.12
CA ILE A 322 39.51 14.58 -27.94
C ILE A 322 39.25 13.39 -27.03
N GLN A 323 38.02 12.94 -27.00
CA GLN A 323 37.66 11.74 -26.24
C GLN A 323 38.15 10.47 -26.88
N THR A 324 38.72 9.57 -26.06
CA THR A 324 39.08 8.23 -26.52
C THR A 324 38.68 7.18 -25.50
N ILE A 325 38.57 5.95 -25.96
CA ILE A 325 38.34 4.77 -25.15
C ILE A 325 39.47 3.76 -25.42
N ILE A 326 39.76 2.93 -24.42
CA ILE A 326 40.69 1.82 -24.57
C ILE A 326 39.94 0.53 -24.91
N HIS A 327 40.43 -0.15 -25.94
CA HIS A 327 39.93 -1.48 -26.23
C HIS A 327 41.12 -2.41 -26.34
N TYR A 328 41.61 -2.96 -25.22
CA TYR A 328 41.05 -2.87 -23.88
C TYR A 328 42.24 -2.84 -22.93
N PRO A 329 42.04 -2.39 -21.68
CA PRO A 329 43.22 -2.28 -20.80
C PRO A 329 43.44 -3.46 -19.86
N ILE A 330 42.41 -4.28 -19.58
CA ILE A 330 42.60 -5.49 -18.77
C ILE A 330 42.13 -6.66 -19.59
N PRO A 331 43.02 -7.65 -19.83
CA PRO A 331 42.62 -8.79 -20.71
C PRO A 331 41.79 -9.77 -19.87
N PRO A 332 40.95 -10.60 -20.52
CA PRO A 332 40.01 -11.52 -19.84
C PRO A 332 40.65 -12.32 -18.72
N HIS A 333 41.82 -12.90 -19.01
CA HIS A 333 42.53 -13.72 -18.00
C HIS A 333 43.00 -13.00 -16.73
N LYS A 334 43.05 -11.67 -16.76
CA LYS A 334 43.48 -10.87 -15.64
C LYS A 334 42.32 -10.25 -14.89
N GLN A 335 41.11 -10.56 -15.33
CA GLN A 335 39.92 -10.03 -14.68
C GLN A 335 39.59 -10.73 -13.38
N LYS A 336 38.99 -10.02 -12.43
CA LYS A 336 38.66 -10.67 -11.16
C LYS A 336 37.68 -11.82 -11.34
N CYS A 337 36.80 -11.76 -12.33
CA CYS A 337 35.85 -12.85 -12.51
C CYS A 337 36.50 -14.16 -12.97
N TYR A 338 37.72 -14.06 -13.48
CA TYR A 338 38.45 -15.23 -13.96
C TYR A 338 39.75 -15.40 -13.16
N LYS A 339 39.65 -15.24 -11.85
CA LYS A 339 40.72 -15.59 -10.92
C LYS A 339 41.59 -16.80 -11.30
N ASP A 340 40.96 -17.90 -11.69
CA ASP A 340 41.68 -19.15 -12.03
C ASP A 340 42.48 -19.06 -13.32
N LEU A 341 42.37 -17.95 -14.04
CA LEU A 341 43.15 -17.71 -15.25
C LEU A 341 44.24 -16.68 -15.03
N ASN A 342 44.28 -16.04 -13.86
CA ASN A 342 45.12 -14.83 -13.67
C ASN A 342 46.63 -15.17 -13.77
N HIS A 343 46.97 -16.43 -13.54
CA HIS A 343 48.37 -16.87 -13.58
C HIS A 343 48.91 -17.13 -14.99
N LEU A 344 48.04 -17.12 -16.00
CA LEU A 344 48.42 -17.56 -17.32
C LEU A 344 49.32 -16.47 -17.88
N LYS A 345 50.43 -16.91 -18.46
CA LYS A 345 51.43 -16.04 -19.07
C LYS A 345 51.14 -15.82 -20.56
N LEU A 346 50.63 -14.63 -20.87
CA LEU A 346 50.22 -14.30 -22.23
C LEU A 346 50.80 -12.90 -22.54
N PRO A 347 52.14 -12.81 -22.67
CA PRO A 347 52.82 -11.53 -22.68
C PRO A 347 52.48 -10.64 -23.87
N ILE A 348 52.16 -11.24 -25.01
CA ILE A 348 51.79 -10.43 -26.18
C ILE A 348 50.45 -9.72 -25.87
N THR A 349 49.48 -10.50 -25.43
CA THR A 349 48.19 -9.97 -25.05
C THR A 349 48.31 -8.91 -23.96
N GLU A 350 49.12 -9.19 -22.95
CA GLU A 350 49.29 -8.29 -21.81
C GLU A 350 49.90 -6.96 -22.25
N ASN A 351 50.94 -7.07 -23.08
CA ASN A 351 51.57 -5.88 -23.61
C ASN A 351 50.60 -5.08 -24.45
N ILE A 352 49.77 -5.75 -25.25
CA ILE A 352 48.79 -4.99 -26.06
C ILE A 352 47.87 -4.19 -25.14
N HIS A 353 47.36 -4.83 -24.09
CA HIS A 353 46.41 -4.23 -23.16
C HIS A 353 47.00 -3.05 -22.42
N GLN A 354 48.33 -3.09 -22.21
CA GLN A 354 49.03 -1.98 -21.59
C GLN A 354 49.30 -0.79 -22.49
N GLU A 355 49.26 -1.06 -23.79
CA GLU A 355 49.66 -0.08 -24.79
C GLU A 355 48.69 0.47 -25.83
N VAL A 356 47.48 -0.10 -25.91
CA VAL A 356 46.53 0.34 -26.96
C VAL A 356 45.59 1.45 -26.52
N LEU A 357 45.27 2.31 -27.49
CA LEU A 357 44.21 3.30 -27.35
C LEU A 357 43.48 3.46 -28.69
N SER A 358 42.17 3.73 -28.63
CA SER A 358 41.41 3.87 -29.86
C SER A 358 41.15 5.35 -30.18
N LEU A 359 41.37 5.71 -31.45
CA LEU A 359 41.09 7.06 -31.94
C LEU A 359 39.64 7.21 -32.46
N PRO A 360 39.11 8.44 -32.41
CA PRO A 360 37.73 8.53 -32.86
C PRO A 360 37.64 8.20 -34.35
N ILE A 361 36.62 7.45 -34.73
CA ILE A 361 36.37 7.09 -36.12
C ILE A 361 34.89 6.74 -36.27
N SER A 362 34.27 7.22 -37.33
CA SER A 362 32.88 6.90 -37.56
C SER A 362 32.60 7.29 -38.99
N PRO A 363 31.54 6.73 -39.57
CA PRO A 363 31.28 7.06 -40.97
C PRO A 363 30.98 8.56 -41.18
N THR A 364 30.40 9.22 -40.19
CA THR A 364 29.97 10.61 -40.35
C THR A 364 31.00 11.59 -39.81
N MET A 365 32.14 11.12 -39.35
CA MET A 365 33.10 12.00 -38.71
C MET A 365 33.58 13.05 -39.71
N LYS A 366 33.57 14.30 -39.28
CA LYS A 366 33.95 15.41 -40.13
C LYS A 366 35.45 15.56 -40.37
N GLU A 367 35.76 16.08 -41.54
CA GLU A 367 37.12 16.29 -41.97
CA GLU A 367 37.14 16.23 -41.93
C GLU A 367 37.90 17.09 -40.95
N ASN A 368 37.29 18.18 -40.48
CA ASN A 368 38.05 19.03 -39.57
C ASN A 368 38.40 18.29 -38.28
N ASP A 369 37.52 17.38 -37.86
CA ASP A 369 37.75 16.56 -36.66
C ASP A 369 38.85 15.53 -36.87
N PHE A 370 38.80 14.77 -37.95
CA PHE A 370 39.93 13.87 -38.13
C PHE A 370 41.28 14.51 -38.45
N LYS A 371 41.26 15.65 -39.14
CA LYS A 371 42.50 16.40 -39.33
C LYS A 371 43.05 16.87 -37.99
N LYS A 372 42.20 17.39 -37.10
CA LYS A 372 42.68 17.72 -35.77
C LYS A 372 43.28 16.55 -34.99
N VAL A 373 42.68 15.37 -35.04
CA VAL A 373 43.25 14.27 -34.32
C VAL A 373 44.65 13.99 -34.85
N ALA A 374 44.79 13.95 -36.17
CA ALA A 374 46.12 13.65 -36.71
C ALA A 374 47.10 14.75 -36.32
N ASP A 375 46.65 16.01 -36.37
CA ASP A 375 47.58 17.13 -36.09
C ASP A 375 48.05 17.11 -34.62
N ILE A 376 47.09 16.94 -33.73
CA ILE A 376 47.44 16.88 -32.32
C ILE A 376 48.33 15.67 -31.97
N LEU A 377 48.10 14.57 -32.66
CA LEU A 377 48.96 13.41 -32.45
C LEU A 377 50.38 13.69 -32.92
N ASN A 378 50.51 14.31 -34.08
CA ASN A 378 51.82 14.72 -34.59
C ASN A 378 52.53 15.70 -33.66
N LYS A 379 51.77 16.50 -32.93
CA LYS A 379 52.35 17.43 -31.96
C LYS A 379 52.71 16.84 -30.62
N TRP A 380 52.37 15.57 -30.37
CA TRP A 380 52.61 14.92 -29.08
C TRP A 380 54.10 14.62 -28.97
N LYS A 381 54.81 15.32 -28.09
CA LYS A 381 56.26 15.35 -28.22
C LYS A 381 56.84 14.83 -26.92
N VAL A 382 56.88 13.51 -26.82
CA VAL A 382 57.39 12.84 -25.64
C VAL A 382 58.51 11.88 -26.04
N ASN B 14 -12.57 3.86 -42.68
CA ASN B 14 -12.58 2.38 -42.45
C ASN B 14 -11.96 1.63 -43.62
N LEU B 15 -11.13 2.34 -44.39
CA LEU B 15 -10.72 1.90 -45.73
C LEU B 15 -9.35 1.26 -45.70
N TYR B 16 -8.65 1.39 -44.58
CA TYR B 16 -7.52 0.50 -44.35
C TYR B 16 -8.08 -0.86 -44.01
N PHE B 17 -7.27 -1.89 -44.21
CA PHE B 17 -7.61 -3.23 -43.75
C PHE B 17 -6.63 -3.66 -42.65
N GLY B 21 -14.34 -8.70 -37.87
CA GLY B 21 -15.47 -9.27 -37.08
C GLY B 21 -15.02 -10.38 -36.15
N HIS B 22 -13.72 -10.65 -36.11
CA HIS B 22 -13.16 -11.62 -35.18
C HIS B 22 -12.73 -10.90 -33.92
N MET B 23 -13.12 -11.45 -32.76
CA MET B 23 -12.70 -10.89 -31.48
C MET B 23 -11.36 -11.48 -31.06
N PHE B 24 -10.33 -10.65 -31.04
CA PHE B 24 -8.97 -11.17 -30.84
C PHE B 24 -8.75 -11.39 -29.36
N PHE B 25 -7.95 -12.39 -29.02
CA PHE B 25 -7.71 -12.67 -27.61
C PHE B 25 -7.20 -11.43 -26.85
N LEU B 26 -6.28 -10.69 -27.44
CA LEU B 26 -5.73 -9.52 -26.77
C LEU B 26 -5.34 -8.54 -27.86
N ASN B 27 -6.13 -7.48 -27.96
CA ASN B 27 -5.97 -6.43 -28.96
C ASN B 27 -4.96 -5.36 -28.48
N LEU B 28 -3.66 -5.60 -28.72
CA LEU B 28 -2.63 -4.68 -28.22
C LEU B 28 -2.62 -3.31 -28.92
N LYS B 29 -2.99 -3.30 -30.20
CA LYS B 29 -3.18 -2.02 -30.86
C LYS B 29 -4.13 -1.12 -30.07
N GLN B 30 -5.25 -1.67 -29.63
CA GLN B 30 -6.24 -0.90 -28.92
C GLN B 30 -5.73 -0.45 -27.55
N ILE B 31 -5.04 -1.34 -26.84
CA ILE B 31 -4.44 -0.97 -25.56
C ILE B 31 -3.46 0.18 -25.71
N ASN B 32 -2.58 0.07 -26.71
CA ASN B 32 -1.49 1.00 -26.85
C ASN B 32 -1.85 2.25 -27.63
N ASP B 33 -2.91 2.20 -28.45
CA ASP B 33 -3.23 3.36 -29.28
C ASP B 33 -3.48 4.60 -28.44
N ARG B 34 -3.97 4.42 -27.22
CA ARG B 34 -4.14 5.51 -26.26
C ARG B 34 -2.88 6.33 -26.01
N PHE B 35 -1.71 5.74 -26.22
CA PHE B 35 -0.45 6.35 -25.86
C PHE B 35 0.40 6.74 -27.06
N ASN B 36 -0.07 6.64 -28.30
CA ASN B 36 0.82 6.75 -29.45
C ASN B 36 1.56 8.10 -29.49
N THR B 37 0.86 9.22 -29.29
CA THR B 37 1.49 10.54 -29.28
C THR B 37 2.62 10.54 -28.25
N GLU B 38 2.35 10.03 -27.07
CA GLU B 38 3.39 10.04 -26.02
C GLU B 38 4.59 9.16 -26.40
N PHE B 39 4.33 8.00 -26.97
CA PHE B 39 5.40 7.10 -27.36
C PHE B 39 6.32 7.81 -28.37
N ILE B 40 5.70 8.50 -29.34
CA ILE B 40 6.46 9.17 -30.39
C ILE B 40 7.28 10.34 -29.82
N THR B 41 6.64 11.16 -29.00
CA THR B 41 7.35 12.20 -28.28
C THR B 41 8.56 11.66 -27.52
N LYS B 42 8.36 10.56 -26.79
CA LYS B 42 9.50 10.04 -26.05
C LYS B 42 10.57 9.43 -26.96
N PHE B 43 10.17 8.77 -28.03
CA PHE B 43 11.12 8.29 -29.03
C PHE B 43 12.00 9.41 -29.57
N LYS B 44 11.37 10.49 -30.01
CA LYS B 44 12.13 11.63 -30.50
C LYS B 44 13.05 12.26 -29.43
N GLU B 45 12.59 12.36 -28.19
CA GLU B 45 13.46 12.70 -27.08
C GLU B 45 14.72 11.83 -26.97
N ILE B 46 14.56 10.51 -27.12
CA ILE B 46 15.66 9.60 -27.07
C ILE B 46 16.60 9.81 -28.23
N LEU B 47 16.05 10.03 -29.42
CA LEU B 47 16.90 10.33 -30.58
C LEU B 47 17.71 11.58 -30.28
N GLU B 48 17.07 12.63 -29.75
CA GLU B 48 17.78 13.85 -29.39
C GLU B 48 18.92 13.64 -28.38
N SER B 49 18.72 12.68 -27.49
CA SER B 49 19.71 12.35 -26.49
C SER B 49 20.94 11.63 -27.04
N GLY B 50 20.78 10.86 -28.12
CA GLY B 50 21.91 10.05 -28.56
C GLY B 50 22.28 8.92 -27.61
N TRP B 51 21.42 8.61 -26.67
CA TRP B 51 21.74 7.58 -25.66
C TRP B 51 20.61 6.58 -25.63
N TYR B 52 20.90 5.32 -25.97
CA TYR B 52 19.88 4.27 -26.14
C TYR B 52 19.95 3.13 -25.13
N ILE B 53 20.97 3.16 -24.29
CA ILE B 53 21.26 2.07 -23.34
C ILE B 53 21.69 2.65 -22.01
N LEU B 54 21.15 2.11 -20.91
CA LEU B 54 21.48 2.52 -19.57
C LEU B 54 21.56 4.04 -19.41
N GLY B 55 20.47 4.72 -19.74
CA GLY B 55 20.30 6.19 -19.73
C GLY B 55 19.28 6.69 -18.72
N LYS B 56 18.90 7.95 -18.89
CA LYS B 56 17.93 8.60 -18.02
C LYS B 56 16.55 7.96 -18.04
N GLN B 57 16.13 7.37 -19.16
CA GLN B 57 14.81 6.74 -19.18
C GLN B 57 14.73 5.49 -18.33
N CYS B 58 15.79 4.70 -18.39
CA CYS B 58 15.87 3.51 -17.56
CA CYS B 58 15.86 3.52 -17.54
C CYS B 58 15.84 3.96 -16.10
N GLU B 59 16.69 4.95 -15.78
CA GLU B 59 16.70 5.40 -14.42
C GLU B 59 15.33 5.87 -13.92
N LYS B 60 14.70 6.70 -14.73
CA LYS B 60 13.36 7.18 -14.40
C LYS B 60 12.31 6.08 -14.20
N PHE B 61 12.22 5.17 -15.14
CA PHE B 61 11.29 4.07 -14.99
C PHE B 61 11.59 3.18 -13.79
N GLU B 62 12.88 2.85 -13.60
CA GLU B 62 13.27 2.07 -12.42
C GLU B 62 12.78 2.73 -11.14
N ASN B 63 13.05 4.04 -11.05
CA ASN B 63 12.69 4.76 -9.84
C ASN B 63 11.18 4.72 -9.62
N ASN B 64 10.43 4.92 -10.72
CA ASN B 64 8.98 4.94 -10.61
C ASN B 64 8.37 3.57 -10.33
N PHE B 65 8.89 2.53 -10.99
CA PHE B 65 8.42 1.19 -10.69
C PHE B 65 8.77 0.66 -9.31
N ALA B 66 9.93 1.03 -8.79
CA ALA B 66 10.29 0.70 -7.43
C ALA B 66 9.26 1.35 -6.51
N LYS B 67 8.95 2.61 -6.78
CA LYS B 67 7.99 3.33 -5.90
C LYS B 67 6.61 2.64 -5.97
N TYR B 68 6.28 2.19 -7.18
CA TYR B 68 4.96 1.56 -7.38
C TYR B 68 4.83 0.28 -6.59
N CYS B 69 5.90 -0.50 -6.59
CA CYS B 69 5.95 -1.78 -5.89
C CYS B 69 6.23 -1.56 -4.40
N GLY B 70 6.68 -0.40 -3.97
CA GLY B 70 7.04 -0.20 -2.57
C GLY B 70 8.38 -0.77 -2.17
N VAL B 71 9.26 -0.95 -3.15
CA VAL B 71 10.62 -1.45 -2.86
C VAL B 71 11.68 -0.33 -3.04
N LYS B 72 12.88 -0.60 -2.52
CA LYS B 72 13.96 0.33 -2.60
C LYS B 72 14.59 0.37 -3.98
N HIS B 73 14.71 -0.78 -4.64
CA HIS B 73 15.49 -0.95 -5.85
C HIS B 73 14.74 -1.65 -6.98
N CYS B 74 14.88 -1.13 -8.20
CA CYS B 74 14.40 -1.80 -9.38
C CYS B 74 15.47 -1.77 -10.42
N ILE B 75 15.78 -2.93 -10.99
CA ILE B 75 16.74 -3.06 -12.03
C ILE B 75 16.09 -3.51 -13.32
N GLY B 76 16.07 -2.66 -14.33
CA GLY B 76 15.66 -3.03 -15.64
C GLY B 76 16.56 -4.07 -16.24
N VAL B 77 15.92 -5.10 -16.82
CA VAL B 77 16.60 -6.22 -17.49
C VAL B 77 15.90 -6.57 -18.78
N ALA B 78 16.41 -7.59 -19.47
CA ALA B 78 15.93 -7.79 -20.85
C ALA B 78 14.55 -8.45 -21.04
N ASN B 79 14.13 -9.27 -20.06
CA ASN B 79 12.88 -9.99 -20.13
C ASN B 79 12.67 -10.71 -18.81
N GLY B 80 11.47 -11.26 -18.59
CA GLY B 80 11.17 -11.88 -17.33
C GLY B 80 11.81 -13.20 -17.02
N LEU B 81 12.16 -13.93 -18.07
CA LEU B 81 12.98 -15.14 -17.88
C LEU B 81 14.37 -14.73 -17.38
N ASP B 82 15.03 -13.80 -18.06
CA ASP B 82 16.31 -13.29 -17.54
C ASP B 82 16.16 -12.76 -16.13
N ALA B 83 15.06 -12.09 -15.79
CA ALA B 83 14.96 -11.53 -14.45
C ALA B 83 15.03 -12.65 -13.42
N LEU B 84 14.29 -13.74 -13.65
CA LEU B 84 14.38 -14.90 -12.72
C LEU B 84 15.78 -15.57 -12.73
N ARG B 85 16.33 -15.72 -13.95
CA ARG B 85 17.62 -16.36 -14.06
C ARG B 85 18.69 -15.55 -13.32
N LEU B 86 18.63 -14.23 -13.42
CA LEU B 86 19.57 -13.34 -12.75
C LEU B 86 19.46 -13.42 -11.25
N ILE B 87 18.23 -13.47 -10.74
CA ILE B 87 18.08 -13.52 -9.31
C ILE B 87 18.79 -14.75 -8.75
N ILE B 88 18.48 -15.88 -9.37
CA ILE B 88 19.03 -17.15 -8.93
C ILE B 88 20.55 -17.20 -9.07
N LYS B 89 21.07 -16.72 -10.20
CA LYS B 89 22.53 -16.60 -10.36
C LYS B 89 23.19 -15.77 -9.26
N ALA B 90 22.59 -14.63 -8.91
CA ALA B 90 23.10 -13.77 -7.87
C ALA B 90 23.21 -14.43 -6.51
N TYR B 91 22.31 -15.37 -6.22
CA TYR B 91 22.40 -16.10 -4.94
C TYR B 91 23.55 -17.11 -4.93
N ASP B 92 24.04 -17.53 -6.09
CA ASP B 92 25.29 -18.35 -6.17
C ASP B 92 25.12 -19.65 -5.37
N PHE B 93 24.02 -20.32 -5.63
CA PHE B 93 23.69 -21.59 -4.97
C PHE B 93 24.58 -22.69 -5.55
N LYS B 94 24.76 -23.78 -4.82
CA LYS B 94 25.59 -24.91 -5.28
C LYS B 94 24.85 -25.70 -6.36
N GLU B 95 25.59 -26.39 -7.21
CA GLU B 95 24.97 -27.33 -8.15
C GLU B 95 24.02 -28.31 -7.45
N ASN B 96 22.84 -28.50 -8.03
CA ASN B 96 21.79 -29.34 -7.51
C ASN B 96 21.13 -28.87 -6.21
N ASP B 97 21.46 -27.67 -5.76
CA ASP B 97 20.61 -27.01 -4.77
C ASP B 97 19.12 -26.99 -5.25
N GLU B 98 18.18 -27.11 -4.29
CA GLU B 98 16.77 -27.31 -4.61
C GLU B 98 16.04 -25.97 -4.50
N ILE B 99 15.18 -25.70 -5.49
CA ILE B 99 14.29 -24.55 -5.44
C ILE B 99 12.87 -25.07 -5.57
N ILE B 100 12.05 -24.92 -4.53
CA ILE B 100 10.63 -25.29 -4.57
C ILE B 100 9.84 -24.35 -5.48
N VAL B 101 8.91 -24.86 -6.28
CA VAL B 101 8.26 -24.02 -7.28
C VAL B 101 6.94 -24.71 -7.63
N PRO B 102 5.89 -23.94 -7.95
CA PRO B 102 4.64 -24.59 -8.38
C PRO B 102 4.80 -25.38 -9.65
N ALA B 103 4.19 -26.55 -9.68
CA ALA B 103 4.18 -27.37 -10.90
C ALA B 103 3.45 -26.84 -12.09
N ASN B 104 2.51 -25.89 -11.87
CA ASN B 104 1.60 -25.52 -12.95
C ASN B 104 1.83 -24.16 -13.55
N THR B 105 2.98 -23.57 -13.20
CA THR B 105 3.36 -22.27 -13.73
C THR B 105 3.82 -22.41 -15.18
N TYR B 106 3.99 -21.28 -15.84
CA TYR B 106 4.64 -21.23 -17.14
C TYR B 106 6.04 -21.77 -17.11
N ILE B 107 6.42 -22.47 -18.16
CA ILE B 107 7.73 -23.09 -18.18
C ILE B 107 8.95 -22.20 -17.85
N ALA B 108 8.88 -20.90 -18.21
CA ALA B 108 10.04 -20.03 -17.98
C ALA B 108 10.41 -19.96 -16.50
N SER B 109 9.44 -20.07 -15.61
CA SER B 109 9.76 -20.18 -14.18
C SER B 109 10.80 -21.31 -13.92
N ILE B 110 10.55 -22.47 -14.52
CA ILE B 110 11.38 -23.66 -14.31
C ILE B 110 12.67 -23.51 -15.08
N LEU B 111 12.64 -22.99 -16.32
CA LEU B 111 13.87 -22.78 -17.07
C LEU B 111 14.87 -21.97 -16.30
N ALA B 112 14.39 -20.95 -15.57
CA ALA B 112 15.30 -20.09 -14.83
C ALA B 112 16.06 -20.92 -13.78
N ILE B 113 15.42 -21.93 -13.19
CA ILE B 113 16.01 -22.79 -12.15
C ILE B 113 17.03 -23.78 -12.75
N THR B 114 16.62 -24.48 -13.79
CA THR B 114 17.47 -25.50 -14.37
C THR B 114 18.67 -24.88 -15.10
N ASP B 115 18.54 -23.67 -15.63
CA ASP B 115 19.63 -23.01 -16.35
C ASP B 115 20.71 -22.71 -15.39
N ASN B 116 20.35 -22.49 -14.13
CA ASN B 116 21.32 -22.29 -13.06
C ASN B 116 21.81 -23.58 -12.36
N LYS B 117 21.53 -24.72 -12.99
CA LYS B 117 21.88 -26.05 -12.47
C LYS B 117 21.32 -26.34 -11.09
N CYS B 118 20.24 -25.66 -10.75
CA CYS B 118 19.43 -26.08 -9.61
C CYS B 118 18.32 -27.06 -10.01
N LYS B 119 17.86 -27.78 -9.00
CA LYS B 119 16.84 -28.79 -9.15
C LYS B 119 15.49 -28.19 -8.74
N PRO B 120 14.54 -28.14 -9.66
CA PRO B 120 13.18 -27.73 -9.31
C PRO B 120 12.46 -28.82 -8.56
N ILE B 121 11.80 -28.45 -7.48
CA ILE B 121 10.98 -29.35 -6.68
C ILE B 121 9.51 -28.90 -6.80
N LEU B 122 8.78 -29.66 -7.62
CA LEU B 122 7.48 -29.24 -8.15
C LEU B 122 6.37 -29.57 -7.16
N ILE B 123 5.60 -28.54 -6.81
CA ILE B 123 4.53 -28.60 -5.81
C ILE B 123 3.19 -28.38 -6.50
N GLU B 124 2.23 -29.21 -6.12
CA GLU B 124 0.88 -29.04 -6.64
C GLU B 124 0.22 -27.70 -6.27
N PRO B 125 -0.56 -27.15 -7.21
CA PRO B 125 -1.34 -26.00 -6.74
C PRO B 125 -2.62 -26.42 -5.99
N ASP B 126 -3.19 -25.42 -5.32
CA ASP B 126 -4.56 -25.49 -4.90
C ASP B 126 -5.46 -25.36 -6.09
N ILE B 127 -6.39 -26.31 -6.21
CA ILE B 127 -7.35 -26.35 -7.32
C ILE B 127 -8.27 -25.14 -7.33
N ASN B 128 -8.43 -24.50 -6.19
CA ASN B 128 -9.26 -23.30 -6.10
C ASN B 128 -8.53 -21.96 -6.17
N THR B 129 -7.23 -21.99 -6.42
CA THR B 129 -6.53 -20.74 -6.71
C THR B 129 -5.67 -20.79 -7.96
N TYR B 130 -5.31 -21.99 -8.42
CA TYR B 130 -4.26 -22.21 -9.40
C TYR B 130 -2.88 -21.76 -8.96
N ASN B 131 -2.73 -21.43 -7.69
CA ASN B 131 -1.41 -21.03 -7.18
C ASN B 131 -0.87 -22.10 -6.23
N ILE B 132 0.43 -22.09 -5.99
CA ILE B 132 1.07 -23.16 -5.20
C ILE B 132 0.30 -23.36 -3.89
N ASN B 133 0.06 -24.60 -3.46
CA ASN B 133 -0.63 -24.82 -2.18
C ASN B 133 0.44 -24.74 -1.08
N PRO B 134 0.38 -23.68 -0.25
CA PRO B 134 1.40 -23.56 0.77
C PRO B 134 1.50 -24.72 1.74
N ASP B 135 0.39 -25.43 1.92
CA ASP B 135 0.36 -26.52 2.87
C ASP B 135 1.14 -27.74 2.36
N LEU B 136 1.59 -27.73 1.11
CA LEU B 136 2.28 -28.89 0.50
C LEU B 136 3.77 -28.67 0.38
N ILE B 137 4.21 -27.49 0.82
CA ILE B 137 5.63 -27.12 0.63
C ILE B 137 6.55 -27.77 1.70
N GLU B 138 6.22 -27.61 2.97
CA GLU B 138 7.14 -28.07 4.01
C GLU B 138 7.63 -29.51 3.90
N GLU B 139 6.75 -30.44 3.58
CA GLU B 139 7.09 -31.85 3.45
C GLU B 139 8.16 -32.15 2.39
N LYS B 140 8.36 -31.22 1.47
CA LYS B 140 9.34 -31.36 0.40
C LYS B 140 10.64 -30.57 0.66
N ILE B 141 10.72 -29.82 1.75
CA ILE B 141 11.97 -29.21 2.16
C ILE B 141 13.01 -30.26 2.55
N THR B 142 14.23 -30.07 2.08
CA THR B 142 15.33 -30.98 2.43
C THR B 142 16.54 -30.12 2.77
N LYS B 143 17.64 -30.76 3.13
CA LYS B 143 18.83 -29.99 3.48
C LYS B 143 19.40 -29.25 2.27
N LYS B 144 18.98 -29.61 1.07
CA LYS B 144 19.40 -28.91 -0.13
C LYS B 144 18.51 -27.76 -0.55
N THR B 145 17.36 -27.60 0.10
CA THR B 145 16.49 -26.50 -0.30
C THR B 145 17.14 -25.17 -0.01
N LYS B 146 17.09 -24.28 -0.99
CA LYS B 146 17.64 -22.94 -0.77
C LYS B 146 16.68 -21.83 -1.02
N ALA B 147 15.58 -22.12 -1.71
CA ALA B 147 14.64 -21.07 -2.03
C ALA B 147 13.30 -21.66 -2.34
N ILE B 148 12.29 -20.81 -2.19
CA ILE B 148 10.95 -21.01 -2.74
C ILE B 148 10.65 -19.93 -3.78
N MET B 149 10.25 -20.36 -4.98
CA MET B 149 9.84 -19.42 -6.00
C MET B 149 8.33 -19.49 -6.02
N VAL B 150 7.70 -18.41 -5.62
CA VAL B 150 6.23 -18.31 -5.72
C VAL B 150 5.90 -17.70 -7.06
N VAL B 151 4.78 -18.11 -7.63
CA VAL B 151 4.31 -17.46 -8.81
C VAL B 151 2.88 -17.02 -8.57
N HIS B 152 2.61 -15.75 -8.86
CA HIS B 152 1.27 -15.18 -8.73
C HIS B 152 0.55 -15.38 -10.05
N LEU B 153 -0.05 -16.56 -10.20
CA LEU B 153 -0.43 -17.05 -11.52
C LEU B 153 -1.69 -16.38 -11.96
N TYR B 154 -1.73 -15.99 -13.24
CA TYR B 154 -2.90 -15.41 -13.94
C TYR B 154 -3.19 -13.97 -13.52
N GLY B 155 -2.50 -13.47 -12.49
CA GLY B 155 -2.80 -12.24 -11.84
C GLY B 155 -3.16 -12.27 -10.38
N GLN B 156 -3.23 -13.46 -9.81
CA GLN B 156 -3.74 -13.58 -8.43
C GLN B 156 -2.54 -13.78 -7.50
N VAL B 157 -2.48 -12.98 -6.43
CA VAL B 157 -1.35 -13.08 -5.51
C VAL B 157 -1.51 -14.38 -4.73
N CYS B 158 -0.38 -15.03 -4.48
CA CYS B 158 -0.28 -16.23 -3.61
C CYS B 158 -0.60 -15.87 -2.19
N ASP B 159 -1.13 -16.83 -1.43
CA ASP B 159 -1.32 -16.59 -0.01
C ASP B 159 0.03 -16.66 0.68
N MET B 160 0.61 -15.50 0.96
CA MET B 160 2.03 -15.45 1.27
C MET B 160 2.38 -15.77 2.74
N GLU B 161 1.43 -15.63 3.65
CA GLU B 161 1.77 -15.69 5.08
C GLU B 161 2.55 -16.96 5.48
N LYS B 162 2.03 -18.14 5.15
CA LYS B 162 2.68 -19.39 5.55
C LYS B 162 4.01 -19.53 4.83
N ILE B 163 4.08 -19.00 3.61
CA ILE B 163 5.27 -19.15 2.82
C ILE B 163 6.41 -18.31 3.40
N GLN B 164 6.08 -17.10 3.81
CA GLN B 164 7.04 -16.28 4.52
C GLN B 164 7.50 -16.91 5.84
N LEU B 165 6.58 -17.39 6.65
CA LEU B 165 6.95 -18.10 7.88
C LEU B 165 7.88 -19.29 7.65
N LEU B 166 7.56 -20.09 6.63
CA LEU B 166 8.41 -21.22 6.24
C LEU B 166 9.77 -20.84 5.78
N ALA B 167 9.83 -19.81 4.94
CA ALA B 167 11.13 -19.30 4.53
C ALA B 167 11.95 -18.93 5.75
N ASN B 168 11.32 -18.26 6.71
CA ASN B 168 12.08 -17.85 7.89
C ASN B 168 12.53 -19.05 8.73
N LYS B 169 11.62 -19.99 8.97
CA LYS B 169 11.92 -21.24 9.67
C LYS B 169 13.12 -21.99 9.11
N TYR B 170 13.21 -22.10 7.79
CA TYR B 170 14.25 -22.88 7.13
C TYR B 170 15.38 -22.06 6.45
N ASN B 171 15.39 -20.74 6.70
CA ASN B 171 16.39 -19.82 6.15
C ASN B 171 16.45 -19.99 4.61
N LEU B 172 15.27 -19.89 4.01
CA LEU B 172 15.15 -19.95 2.56
C LEU B 172 14.94 -18.54 2.01
N LYS B 173 15.39 -18.35 0.78
CA LYS B 173 15.06 -17.13 0.03
C LYS B 173 13.65 -17.34 -0.57
N ILE B 174 12.88 -16.27 -0.62
CA ILE B 174 11.66 -16.26 -1.43
C ILE B 174 11.90 -15.40 -2.66
N ILE B 175 11.78 -16.06 -3.79
CA ILE B 175 11.81 -15.46 -5.12
C ILE B 175 10.39 -15.34 -5.63
N GLU B 176 9.96 -14.12 -5.97
CA GLU B 176 8.63 -13.96 -6.57
C GLU B 176 8.74 -13.88 -8.07
N ASP B 177 7.98 -14.69 -8.78
CA ASP B 177 7.77 -14.52 -10.22
C ASP B 177 6.45 -13.75 -10.40
N CYS B 178 6.61 -12.45 -10.66
CA CYS B 178 5.56 -11.48 -10.79
C CYS B 178 5.11 -11.17 -12.21
N ALA B 179 5.52 -12.00 -13.18
CA ALA B 179 5.26 -11.79 -14.55
C ALA B 179 3.81 -11.61 -14.91
N GLN B 180 2.91 -12.16 -14.12
CA GLN B 180 1.49 -12.10 -14.49
C GLN B 180 0.66 -11.24 -13.54
N ALA B 181 1.27 -10.60 -12.56
CA ALA B 181 0.50 -10.03 -11.45
C ALA B 181 0.81 -8.56 -11.11
N HIS B 182 1.33 -7.80 -12.08
CA HIS B 182 1.75 -6.40 -11.84
C HIS B 182 0.72 -5.64 -11.02
N GLY B 183 1.10 -5.11 -9.85
CA GLY B 183 0.26 -4.34 -8.96
C GLY B 183 -0.73 -5.04 -8.02
N ALA B 184 -0.83 -6.37 -8.07
CA ALA B 184 -1.68 -7.06 -7.09
C ALA B 184 -1.13 -6.77 -5.68
N ILE B 185 -1.99 -6.95 -4.68
CA ILE B 185 -1.72 -6.55 -3.28
C ILE B 185 -2.11 -7.71 -2.38
N TYR B 186 -1.19 -8.14 -1.55
CA TYR B 186 -1.45 -9.06 -0.44
C TYR B 186 -1.31 -8.30 0.85
N LYS B 187 -2.40 -8.20 1.58
CA LYS B 187 -2.50 -7.43 2.83
C LYS B 187 -2.02 -6.02 2.59
N ASP B 188 -0.87 -5.66 3.15
CA ASP B 188 -0.36 -4.30 3.00
C ASP B 188 0.77 -4.07 2.03
N LYS B 189 1.09 -5.04 1.16
CA LYS B 189 2.20 -4.91 0.24
C LYS B 189 1.88 -5.33 -1.16
N ARG B 190 2.54 -4.71 -2.12
CA ARG B 190 2.45 -5.09 -3.50
C ARG B 190 3.22 -6.34 -3.83
N VAL B 191 2.73 -7.15 -4.79
CA VAL B 191 3.60 -8.12 -5.45
C VAL B 191 4.89 -7.44 -5.88
N GLY B 192 5.99 -8.13 -5.65
CA GLY B 192 7.30 -7.51 -5.81
C GLY B 192 7.98 -7.15 -4.51
N ASN B 193 7.17 -7.02 -3.48
CA ASN B 193 7.65 -6.66 -2.16
C ASN B 193 7.19 -7.72 -1.13
N LEU B 194 7.01 -8.97 -1.56
CA LEU B 194 6.52 -10.02 -0.65
C LEU B 194 7.55 -11.11 -0.37
N GLY B 195 8.78 -10.93 -0.83
CA GLY B 195 9.85 -11.91 -0.67
C GLY B 195 11.18 -11.20 -0.60
N ASP B 196 12.22 -11.90 -0.99
CA ASP B 196 13.57 -11.37 -0.96
C ASP B 196 13.92 -10.62 -2.26
N ALA B 197 13.52 -11.24 -3.37
CA ALA B 197 13.67 -10.60 -4.68
C ALA B 197 12.58 -11.02 -5.64
N ALA B 198 12.28 -10.15 -6.60
CA ALA B 198 11.14 -10.38 -7.46
C ALA B 198 11.51 -10.16 -8.91
N GLY B 199 11.09 -11.05 -9.79
CA GLY B 199 11.25 -10.83 -11.24
C GLY B 199 9.94 -10.45 -11.86
N PHE B 200 10.01 -9.50 -12.77
CA PHE B 200 8.90 -9.20 -13.64
C PHE B 200 9.23 -9.32 -15.12
N SER B 201 8.23 -9.74 -15.85
CA SER B 201 8.18 -9.62 -17.33
C SER B 201 7.35 -8.39 -17.69
N PHE B 202 7.82 -7.63 -18.67
CA PHE B 202 7.00 -6.60 -19.35
C PHE B 202 6.85 -6.99 -20.83
N TYR B 203 6.81 -8.27 -21.10
CA TYR B 203 6.41 -8.71 -22.45
C TYR B 203 5.14 -8.00 -22.87
N PRO B 204 4.98 -7.73 -24.18
CA PRO B 204 3.87 -6.84 -24.55
C PRO B 204 2.47 -7.24 -24.09
N GLY B 205 2.24 -8.54 -23.99
CA GLY B 205 0.93 -9.02 -23.44
C GLY B 205 0.63 -8.83 -21.97
N LYS B 206 1.62 -8.42 -21.19
CA LYS B 206 1.41 -8.34 -19.76
C LYS B 206 0.61 -7.11 -19.37
N ASN B 207 0.21 -7.06 -18.12
CA ASN B 207 -0.64 -5.97 -17.68
C ASN B 207 0.07 -4.63 -17.84
N LEU B 208 1.38 -4.66 -17.63
CA LEU B 208 2.20 -3.50 -18.03
C LEU B 208 3.18 -4.05 -19.07
N GLY B 209 2.95 -3.78 -20.34
CA GLY B 209 3.68 -4.42 -21.42
C GLY B 209 4.46 -3.43 -22.24
N ALA B 210 5.65 -3.82 -22.59
CA ALA B 210 6.51 -2.97 -23.40
C ALA B 210 6.10 -3.15 -24.87
N LEU B 211 6.90 -2.54 -25.75
CA LEU B 211 6.76 -2.71 -27.19
C LEU B 211 7.98 -3.46 -27.74
N GLY B 212 8.35 -4.54 -27.06
CA GLY B 212 9.57 -5.29 -27.25
C GLY B 212 9.70 -6.16 -26.02
N ASP B 213 10.76 -6.95 -26.01
CA ASP B 213 11.04 -7.71 -24.80
C ASP B 213 11.55 -6.78 -23.69
N ALA B 214 11.20 -7.05 -22.44
CA ALA B 214 11.61 -6.20 -21.33
C ALA B 214 11.26 -6.85 -20.02
N GLY B 215 11.99 -6.51 -18.96
CA GLY B 215 11.73 -7.10 -17.63
C GLY B 215 12.32 -6.25 -16.55
N CYS B 216 12.21 -6.66 -15.29
CA CYS B 216 12.90 -6.04 -14.19
C CYS B 216 13.07 -7.02 -13.05
N ILE B 217 13.93 -6.59 -12.15
CA ILE B 217 14.06 -7.20 -10.84
C ILE B 217 13.84 -6.12 -9.76
N CYS B 218 13.06 -6.50 -8.76
CA CYS B 218 12.82 -5.66 -7.62
C CYS B 218 13.32 -6.27 -6.34
N THR B 219 13.83 -5.42 -5.46
CA THR B 219 14.40 -5.89 -4.22
C THR B 219 14.60 -4.72 -3.29
N ASN B 220 14.65 -5.00 -1.99
CA ASN B 220 15.01 -3.99 -0.98
C ASN B 220 16.47 -4.04 -0.53
N ASP B 221 17.22 -5.04 -1.00
CA ASP B 221 18.58 -5.33 -0.52
C ASP B 221 19.63 -4.63 -1.36
N ASP B 222 20.41 -3.73 -0.74
CA ASP B 222 21.36 -2.89 -1.47
C ASP B 222 22.42 -3.71 -2.19
N ASN B 223 22.95 -4.72 -1.48
CA ASN B 223 24.02 -5.53 -2.08
C ASN B 223 23.48 -6.35 -3.26
N PHE B 224 22.29 -6.94 -3.06
CA PHE B 224 21.68 -7.71 -4.12
C PHE B 224 21.41 -6.85 -5.36
N ALA B 225 20.89 -5.66 -5.11
CA ALA B 225 20.61 -4.78 -6.25
C ALA B 225 21.89 -4.45 -7.04
N SER B 226 22.95 -4.12 -6.31
CA SER B 226 24.23 -3.82 -6.95
CA SER B 226 24.25 -3.82 -6.93
C SER B 226 24.79 -5.02 -7.72
N LYS B 227 24.65 -6.22 -7.15
CA LYS B 227 25.24 -7.40 -7.71
C LYS B 227 24.48 -7.71 -9.00
N ILE B 228 23.16 -7.51 -8.93
CA ILE B 228 22.29 -7.75 -10.13
C ILE B 228 22.65 -6.79 -11.26
N ARG B 229 22.81 -5.50 -10.91
CA ARG B 229 23.19 -4.57 -12.00
C ARG B 229 24.49 -5.04 -12.70
N ALA B 230 25.49 -5.46 -11.91
CA ALA B 230 26.74 -5.87 -12.52
C ALA B 230 26.50 -7.14 -13.35
N LEU B 231 25.79 -8.12 -12.76
CA LEU B 231 25.57 -9.41 -13.44
C LEU B 231 24.82 -9.25 -14.77
N ALA B 232 23.98 -8.23 -14.83
CA ALA B 232 23.18 -7.97 -16.04
C ALA B 232 23.95 -7.10 -17.06
N ASN B 233 25.15 -6.69 -16.69
CA ASN B 233 26.02 -5.81 -17.49
C ASN B 233 27.37 -6.47 -17.73
N TYR B 234 27.36 -7.69 -18.23
CA TYR B 234 28.58 -8.54 -18.44
C TYR B 234 29.32 -8.96 -17.16
N GLY B 235 28.77 -8.67 -15.99
CA GLY B 235 29.54 -8.76 -14.75
C GLY B 235 30.37 -7.57 -14.39
N SER B 236 30.12 -6.44 -15.06
CA SER B 236 30.91 -5.21 -14.94
C SER B 236 30.16 -4.13 -14.15
N HIS B 237 30.74 -3.76 -13.00
CA HIS B 237 30.34 -2.67 -12.13
C HIS B 237 31.02 -1.33 -12.46
N LYS B 238 32.16 -1.42 -13.14
CA LYS B 238 33.05 -0.30 -13.46
C LYS B 238 33.60 -0.56 -14.85
N LYS B 239 33.62 0.46 -15.68
CA LYS B 239 34.17 0.32 -17.03
C LYS B 239 35.56 -0.36 -17.02
N TYR B 240 35.67 -1.31 -17.93
CA TYR B 240 36.84 -2.09 -18.17
C TYR B 240 37.01 -3.31 -17.28
N GLU B 241 36.23 -3.36 -16.20
CA GLU B 241 36.43 -4.38 -15.16
C GLU B 241 35.25 -5.31 -15.11
N ASN B 242 35.52 -6.59 -14.86
CA ASN B 242 34.50 -7.60 -14.68
C ASN B 242 34.67 -8.37 -13.42
N LEU B 243 33.89 -7.99 -12.41
CA LEU B 243 33.94 -8.61 -11.11
C LEU B 243 33.34 -9.99 -11.17
N TYR B 244 32.28 -10.16 -11.99
CA TYR B 244 31.56 -11.44 -12.06
C TYR B 244 31.52 -11.92 -13.49
N THR B 245 31.26 -13.22 -13.69
CA THR B 245 30.95 -13.72 -15.03
C THR B 245 29.48 -13.50 -15.34
N GLY B 246 29.16 -12.36 -15.97
CA GLY B 246 27.77 -11.99 -16.07
C GLY B 246 27.24 -12.22 -17.49
N LEU B 247 26.07 -11.64 -17.70
CA LEU B 247 25.38 -11.78 -18.97
C LEU B 247 24.99 -10.36 -19.40
N ASN B 248 24.32 -10.28 -20.54
CA ASN B 248 23.90 -9.01 -21.10
C ASN B 248 22.37 -8.95 -21.05
N SER B 249 21.79 -8.24 -20.09
CA SER B 249 20.36 -8.26 -19.90
C SER B 249 19.92 -6.92 -19.44
N ARG B 250 19.61 -6.09 -20.44
CA ARG B 250 19.31 -4.68 -20.17
C ARG B 250 17.94 -4.31 -20.72
N LEU B 251 17.34 -3.30 -20.09
CA LEU B 251 16.12 -2.67 -20.59
C LEU B 251 16.41 -1.44 -21.43
N ASP B 252 16.07 -1.52 -22.71
CA ASP B 252 16.39 -0.44 -23.63
C ASP B 252 15.73 0.82 -23.13
N GLU B 253 16.42 1.93 -23.41
CA GLU B 253 15.89 3.27 -23.13
C GLU B 253 14.47 3.47 -23.69
N ILE B 254 14.31 3.07 -24.95
CA ILE B 254 13.02 3.21 -25.60
CA ILE B 254 13.01 3.28 -25.54
C ILE B 254 11.92 2.47 -24.83
N GLN B 255 12.22 1.24 -24.39
CA GLN B 255 11.20 0.46 -23.72
C GLN B 255 10.92 1.02 -22.34
N ALA B 256 11.97 1.41 -21.61
CA ALA B 256 11.80 2.06 -20.31
C ALA B 256 10.85 3.28 -20.39
N ALA B 257 11.01 4.07 -21.44
CA ALA B 257 10.14 5.24 -21.63
C ALA B 257 8.70 4.85 -21.89
N PHE B 258 8.52 3.85 -22.76
CA PHE B 258 7.15 3.39 -23.06
C PHE B 258 6.48 2.83 -21.80
N LEU B 259 7.21 2.07 -21.00
CA LEU B 259 6.68 1.55 -19.77
C LEU B 259 6.32 2.61 -18.75
N ASP B 260 7.15 3.64 -18.63
CA ASP B 260 6.92 4.76 -17.71
C ASP B 260 5.63 5.49 -18.07
N ILE B 261 5.39 5.65 -19.36
CA ILE B 261 4.16 6.29 -19.84
C ILE B 261 2.97 5.44 -19.31
N LYS B 262 3.02 4.13 -19.54
CA LYS B 262 1.84 3.30 -19.26
C LYS B 262 1.67 3.07 -17.75
N LEU B 263 2.76 3.12 -16.99
CA LEU B 263 2.73 2.79 -15.60
C LEU B 263 1.83 3.77 -14.83
N LYS B 264 1.76 5.00 -15.31
CA LYS B 264 0.85 5.99 -14.75
C LYS B 264 -0.61 5.61 -14.81
N TYR B 265 -0.96 4.63 -15.67
CA TYR B 265 -2.33 4.17 -15.78
C TYR B 265 -2.54 2.73 -15.32
N LEU B 266 -1.59 2.14 -14.65
CA LEU B 266 -1.62 0.70 -14.44
C LEU B 266 -2.64 0.35 -13.38
N ASP B 267 -2.70 1.08 -12.27
CA ASP B 267 -3.79 0.82 -11.29
C ASP B 267 -5.18 1.03 -11.89
N GLU B 268 -5.32 2.08 -12.69
CA GLU B 268 -6.62 2.41 -13.27
C GLU B 268 -6.98 1.28 -14.23
N ASP B 269 -6.00 0.83 -15.01
CA ASP B 269 -6.20 -0.23 -15.97
C ASP B 269 -6.54 -1.55 -15.22
N ASN B 270 -5.84 -1.86 -14.14
CA ASN B 270 -6.07 -3.12 -13.48
C ASN B 270 -7.48 -3.15 -12.87
N ASN B 271 -7.90 -2.00 -12.35
CA ASN B 271 -9.26 -1.92 -11.76
C ASN B 271 -10.36 -2.06 -12.82
N LYS B 272 -10.08 -1.59 -14.02
CA LYS B 272 -10.96 -1.82 -15.17
C LYS B 272 -11.05 -3.31 -15.54
N ARG B 273 -9.91 -4.00 -15.53
CA ARG B 273 -9.88 -5.47 -15.68
C ARG B 273 -10.74 -6.15 -14.61
N LYS B 274 -10.64 -5.66 -13.37
CA LYS B 274 -11.42 -6.23 -12.29
C LYS B 274 -12.91 -6.08 -12.62
N ASN B 275 -13.31 -4.93 -13.09
CA ASN B 275 -14.71 -4.68 -13.46
C ASN B 275 -15.13 -5.71 -14.51
N ILE B 276 -14.31 -6.02 -15.49
CA ILE B 276 -14.71 -6.95 -16.55
C ILE B 276 -14.70 -8.40 -16.02
N ALA B 277 -13.67 -8.77 -15.25
CA ALA B 277 -13.63 -10.10 -14.66
C ALA B 277 -14.86 -10.31 -13.81
N ASN B 278 -15.25 -9.30 -13.03
CA ASN B 278 -16.41 -9.43 -12.17
C ASN B 278 -17.67 -9.52 -13.01
N PHE B 279 -17.67 -8.89 -14.18
CA PHE B 279 -18.81 -9.10 -15.05
C PHE B 279 -18.92 -10.56 -15.51
N TYR B 280 -17.81 -11.17 -15.89
CA TYR B 280 -17.79 -12.54 -16.32
C TYR B 280 -18.21 -13.44 -15.18
N LEU B 281 -17.69 -13.15 -14.00
CA LEU B 281 -17.93 -14.05 -12.88
C LEU B 281 -19.41 -14.01 -12.51
N GLN B 282 -20.08 -12.88 -12.74
CA GLN B 282 -21.45 -12.69 -12.28
C GLN B 282 -22.44 -13.04 -13.36
N ASN B 283 -22.00 -13.09 -14.62
CA ASN B 283 -22.94 -13.23 -15.72
C ASN B 283 -22.81 -14.54 -16.46
N ILE B 284 -21.66 -15.20 -16.38
CA ILE B 284 -21.50 -16.53 -16.98
C ILE B 284 -22.06 -17.59 -16.07
N LYS B 285 -22.95 -18.44 -16.59
CA LYS B 285 -23.52 -19.50 -15.79
C LYS B 285 -23.81 -20.67 -16.71
N ASN B 286 -22.95 -21.69 -16.60
CA ASN B 286 -23.00 -22.85 -17.45
C ASN B 286 -22.44 -24.02 -16.68
N GLU B 287 -23.20 -25.12 -16.61
CA GLU B 287 -22.81 -26.25 -15.78
C GLU B 287 -21.56 -26.91 -16.29
N ASN B 288 -21.19 -26.64 -17.55
CA ASN B 288 -19.93 -27.17 -18.08
C ASN B 288 -18.68 -26.35 -17.82
N ILE B 289 -18.82 -25.22 -17.14
CA ILE B 289 -17.71 -24.28 -16.98
C ILE B 289 -17.50 -23.97 -15.50
N ILE B 290 -16.27 -24.11 -15.02
CA ILE B 290 -15.90 -23.63 -13.68
C ILE B 290 -15.20 -22.27 -13.80
N LEU B 291 -15.72 -21.25 -13.11
CA LEU B 291 -15.24 -19.89 -13.26
C LEU B 291 -14.07 -19.71 -12.29
N PRO B 292 -13.13 -18.79 -12.59
CA PRO B 292 -11.98 -18.56 -11.71
C PRO B 292 -12.31 -17.61 -10.52
N SER B 293 -13.26 -17.94 -9.68
CA SER B 293 -13.47 -17.22 -8.43
C SER B 293 -12.19 -17.06 -7.64
N ASN B 294 -11.80 -15.81 -7.42
CA ASN B 294 -10.55 -15.48 -6.75
C ASN B 294 -10.64 -15.55 -5.23
N LYS B 295 -9.59 -16.09 -4.61
CA LYS B 295 -9.48 -16.10 -3.16
C LYS B 295 -8.70 -14.94 -2.58
N PHE B 296 -7.85 -14.35 -3.38
CA PHE B 296 -7.05 -13.21 -2.98
C PHE B 296 -7.11 -12.15 -4.09
N ASP B 297 -6.44 -11.02 -3.92
CA ASP B 297 -6.47 -9.97 -4.90
C ASP B 297 -5.99 -10.53 -6.22
N HIS B 298 -6.64 -10.07 -7.27
CA HIS B 298 -6.42 -10.60 -8.64
C HIS B 298 -6.46 -9.42 -9.64
N VAL B 299 -5.40 -9.28 -10.40
CA VAL B 299 -5.37 -8.24 -11.44
C VAL B 299 -5.70 -8.75 -12.86
N TRP B 300 -6.02 -10.05 -12.97
CA TRP B 300 -6.69 -10.63 -14.12
C TRP B 300 -5.90 -10.34 -15.39
N HIS B 301 -4.59 -10.58 -15.33
CA HIS B 301 -3.83 -10.80 -16.57
C HIS B 301 -4.52 -11.82 -17.50
N LEU B 302 -4.90 -12.95 -16.89
CA LEU B 302 -5.63 -13.98 -17.59
C LEU B 302 -6.93 -14.36 -16.85
N PHE B 303 -8.02 -14.48 -17.63
CA PHE B 303 -9.29 -14.95 -17.11
C PHE B 303 -9.51 -16.38 -17.59
N VAL B 304 -9.23 -17.31 -16.67
CA VAL B 304 -9.10 -18.73 -16.99
C VAL B 304 -10.34 -19.52 -16.51
N VAL B 305 -11.06 -20.11 -17.47
CA VAL B 305 -12.17 -21.03 -17.15
C VAL B 305 -11.69 -22.49 -17.29
N LYS B 306 -12.47 -23.42 -16.74
CA LYS B 306 -12.07 -24.82 -16.64
C LYS B 306 -13.28 -25.70 -17.04
N THR B 307 -13.05 -26.60 -17.99
CA THR B 307 -14.12 -27.49 -18.43
C THR B 307 -13.55 -28.84 -18.87
N LYS B 308 -14.36 -29.88 -18.75
CA LYS B 308 -13.93 -31.20 -19.25
C LYS B 308 -13.96 -31.28 -20.77
N LEU B 309 -14.55 -30.27 -21.40
CA LEU B 309 -14.73 -30.22 -22.83
C LEU B 309 -13.95 -29.05 -23.48
N ARG B 310 -12.66 -28.99 -23.18
CA ARG B 310 -11.87 -27.79 -23.42
C ARG B 310 -11.66 -27.53 -24.90
N ASP B 311 -11.23 -28.55 -25.64
CA ASP B 311 -11.02 -28.38 -27.06
C ASP B 311 -12.32 -28.12 -27.81
N GLU B 312 -13.42 -28.76 -27.39
CA GLU B 312 -14.75 -28.44 -27.91
C GLU B 312 -15.10 -26.98 -27.66
N LEU B 313 -14.76 -26.47 -26.46
CA LEU B 313 -15.14 -25.10 -26.14
C LEU B 313 -14.39 -24.13 -27.04
N GLN B 314 -13.11 -24.38 -27.22
CA GLN B 314 -12.28 -23.45 -27.99
C GLN B 314 -12.76 -23.43 -29.44
N HIS B 315 -13.18 -24.59 -29.96
CA HIS B 315 -13.76 -24.64 -31.29
C HIS B 315 -15.10 -23.91 -31.39
N TYR B 316 -15.93 -24.09 -30.36
CA TYR B 316 -17.22 -23.39 -30.24
C TYR B 316 -17.02 -21.88 -30.24
N LEU B 317 -16.11 -21.41 -29.40
CA LEU B 317 -15.87 -19.99 -29.37
C LEU B 317 -15.31 -19.48 -30.69
N ASN B 318 -14.43 -20.24 -31.32
CA ASN B 318 -13.86 -19.85 -32.61
C ASN B 318 -14.95 -19.75 -33.68
N ASN B 319 -15.88 -20.71 -33.64
CA ASN B 319 -17.01 -20.74 -34.57
C ASN B 319 -17.92 -19.54 -34.38
N HIS B 320 -17.96 -19.03 -33.15
CA HIS B 320 -18.63 -17.77 -32.85
C HIS B 320 -17.73 -16.55 -32.84
N ASP B 321 -16.57 -16.68 -33.50
CA ASP B 321 -15.68 -15.57 -33.85
C ASP B 321 -15.06 -14.91 -32.63
N ILE B 322 -14.73 -15.75 -31.65
CA ILE B 322 -14.03 -15.34 -30.45
C ILE B 322 -12.74 -16.14 -30.33
N GLN B 323 -11.62 -15.44 -30.35
CA GLN B 323 -10.31 -16.07 -30.23
C GLN B 323 -9.92 -16.27 -28.76
N THR B 324 -9.48 -17.50 -28.48
CA THR B 324 -8.97 -17.85 -27.18
C THR B 324 -7.59 -18.52 -27.27
N ILE B 325 -6.90 -18.49 -26.14
CA ILE B 325 -5.60 -19.12 -26.02
C ILE B 325 -5.59 -19.96 -24.74
N ILE B 326 -4.79 -21.04 -24.75
CA ILE B 326 -4.69 -21.91 -23.58
C ILE B 326 -3.48 -21.54 -22.75
N HIS B 327 -3.69 -21.34 -21.45
CA HIS B 327 -2.58 -21.10 -20.55
C HIS B 327 -2.76 -22.09 -19.39
N TYR B 328 -2.23 -23.32 -19.54
CA TYR B 328 -1.40 -23.84 -20.64
C TYR B 328 -1.87 -25.27 -20.84
N PRO B 329 -1.60 -25.89 -22.01
CA PRO B 329 -2.06 -27.25 -22.26
C PRO B 329 -1.06 -28.38 -21.92
N ILE B 330 0.23 -28.08 -21.85
CA ILE B 330 1.25 -29.08 -21.44
C ILE B 330 2.03 -28.51 -20.26
N PRO B 331 2.03 -29.19 -19.12
CA PRO B 331 2.74 -28.64 -17.97
C PRO B 331 4.23 -28.91 -18.12
N PRO B 332 5.06 -28.15 -17.41
CA PRO B 332 6.48 -28.29 -17.60
C PRO B 332 6.99 -29.75 -17.49
N HIS B 333 6.52 -30.48 -16.49
CA HIS B 333 7.06 -31.81 -16.27
C HIS B 333 6.79 -32.75 -17.43
N LYS B 334 5.80 -32.44 -18.28
CA LYS B 334 5.51 -33.30 -19.40
C LYS B 334 6.14 -32.82 -20.70
N GLN B 335 6.89 -31.73 -20.65
CA GLN B 335 7.51 -31.21 -21.87
C GLN B 335 8.67 -32.10 -22.34
N LYS B 336 8.88 -32.15 -23.66
CA LYS B 336 10.04 -32.90 -24.18
C LYS B 336 11.41 -32.48 -23.66
N CYS B 337 11.58 -31.20 -23.31
CA CYS B 337 12.85 -30.71 -22.80
C CYS B 337 13.17 -31.20 -21.39
N TYR B 338 12.17 -31.76 -20.73
CA TYR B 338 12.34 -32.20 -19.36
C TYR B 338 11.93 -33.67 -19.21
N LYS B 339 12.55 -34.52 -20.01
CA LYS B 339 12.12 -35.91 -20.00
C LYS B 339 12.35 -36.55 -18.66
N ASP B 340 13.33 -36.06 -17.90
CA ASP B 340 13.64 -36.59 -16.56
C ASP B 340 12.59 -36.25 -15.50
N LEU B 341 11.61 -35.44 -15.88
CA LEU B 341 10.51 -35.11 -14.97
C LEU B 341 9.19 -35.73 -15.44
N ASN B 342 9.15 -36.33 -16.64
CA ASN B 342 7.90 -36.76 -17.28
C ASN B 342 7.14 -37.79 -16.41
N HIS B 343 7.88 -38.50 -15.56
CA HIS B 343 7.35 -39.55 -14.68
C HIS B 343 6.54 -39.02 -13.51
N LEU B 344 6.65 -37.73 -13.21
CA LEU B 344 6.20 -37.24 -11.92
C LEU B 344 4.68 -37.32 -11.94
N LYS B 345 4.08 -37.76 -10.84
CA LYS B 345 2.64 -37.86 -10.79
C LYS B 345 2.09 -36.59 -10.15
N LEU B 346 1.53 -35.72 -10.99
CA LEU B 346 1.08 -34.42 -10.52
C LEU B 346 -0.35 -34.21 -11.01
N PRO B 347 -1.31 -34.98 -10.44
CA PRO B 347 -2.59 -35.06 -11.13
C PRO B 347 -3.40 -33.76 -11.17
N ILE B 348 -3.23 -32.91 -10.15
CA ILE B 348 -3.96 -31.66 -10.12
C ILE B 348 -3.48 -30.75 -11.24
N THR B 349 -2.16 -30.62 -11.31
CA THR B 349 -1.51 -29.87 -12.38
C THR B 349 -1.86 -30.43 -13.75
N GLU B 350 -1.91 -31.74 -13.87
CA GLU B 350 -2.23 -32.35 -15.17
C GLU B 350 -3.68 -32.09 -15.55
N ASN B 351 -4.58 -32.23 -14.59
CA ASN B 351 -5.99 -31.94 -14.82
C ASN B 351 -6.24 -30.48 -15.28
N ILE B 352 -5.62 -29.56 -14.56
CA ILE B 352 -5.69 -28.15 -14.91
C ILE B 352 -5.31 -27.98 -16.39
N HIS B 353 -4.14 -28.53 -16.74
CA HIS B 353 -3.64 -28.39 -18.10
C HIS B 353 -4.58 -28.96 -19.14
N GLN B 354 -5.34 -29.99 -18.80
CA GLN B 354 -6.35 -30.58 -19.73
C GLN B 354 -7.62 -29.75 -19.93
N GLU B 355 -7.90 -28.87 -18.97
CA GLU B 355 -9.23 -28.29 -18.79
C GLU B 355 -9.30 -26.77 -18.90
N VAL B 356 -8.17 -26.06 -18.86
CA VAL B 356 -8.20 -24.58 -18.87
C VAL B 356 -8.24 -23.94 -20.25
N LEU B 357 -8.89 -22.78 -20.31
CA LEU B 357 -8.96 -21.95 -21.50
C LEU B 357 -9.13 -20.51 -21.04
N SER B 358 -8.45 -19.58 -21.72
CA SER B 358 -8.47 -18.19 -21.29
C SER B 358 -9.40 -17.38 -22.17
N LEU B 359 -10.24 -16.58 -21.55
CA LEU B 359 -11.13 -15.68 -22.32
C LEU B 359 -10.55 -14.27 -22.53
N PRO B 360 -10.96 -13.59 -23.62
CA PRO B 360 -10.39 -12.25 -23.85
C PRO B 360 -10.72 -11.31 -22.70
N ILE B 361 -9.73 -10.55 -22.28
CA ILE B 361 -9.95 -9.49 -21.31
C ILE B 361 -8.81 -8.50 -21.44
N SER B 362 -9.12 -7.26 -21.16
CA SER B 362 -8.18 -6.16 -21.30
C SER B 362 -8.83 -4.94 -20.72
N PRO B 363 -8.05 -3.93 -20.36
CA PRO B 363 -8.68 -2.78 -19.75
C PRO B 363 -9.43 -1.86 -20.73
N THR B 364 -9.24 -2.08 -22.03
CA THR B 364 -9.86 -1.19 -23.03
C THR B 364 -10.94 -1.97 -23.76
N MET B 365 -11.19 -3.21 -23.31
CA MET B 365 -12.17 -4.07 -23.99
C MET B 365 -13.57 -3.50 -24.05
N LYS B 366 -14.19 -3.62 -25.22
CA LYS B 366 -15.51 -3.03 -25.43
C LYS B 366 -16.62 -3.78 -24.70
N GLU B 367 -17.59 -3.04 -24.18
CA GLU B 367 -18.76 -3.64 -23.56
C GLU B 367 -19.47 -4.65 -24.49
N ASN B 368 -19.72 -4.27 -25.73
CA ASN B 368 -20.36 -5.22 -26.62
C ASN B 368 -19.59 -6.54 -26.71
N ASP B 369 -18.27 -6.48 -26.66
CA ASP B 369 -17.45 -7.68 -26.75
C ASP B 369 -17.51 -8.59 -25.51
N PHE B 370 -17.38 -8.02 -24.33
CA PHE B 370 -17.50 -8.87 -23.14
C PHE B 370 -18.90 -9.42 -22.90
N LYS B 371 -19.88 -8.60 -23.24
CA LYS B 371 -21.28 -9.05 -23.24
C LYS B 371 -21.50 -10.21 -24.20
N LYS B 372 -20.89 -10.15 -25.38
CA LYS B 372 -20.99 -11.29 -26.29
C LYS B 372 -20.31 -12.55 -25.75
N VAL B 373 -19.11 -12.39 -25.21
CA VAL B 373 -18.40 -13.57 -24.68
C VAL B 373 -19.32 -14.24 -23.64
N ALA B 374 -19.84 -13.47 -22.69
CA ALA B 374 -20.77 -14.07 -21.71
C ALA B 374 -21.99 -14.74 -22.31
N ASP B 375 -22.64 -14.05 -23.22
CA ASP B 375 -23.89 -14.55 -23.78
C ASP B 375 -23.66 -15.84 -24.56
N ILE B 376 -22.60 -15.85 -25.35
CA ILE B 376 -22.20 -17.02 -26.14
C ILE B 376 -21.84 -18.22 -25.24
N LEU B 377 -21.13 -17.96 -24.15
CA LEU B 377 -20.86 -19.05 -23.19
C LEU B 377 -22.14 -19.59 -22.54
N ASN B 378 -23.08 -18.71 -22.20
CA ASN B 378 -24.32 -19.12 -21.55
C ASN B 378 -25.11 -20.04 -22.47
N LYS B 379 -24.95 -19.81 -23.77
CA LYS B 379 -25.73 -20.54 -24.79
C LYS B 379 -25.11 -21.87 -25.14
N TRP B 380 -23.89 -22.10 -24.66
CA TRP B 380 -23.14 -23.27 -25.05
C TRP B 380 -23.75 -24.55 -24.46
N LYS B 381 -24.17 -25.45 -25.33
CA LYS B 381 -24.59 -26.74 -24.84
C LYS B 381 -23.70 -27.81 -25.44
N VAL B 382 -23.04 -28.56 -24.57
CA VAL B 382 -21.91 -29.38 -24.97
C VAL B 382 -22.21 -30.84 -24.68
N HIS C 22 -30.49 -20.13 14.00
CA HIS C 22 -30.74 -18.69 13.69
C HIS C 22 -29.50 -18.07 13.06
N MET C 23 -29.69 -17.36 11.95
CA MET C 23 -28.63 -16.58 11.34
C MET C 23 -28.68 -15.11 11.72
N PHE C 24 -27.71 -14.69 12.52
CA PHE C 24 -27.56 -13.28 12.89
C PHE C 24 -27.04 -12.47 11.69
N PHE C 25 -27.50 -11.23 11.66
CA PHE C 25 -27.04 -10.26 10.67
C PHE C 25 -25.51 -10.09 10.81
N LEU C 26 -25.02 -9.96 12.04
CA LEU C 26 -23.60 -9.81 12.32
C LEU C 26 -23.29 -10.46 13.66
N ASN C 27 -22.71 -11.64 13.62
CA ASN C 27 -22.53 -12.39 14.86
C ASN C 27 -21.24 -11.94 15.55
N LEU C 28 -21.34 -10.91 16.40
CA LEU C 28 -20.08 -10.35 16.93
C LEU C 28 -19.39 -11.24 17.94
N LYS C 29 -20.17 -12.04 18.66
CA LYS C 29 -19.62 -13.13 19.45
C LYS C 29 -18.68 -14.02 18.65
N GLN C 30 -19.12 -14.43 17.47
CA GLN C 30 -18.35 -15.36 16.62
C GLN C 30 -17.06 -14.65 16.15
N ILE C 31 -17.21 -13.40 15.73
CA ILE C 31 -16.07 -12.60 15.29
C ILE C 31 -15.02 -12.36 16.39
N ASN C 32 -15.50 -12.00 17.56
CA ASN C 32 -14.64 -11.69 18.68
C ASN C 32 -14.09 -12.86 19.50
N ASP C 33 -14.79 -13.99 19.46
CA ASP C 33 -14.35 -15.18 20.22
C ASP C 33 -12.93 -15.64 19.84
N ARG C 34 -12.53 -15.38 18.60
CA ARG C 34 -11.15 -15.54 18.14
C ARG C 34 -10.07 -14.95 19.02
N PHE C 35 -10.44 -13.93 19.79
CA PHE C 35 -9.47 -13.11 20.50
C PHE C 35 -9.65 -13.06 22.00
N ASN C 36 -10.57 -13.89 22.50
CA ASN C 36 -10.92 -13.78 23.91
C ASN C 36 -9.70 -13.88 24.81
N THR C 37 -8.77 -14.79 24.52
CA THR C 37 -7.60 -14.93 25.37
C THR C 37 -6.78 -13.66 25.43
N GLU C 38 -6.50 -13.10 24.27
CA GLU C 38 -5.73 -11.89 24.17
C GLU C 38 -6.47 -10.70 24.84
N PHE C 39 -7.78 -10.61 24.65
CA PHE C 39 -8.55 -9.54 25.29
C PHE C 39 -8.40 -9.64 26.83
N ILE C 40 -8.49 -10.85 27.36
CA ILE C 40 -8.44 -11.00 28.82
C ILE C 40 -7.05 -10.64 29.32
N THR C 41 -6.03 -11.10 28.60
CA THR C 41 -4.65 -10.82 28.93
C THR C 41 -4.36 -9.33 28.91
N LYS C 42 -4.88 -8.64 27.89
CA LYS C 42 -4.64 -7.23 27.80
C LYS C 42 -5.45 -6.50 28.89
N PHE C 43 -6.67 -6.93 29.19
CA PHE C 43 -7.45 -6.32 30.27
C PHE C 43 -6.70 -6.39 31.58
N LYS C 44 -6.15 -7.57 31.88
CA LYS C 44 -5.31 -7.73 33.07
C LYS C 44 -4.07 -6.87 33.05
N GLU C 45 -3.42 -6.70 31.92
CA GLU C 45 -2.29 -5.79 31.80
C GLU C 45 -2.66 -4.37 32.19
N ILE C 46 -3.79 -3.90 31.69
CA ILE C 46 -4.25 -2.53 31.94
C ILE C 46 -4.58 -2.37 33.45
N LEU C 47 -5.20 -3.41 34.03
CA LEU C 47 -5.46 -3.42 35.48
C LEU C 47 -4.17 -3.31 36.26
N GLU C 48 -3.15 -4.06 35.83
CA GLU C 48 -1.83 -3.90 36.43
C GLU C 48 -1.23 -2.48 36.32
N SER C 49 -1.49 -1.72 35.25
CA SER C 49 -0.89 -0.41 35.02
C SER C 49 -1.54 0.66 35.92
N GLY C 50 -2.81 0.43 36.29
CA GLY C 50 -3.64 1.45 36.94
C GLY C 50 -3.93 2.68 36.10
N TRP C 51 -3.79 2.54 34.78
CA TRP C 51 -3.96 3.66 33.88
C TRP C 51 -4.95 3.34 32.73
N TYR C 52 -6.06 4.06 32.71
CA TYR C 52 -7.22 3.65 31.92
C TYR C 52 -7.52 4.69 30.81
N ILE C 53 -6.84 5.83 30.85
CA ILE C 53 -7.13 6.95 29.96
C ILE C 53 -5.78 7.48 29.48
N LEU C 54 -5.68 7.73 28.18
CA LEU C 54 -4.55 8.39 27.53
C LEU C 54 -3.23 7.79 27.97
N GLY C 55 -3.07 6.48 27.79
CA GLY C 55 -1.86 5.78 28.19
C GLY C 55 -1.17 5.05 27.06
N LYS C 56 -0.47 3.99 27.43
CA LYS C 56 0.44 3.37 26.47
C LYS C 56 -0.37 2.57 25.43
N GLN C 57 -1.58 2.09 25.77
CA GLN C 57 -2.35 1.30 24.78
C GLN C 57 -2.92 2.19 23.68
N CYS C 58 -3.43 3.35 24.07
N CYS C 58 -3.43 3.34 24.08
CA CYS C 58 -3.77 4.40 23.11
CA CYS C 58 -3.81 4.40 23.13
C CYS C 58 -2.61 4.71 22.18
C CYS C 58 -2.64 4.76 22.20
N GLU C 59 -1.47 5.04 22.77
CA GLU C 59 -0.34 5.44 21.96
C GLU C 59 0.06 4.32 20.98
N LYS C 60 0.12 3.10 21.51
CA LYS C 60 0.44 1.96 20.65
C LYS C 60 -0.56 1.72 19.49
N PHE C 61 -1.84 1.66 19.82
CA PHE C 61 -2.84 1.55 18.76
C PHE C 61 -2.81 2.67 17.72
N GLU C 62 -2.77 3.91 18.19
CA GLU C 62 -2.63 5.02 17.29
C GLU C 62 -1.46 4.85 16.32
N ASN C 63 -0.30 4.51 16.89
CA ASN C 63 0.86 4.33 16.04
C ASN C 63 0.68 3.25 14.99
N ASN C 64 0.05 2.15 15.37
CA ASN C 64 -0.16 1.06 14.47
C ASN C 64 -1.23 1.39 13.43
N PHE C 65 -2.31 2.04 13.85
CA PHE C 65 -3.33 2.38 12.85
C PHE C 65 -2.90 3.45 11.84
N ALA C 66 -2.13 4.41 12.35
CA ALA C 66 -1.50 5.38 11.48
C ALA C 66 -0.62 4.67 10.43
N LYS C 67 0.18 3.72 10.90
CA LYS C 67 1.04 2.95 9.96
C LYS C 67 0.14 2.20 8.97
N TYR C 68 -0.95 1.61 9.50
CA TYR C 68 -1.84 0.85 8.67
C TYR C 68 -2.43 1.67 7.52
N CYS C 69 -2.90 2.87 7.87
CA CYS C 69 -3.51 3.78 6.88
C CYS C 69 -2.49 4.51 6.02
N GLY C 70 -1.22 4.40 6.40
CA GLY C 70 -0.13 5.13 5.75
C GLY C 70 -0.10 6.62 6.03
N VAL C 71 -0.62 7.03 7.19
CA VAL C 71 -0.62 8.46 7.55
C VAL C 71 0.34 8.68 8.70
N LYS C 72 0.68 9.93 8.95
CA LYS C 72 1.69 10.28 9.97
C LYS C 72 1.05 10.23 11.37
N HIS C 73 -0.24 10.56 11.48
CA HIS C 73 -0.88 10.87 12.78
C HIS C 73 -2.22 10.17 12.92
N CYS C 74 -2.39 9.47 14.05
CA CYS C 74 -3.70 8.92 14.42
C CYS C 74 -4.05 9.39 15.84
N ILE C 75 -5.22 10.00 15.95
CA ILE C 75 -5.73 10.44 17.23
C ILE C 75 -6.97 9.61 17.63
N GLY C 76 -6.83 8.80 18.65
CA GLY C 76 -7.98 8.03 19.17
C GLY C 76 -9.03 8.98 19.72
N VAL C 77 -10.29 8.75 19.43
CA VAL C 77 -11.32 9.60 20.01
C VAL C 77 -12.49 8.66 20.33
N ALA C 78 -13.63 9.25 20.68
CA ALA C 78 -14.61 8.49 21.43
C ALA C 78 -15.55 7.70 20.56
N ASN C 79 -15.81 8.19 19.35
CA ASN C 79 -16.63 7.49 18.37
C ASN C 79 -16.48 8.15 17.00
N GLY C 80 -17.09 7.56 15.96
CA GLY C 80 -16.97 8.07 14.63
C GLY C 80 -17.64 9.39 14.39
N LEU C 81 -18.79 9.57 15.02
CA LEU C 81 -19.43 10.89 14.87
C LEU C 81 -18.53 11.98 15.46
N ASP C 82 -18.00 11.75 16.66
CA ASP C 82 -17.03 12.72 17.21
C ASP C 82 -15.84 12.96 16.32
N ALA C 83 -15.30 11.91 15.71
CA ALA C 83 -14.18 12.10 14.83
C ALA C 83 -14.49 13.15 13.78
N LEU C 84 -15.64 13.02 13.12
CA LEU C 84 -15.97 13.96 12.08
C LEU C 84 -16.25 15.34 12.67
N ARG C 85 -16.96 15.39 13.80
CA ARG C 85 -17.29 16.67 14.44
C ARG C 85 -15.99 17.42 14.78
N LEU C 86 -15.03 16.70 15.33
CA LEU C 86 -13.74 17.27 15.64
C LEU C 86 -12.96 17.81 14.48
N ILE C 87 -12.90 17.03 13.41
CA ILE C 87 -12.16 17.48 12.24
C ILE C 87 -12.73 18.84 11.79
N ILE C 88 -14.05 18.92 11.68
CA ILE C 88 -14.71 20.12 11.18
C ILE C 88 -14.48 21.26 12.17
N LYS C 89 -14.63 21.01 13.48
CA LYS C 89 -14.33 22.01 14.52
C LYS C 89 -12.93 22.56 14.40
N ALA C 90 -11.97 21.69 14.15
CA ALA C 90 -10.55 22.04 14.10
C ALA C 90 -10.26 22.99 12.95
N TYR C 91 -11.05 22.90 11.89
CA TYR C 91 -10.89 23.79 10.71
C TYR C 91 -11.42 25.20 10.95
N ASP C 92 -12.24 25.35 11.99
CA ASP C 92 -12.78 26.64 12.39
C ASP C 92 -13.50 27.40 11.28
N PHE C 93 -14.44 26.73 10.64
CA PHE C 93 -15.22 27.35 9.58
C PHE C 93 -16.16 28.39 10.19
N LYS C 94 -16.51 29.43 9.44
CA LYS C 94 -17.59 30.35 9.83
C LYS C 94 -18.98 29.70 9.81
N GLU C 95 -19.88 30.21 10.66
CA GLU C 95 -21.27 29.76 10.62
C GLU C 95 -21.81 29.92 9.20
N ASN C 96 -22.54 28.89 8.78
CA ASN C 96 -23.10 28.76 7.44
C ASN C 96 -22.12 28.54 6.28
N ASP C 97 -20.85 28.30 6.58
CA ASP C 97 -19.96 27.74 5.59
C ASP C 97 -20.53 26.41 5.12
N GLU C 98 -20.23 26.07 3.86
CA GLU C 98 -20.89 24.96 3.18
C GLU C 98 -19.91 23.79 3.05
N ILE C 99 -20.43 22.59 3.32
CA ILE C 99 -19.65 21.38 3.17
C ILE C 99 -20.48 20.47 2.26
N ILE C 100 -19.91 20.06 1.13
CA ILE C 100 -20.57 19.20 0.16
C ILE C 100 -20.55 17.78 0.74
N VAL C 101 -21.63 17.04 0.65
CA VAL C 101 -21.66 15.70 1.27
C VAL C 101 -22.69 14.83 0.50
N PRO C 102 -22.45 13.53 0.33
CA PRO C 102 -23.50 12.69 -0.27
C PRO C 102 -24.81 12.72 0.50
N ALA C 103 -25.92 12.80 -0.21
CA ALA C 103 -27.23 12.80 0.37
C ALA C 103 -27.62 11.47 1.01
N ASN C 104 -26.99 10.41 0.57
CA ASN C 104 -27.41 9.06 0.94
C ASN C 104 -26.58 8.34 2.01
N THR C 105 -25.62 9.04 2.60
CA THR C 105 -24.83 8.53 3.72
C THR C 105 -25.65 8.32 5.00
N TYR C 106 -25.04 7.68 6.01
CA TYR C 106 -25.63 7.59 7.34
C TYR C 106 -25.75 9.02 7.89
N ILE C 107 -26.81 9.25 8.64
CA ILE C 107 -27.06 10.56 9.17
C ILE C 107 -25.92 11.16 10.00
N ALA C 108 -25.14 10.35 10.73
CA ALA C 108 -24.04 10.90 11.51
C ALA C 108 -23.10 11.77 10.65
N SER C 109 -22.93 11.47 9.36
CA SER C 109 -22.02 12.25 8.54
C SER C 109 -22.55 13.68 8.53
N ILE C 110 -23.86 13.80 8.44
CA ILE C 110 -24.49 15.11 8.32
C ILE C 110 -24.58 15.78 9.69
N LEU C 111 -24.85 15.00 10.75
CA LEU C 111 -24.81 15.52 12.12
C LEU C 111 -23.55 16.28 12.42
N ALA C 112 -22.40 15.77 11.99
CA ALA C 112 -21.12 16.37 12.26
C ALA C 112 -20.99 17.74 11.62
N ILE C 113 -21.64 17.89 10.47
CA ILE C 113 -21.66 19.16 9.74
C ILE C 113 -22.55 20.16 10.47
N THR C 114 -23.79 19.79 10.72
CA THR C 114 -24.72 20.73 11.33
C THR C 114 -24.41 21.07 12.80
N ASP C 115 -23.80 20.15 13.55
CA ASP C 115 -23.36 20.45 14.93
C ASP C 115 -22.40 21.63 14.93
N ASN C 116 -21.70 21.80 13.82
CA ASN C 116 -20.62 22.77 13.74
C ASN C 116 -21.17 24.05 13.10
N LYS C 117 -22.49 24.06 12.94
CA LYS C 117 -23.24 25.13 12.30
C LYS C 117 -22.79 25.43 10.87
N CYS C 118 -22.37 24.37 10.21
CA CYS C 118 -22.17 24.38 8.78
C CYS C 118 -23.41 23.89 8.04
N LYS C 119 -23.53 24.32 6.79
CA LYS C 119 -24.62 23.89 5.93
C LYS C 119 -24.18 22.71 5.08
N PRO C 120 -24.88 21.57 5.24
CA PRO C 120 -24.66 20.40 4.43
C PRO C 120 -25.27 20.53 3.05
N ILE C 121 -24.42 20.57 2.02
CA ILE C 121 -24.88 20.61 0.63
C ILE C 121 -24.94 19.19 0.04
N LEU C 122 -26.16 18.69 -0.11
CA LEU C 122 -26.41 17.28 -0.29
C LEU C 122 -26.37 16.98 -1.78
N ILE C 123 -25.51 16.01 -2.14
CA ILE C 123 -25.33 15.61 -3.53
C ILE C 123 -25.82 14.19 -3.75
N GLU C 124 -26.50 14.00 -4.87
CA GLU C 124 -26.99 12.69 -5.23
C GLU C 124 -25.88 11.68 -5.46
N PRO C 125 -26.12 10.45 -5.02
CA PRO C 125 -25.13 9.47 -5.40
C PRO C 125 -25.23 8.97 -6.83
N ASP C 126 -24.24 8.20 -7.26
CA ASP C 126 -24.34 7.36 -8.44
C ASP C 126 -25.10 6.09 -8.09
N ILE C 127 -26.17 5.81 -8.82
CA ILE C 127 -26.99 4.63 -8.57
C ILE C 127 -26.16 3.33 -8.65
N ASN C 128 -25.03 3.34 -9.38
CA ASN C 128 -24.22 2.15 -9.64
C ASN C 128 -23.05 2.02 -8.68
N THR C 129 -22.88 3.00 -7.80
CA THR C 129 -21.90 2.91 -6.74
C THR C 129 -22.43 3.09 -5.31
N TYR C 130 -23.57 3.76 -5.14
CA TYR C 130 -24.10 4.23 -3.86
C TYR C 130 -23.16 5.26 -3.21
N ASN C 131 -22.17 5.73 -3.96
CA ASN C 131 -21.28 6.77 -3.48
C ASN C 131 -21.56 8.08 -4.20
N ILE C 132 -21.13 9.21 -3.63
CA ILE C 132 -21.41 10.54 -4.21
C ILE C 132 -21.07 10.51 -5.71
N ASN C 133 -21.90 11.10 -6.55
CA ASN C 133 -21.55 11.20 -7.96
C ASN C 133 -20.64 12.38 -8.16
N PRO C 134 -19.34 12.16 -8.42
CA PRO C 134 -18.48 13.34 -8.49
C PRO C 134 -18.87 14.33 -9.60
N ASP C 135 -19.55 13.84 -10.63
CA ASP C 135 -19.99 14.65 -11.77
C ASP C 135 -20.96 15.73 -11.31
N LEU C 136 -21.50 15.56 -10.10
CA LEU C 136 -22.58 16.43 -9.60
C LEU C 136 -22.18 17.48 -8.56
N ILE C 137 -20.90 17.50 -8.19
CA ILE C 137 -20.43 18.34 -7.12
C ILE C 137 -20.21 19.77 -7.57
N GLU C 138 -19.52 19.92 -8.70
CA GLU C 138 -19.00 21.23 -9.08
C GLU C 138 -20.09 22.30 -9.21
N GLU C 139 -21.24 21.90 -9.74
CA GLU C 139 -22.35 22.85 -9.98
C GLU C 139 -22.94 23.37 -8.68
N LYS C 140 -22.61 22.72 -7.56
CA LYS C 140 -23.05 23.17 -6.23
C LYS C 140 -22.00 23.89 -5.39
N ILE C 141 -20.80 24.08 -5.92
CA ILE C 141 -19.82 24.86 -5.22
C ILE C 141 -20.07 26.35 -5.34
N THR C 142 -20.01 27.00 -4.20
CA THR C 142 -20.07 28.45 -4.14
C THR C 142 -18.87 29.04 -3.39
N LYS C 143 -18.87 30.36 -3.25
CA LYS C 143 -17.86 31.02 -2.49
C LYS C 143 -17.86 30.55 -1.03
N LYS C 144 -18.99 29.99 -0.59
CA LYS C 144 -19.15 29.56 0.81
C LYS C 144 -18.65 28.15 1.08
N THR C 145 -18.38 27.43 0.00
CA THR C 145 -17.98 26.05 0.13
C THR C 145 -16.58 25.98 0.72
N LYS C 146 -16.41 25.16 1.78
CA LYS C 146 -15.12 25.04 2.44
C LYS C 146 -14.54 23.62 2.43
N ALA C 147 -15.39 22.64 2.16
CA ALA C 147 -14.94 21.24 2.21
C ALA C 147 -15.84 20.34 1.43
N ILE C 148 -15.28 19.20 1.04
CA ILE C 148 -16.03 18.06 0.56
C ILE C 148 -15.80 16.95 1.57
N MET C 149 -16.90 16.46 2.15
CA MET C 149 -16.92 15.22 2.95
C MET C 149 -17.25 14.06 2.02
N VAL C 150 -16.24 13.32 1.61
CA VAL C 150 -16.40 12.03 0.91
C VAL C 150 -16.66 10.91 1.90
N VAL C 151 -17.63 10.07 1.57
CA VAL C 151 -17.97 8.86 2.31
C VAL C 151 -17.71 7.66 1.43
N HIS C 152 -17.04 6.65 1.97
CA HIS C 152 -16.77 5.40 1.26
C HIS C 152 -17.84 4.44 1.74
N LEU C 153 -19.01 4.59 1.16
CA LEU C 153 -20.23 4.00 1.70
C LEU C 153 -20.27 2.47 1.50
N TYR C 154 -20.61 1.75 2.56
CA TYR C 154 -20.81 0.30 2.58
C TYR C 154 -19.49 -0.45 2.53
N GLY C 155 -18.37 0.28 2.41
CA GLY C 155 -17.03 -0.32 2.32
C GLY C 155 -16.38 -0.11 0.96
N GLN C 156 -17.08 0.59 0.06
CA GLN C 156 -16.52 0.88 -1.25
C GLN C 156 -15.81 2.22 -1.35
N VAL C 157 -14.57 2.23 -1.78
CA VAL C 157 -13.87 3.49 -1.98
CA VAL C 157 -13.90 3.50 -1.96
C VAL C 157 -14.63 4.29 -3.02
N CYS C 158 -14.76 5.59 -2.77
CA CYS C 158 -15.26 6.49 -3.77
CA CYS C 158 -15.24 6.61 -3.72
C CYS C 158 -14.13 6.80 -4.74
N ASP C 159 -14.44 6.83 -6.04
CA ASP C 159 -13.51 7.45 -6.96
C ASP C 159 -13.13 8.85 -6.45
N MET C 160 -11.84 9.09 -6.39
CA MET C 160 -11.29 10.31 -5.82
C MET C 160 -10.73 11.30 -6.86
N GLU C 161 -10.61 10.85 -8.11
CA GLU C 161 -9.96 11.70 -9.12
C GLU C 161 -10.56 13.09 -9.26
N LYS C 162 -11.85 13.17 -9.56
CA LYS C 162 -12.49 14.47 -9.74
C LYS C 162 -12.59 15.18 -8.40
N ILE C 163 -12.82 14.43 -7.31
CA ILE C 163 -12.90 15.11 -6.03
C ILE C 163 -11.64 15.85 -5.65
N GLN C 164 -10.51 15.19 -5.86
CA GLN C 164 -9.22 15.80 -5.61
C GLN C 164 -8.95 16.98 -6.54
N LEU C 165 -9.38 16.86 -7.79
CA LEU C 165 -9.25 17.97 -8.73
C LEU C 165 -10.05 19.16 -8.22
N LEU C 166 -11.29 18.95 -7.81
CA LEU C 166 -12.15 20.02 -7.35
C LEU C 166 -11.60 20.65 -6.06
N ALA C 167 -11.04 19.85 -5.16
CA ALA C 167 -10.49 20.44 -3.97
C ALA C 167 -9.34 21.37 -4.26
N ASN C 168 -8.51 20.97 -5.22
N ASN C 168 -8.53 20.98 -5.22
CA ASN C 168 -7.45 21.83 -5.75
CA ASN C 168 -7.48 21.84 -5.71
C ASN C 168 -7.99 23.10 -6.40
C ASN C 168 -8.00 23.10 -6.40
N LYS C 169 -8.92 22.95 -7.33
CA LYS C 169 -9.50 24.12 -8.03
C LYS C 169 -10.13 25.17 -7.12
N TYR C 170 -10.81 24.71 -6.06
CA TYR C 170 -11.68 25.59 -5.29
C TYR C 170 -11.18 25.76 -3.84
N ASN C 171 -9.97 25.27 -3.56
CA ASN C 171 -9.36 25.42 -2.26
C ASN C 171 -10.22 24.84 -1.12
N LEU C 172 -10.58 23.55 -1.26
CA LEU C 172 -11.50 22.93 -0.34
C LEU C 172 -10.71 21.88 0.39
N LYS C 173 -11.10 21.67 1.64
CA LYS C 173 -10.59 20.52 2.36
C LYS C 173 -11.32 19.27 1.95
N ILE C 174 -10.59 18.18 1.90
CA ILE C 174 -11.25 16.86 1.76
C ILE C 174 -11.28 16.13 3.10
N ILE C 175 -12.50 15.83 3.54
CA ILE C 175 -12.71 15.15 4.82
C ILE C 175 -13.23 13.77 4.47
N GLU C 176 -12.51 12.74 4.81
CA GLU C 176 -13.02 11.38 4.52
C GLU C 176 -13.78 10.83 5.70
N ASP C 177 -15.00 10.42 5.49
CA ASP C 177 -15.70 9.58 6.42
C ASP C 177 -15.47 8.11 6.05
N CYS C 178 -14.61 7.50 6.85
CA CYS C 178 -14.12 6.18 6.57
C CYS C 178 -14.75 5.12 7.44
N ALA C 179 -15.82 5.50 8.12
CA ALA C 179 -16.49 4.65 9.12
C ALA C 179 -16.88 3.27 8.61
N GLN C 180 -17.03 3.10 7.32
CA GLN C 180 -17.53 1.84 6.78
C GLN C 180 -16.54 1.11 5.91
N ALA C 181 -15.32 1.66 5.77
CA ALA C 181 -14.41 1.24 4.72
C ALA C 181 -12.97 0.97 5.17
N HIS C 182 -12.75 0.66 6.45
CA HIS C 182 -11.41 0.42 7.01
C HIS C 182 -10.58 -0.43 6.06
N GLY C 183 -9.44 0.10 5.60
CA GLY C 183 -8.48 -0.68 4.84
C GLY C 183 -8.68 -0.74 3.36
N ALA C 184 -9.77 -0.16 2.86
CA ALA C 184 -9.95 -0.11 1.41
C ALA C 184 -8.87 0.78 0.76
N ILE C 185 -8.62 0.54 -0.53
CA ILE C 185 -7.42 1.06 -1.23
C ILE C 185 -7.91 1.67 -2.52
N TYR C 186 -7.55 2.93 -2.71
CA TYR C 186 -7.73 3.63 -3.97
C TYR C 186 -6.34 3.83 -4.59
N LYS C 187 -6.15 3.13 -5.70
CA LYS C 187 -4.87 3.16 -6.42
C LYS C 187 -3.78 2.79 -5.45
N ASP C 188 -2.93 3.73 -5.08
CA ASP C 188 -1.72 3.50 -4.32
C ASP C 188 -1.84 3.84 -2.84
N LYS C 189 -3.03 4.22 -2.35
CA LYS C 189 -3.17 4.68 -0.96
C LYS C 189 -4.44 4.12 -0.30
N ARG C 190 -4.36 3.98 1.03
CA ARG C 190 -5.49 3.52 1.82
C ARG C 190 -6.48 4.65 2.06
N VAL C 191 -7.76 4.28 2.15
CA VAL C 191 -8.76 5.22 2.71
C VAL C 191 -8.22 5.66 4.05
N GLY C 192 -8.41 6.95 4.34
CA GLY C 192 -7.76 7.55 5.47
C GLY C 192 -6.62 8.44 5.04
N ASN C 193 -6.04 8.22 3.85
CA ASN C 193 -4.92 9.00 3.32
C ASN C 193 -5.26 9.57 1.94
N LEU C 194 -6.54 9.76 1.66
CA LEU C 194 -6.92 10.22 0.35
C LEU C 194 -7.31 11.69 0.39
N GLY C 195 -7.39 12.28 1.58
CA GLY C 195 -7.80 13.68 1.63
C GLY C 195 -6.90 14.40 2.60
N ASP C 196 -7.47 15.40 3.27
CA ASP C 196 -6.74 16.17 4.29
C ASP C 196 -6.79 15.62 5.71
N ALA C 197 -7.99 15.15 6.04
CA ALA C 197 -8.19 14.45 7.28
C ALA C 197 -9.36 13.50 7.21
N ALA C 198 -9.26 12.46 8.01
CA ALA C 198 -10.20 11.34 7.93
C ALA C 198 -10.66 10.93 9.30
N GLY C 199 -11.96 10.63 9.39
CA GLY C 199 -12.66 10.12 10.56
C GLY C 199 -13.01 8.64 10.37
N PHE C 200 -12.72 7.89 11.43
CA PHE C 200 -13.10 6.50 11.53
C PHE C 200 -13.99 6.28 12.73
N SER C 201 -14.98 5.42 12.52
CA SER C 201 -15.67 4.70 13.59
C SER C 201 -15.09 3.33 13.84
N PHE C 202 -14.99 3.02 15.14
CA PHE C 202 -14.70 1.65 15.57
C PHE C 202 -15.82 1.14 16.46
N TYR C 203 -17.04 1.57 16.18
CA TYR C 203 -18.23 0.94 16.75
C TYR C 203 -18.15 -0.57 16.53
N PRO C 204 -18.78 -1.38 17.41
CA PRO C 204 -18.40 -2.80 17.39
C PRO C 204 -18.75 -3.53 16.09
N GLY C 205 -19.78 -3.08 15.38
CA GLY C 205 -20.20 -3.62 14.10
C GLY C 205 -19.30 -3.30 12.91
N LYS C 206 -18.34 -2.38 13.04
CA LYS C 206 -17.55 -1.97 11.89
C LYS C 206 -16.50 -3.02 11.55
N ASN C 207 -15.86 -2.89 10.40
CA ASN C 207 -14.96 -3.94 9.99
C ASN C 207 -13.77 -4.12 10.96
N LEU C 208 -13.35 -3.04 11.62
CA LEU C 208 -12.58 -3.13 12.83
C LEU C 208 -13.36 -2.50 13.95
N GLY C 209 -13.93 -3.36 14.80
CA GLY C 209 -14.83 -2.93 15.83
C GLY C 209 -14.21 -3.07 17.22
N ALA C 210 -14.50 -2.11 18.09
CA ALA C 210 -14.18 -2.19 19.49
C ALA C 210 -15.23 -3.01 20.24
N LEU C 211 -15.09 -3.09 21.56
CA LEU C 211 -16.09 -3.65 22.48
C LEU C 211 -16.67 -2.50 23.30
N GLY C 212 -17.10 -1.44 22.60
CA GLY C 212 -17.58 -0.22 23.21
C GLY C 212 -17.49 0.80 22.10
N ASP C 213 -17.97 2.01 22.38
CA ASP C 213 -17.84 3.11 21.44
C ASP C 213 -16.35 3.50 21.26
N ALA C 214 -15.90 3.84 20.06
CA ALA C 214 -14.47 4.12 19.82
C ALA C 214 -14.41 4.73 18.43
N GLY C 215 -13.37 5.50 18.15
CA GLY C 215 -13.14 6.08 16.84
C GLY C 215 -11.74 6.67 16.78
N CYS C 216 -11.41 7.27 15.65
CA CYS C 216 -10.16 8.00 15.50
C CYS C 216 -10.20 9.03 14.36
N ILE C 217 -9.17 9.89 14.30
CA ILE C 217 -8.95 10.83 13.24
C ILE C 217 -7.54 10.52 12.77
N CYS C 218 -7.40 10.51 11.45
CA CYS C 218 -6.11 10.29 10.79
C CYS C 218 -5.77 11.49 9.95
N THR C 219 -4.50 11.89 9.93
CA THR C 219 -4.04 13.04 9.10
C THR C 219 -2.52 13.03 9.03
N ASN C 220 -1.99 13.74 8.03
CA ASN C 220 -0.54 13.91 7.90
C ASN C 220 -0.08 15.23 8.47
N ASP C 221 -0.98 16.11 8.88
CA ASP C 221 -0.56 17.47 9.18
C ASP C 221 -0.28 17.60 10.67
N ASP C 222 0.95 17.97 11.00
CA ASP C 222 1.42 18.02 12.37
C ASP C 222 0.54 18.95 13.18
N ASN C 223 0.28 20.15 12.63
CA ASN C 223 -0.34 21.18 13.44
C ASN C 223 -1.80 20.81 13.70
N PHE C 224 -2.43 20.25 12.66
CA PHE C 224 -3.82 19.83 12.78
C PHE C 224 -3.94 18.72 13.81
N ALA C 225 -3.06 17.74 13.75
CA ALA C 225 -3.07 16.66 14.73
C ALA C 225 -2.94 17.15 16.18
N SER C 226 -2.05 18.09 16.44
CA SER C 226 -1.88 18.57 17.79
CA SER C 226 -1.88 18.60 17.79
C SER C 226 -3.15 19.33 18.21
N LYS C 227 -3.74 20.06 17.28
CA LYS C 227 -4.95 20.82 17.61
C LYS C 227 -6.10 19.85 17.92
N ILE C 228 -6.21 18.81 17.11
CA ILE C 228 -7.22 17.79 17.39
C ILE C 228 -7.06 17.15 18.78
N ARG C 229 -5.84 16.79 19.14
CA ARG C 229 -5.67 16.18 20.46
C ARG C 229 -6.12 17.08 21.59
N ALA C 230 -5.81 18.38 21.48
CA ALA C 230 -6.28 19.32 22.50
C ALA C 230 -7.79 19.44 22.44
N LEU C 231 -8.37 19.53 21.26
CA LEU C 231 -9.82 19.74 21.13
C LEU C 231 -10.59 18.54 21.69
N ALA C 232 -9.97 17.35 21.74
CA ALA C 232 -10.65 16.14 22.23
C ALA C 232 -10.37 15.91 23.71
N ASN C 233 -9.56 16.80 24.29
CA ASN C 233 -9.21 16.70 25.68
C ASN C 233 -9.61 17.97 26.42
N TYR C 234 -10.89 18.37 26.32
CA TYR C 234 -11.39 19.62 26.94
C TYR C 234 -10.89 20.92 26.30
N GLY C 235 -10.07 20.82 25.26
CA GLY C 235 -9.31 21.96 24.71
C GLY C 235 -7.98 22.18 25.37
N SER C 236 -7.58 21.21 26.17
CA SER C 236 -6.42 21.35 27.02
C SER C 236 -5.22 20.68 26.37
N HIS C 237 -4.18 21.46 26.11
CA HIS C 237 -2.90 20.96 25.60
C HIS C 237 -1.90 20.59 26.69
N LYS C 238 -2.07 21.17 27.87
CA LYS C 238 -1.14 21.04 28.99
C LYS C 238 -2.02 21.03 30.23
N LYS C 239 -1.76 20.15 31.19
CA LYS C 239 -2.55 20.12 32.42
C LYS C 239 -2.78 21.54 33.04
N TYR C 240 -4.02 21.79 33.41
CA TYR C 240 -4.53 23.07 33.99
C TYR C 240 -4.92 24.16 33.01
N GLU C 241 -4.50 24.05 31.74
CA GLU C 241 -4.68 25.13 30.79
C GLU C 241 -5.57 24.68 29.66
N ASN C 242 -6.39 25.61 29.19
CA ASN C 242 -7.26 25.32 28.06
C ASN C 242 -7.12 26.34 26.95
N LEU C 243 -6.43 25.93 25.88
CA LEU C 243 -6.26 26.78 24.72
C LEU C 243 -7.55 27.00 23.97
N TYR C 244 -8.41 25.98 23.91
CA TYR C 244 -9.66 26.00 23.13
C TYR C 244 -10.82 25.59 24.01
N THR C 245 -12.02 25.92 23.56
CA THR C 245 -13.25 25.36 24.13
C THR C 245 -13.48 24.01 23.49
N GLY C 246 -13.00 22.98 24.14
CA GLY C 246 -13.01 21.67 23.54
C GLY C 246 -14.10 20.77 24.10
N LEU C 247 -14.02 19.53 23.67
CA LEU C 247 -14.87 18.44 24.09
C LEU C 247 -14.08 17.33 24.80
N ASN C 248 -14.81 16.37 25.33
CA ASN C 248 -14.23 15.18 25.97
C ASN C 248 -14.43 13.98 25.04
N SER C 249 -13.41 13.64 24.25
CA SER C 249 -13.61 12.62 23.25
C SER C 249 -12.39 11.76 23.10
N ARG C 250 -12.31 10.70 23.90
CA ARG C 250 -11.08 9.90 24.03
C ARG C 250 -11.37 8.43 23.83
N LEU C 251 -10.34 7.71 23.44
CA LEU C 251 -10.34 6.29 23.22
C LEU C 251 -9.82 5.60 24.44
N ASP C 252 -10.66 4.83 25.13
CA ASP C 252 -10.23 4.21 26.39
C ASP C 252 -9.04 3.24 26.11
N GLU C 253 -8.10 3.23 27.05
CA GLU C 253 -7.03 2.20 27.07
C GLU C 253 -7.56 0.78 26.75
N ILE C 254 -8.67 0.35 27.38
CA ILE C 254 -9.04 -1.03 27.12
C ILE C 254 -9.42 -1.18 25.63
N GLN C 255 -10.08 -0.16 25.06
CA GLN C 255 -10.62 -0.32 23.72
C GLN C 255 -9.47 -0.23 22.72
N ALA C 256 -8.50 0.66 23.00
CA ALA C 256 -7.27 0.72 22.18
C ALA C 256 -6.57 -0.63 22.08
N ALA C 257 -6.43 -1.24 23.25
CA ALA C 257 -5.87 -2.59 23.32
C ALA C 257 -6.59 -3.64 22.47
N PHE C 258 -7.91 -3.68 22.64
CA PHE C 258 -8.73 -4.63 21.89
C PHE C 258 -8.61 -4.39 20.38
N LEU C 259 -8.61 -3.11 20.00
CA LEU C 259 -8.49 -2.75 18.58
C LEU C 259 -7.11 -3.17 18.02
N ASP C 260 -6.06 -2.96 18.81
CA ASP C 260 -4.74 -3.29 18.31
C ASP C 260 -4.58 -4.82 18.11
N ILE C 261 -5.23 -5.63 18.97
CA ILE C 261 -5.28 -7.08 18.78
C ILE C 261 -5.93 -7.41 17.45
N LYS C 262 -7.10 -6.81 17.22
CA LYS C 262 -7.84 -7.14 16.01
C LYS C 262 -7.23 -6.54 14.74
N LEU C 263 -6.53 -5.40 14.84
CA LEU C 263 -5.93 -4.77 13.66
C LEU C 263 -5.00 -5.71 12.89
N LYS C 264 -4.36 -6.60 13.63
CA LYS C 264 -3.44 -7.56 13.01
C LYS C 264 -4.14 -8.50 12.05
N TYR C 265 -5.46 -8.67 12.21
CA TYR C 265 -6.27 -9.47 11.29
C TYR C 265 -7.19 -8.78 10.34
N LEU C 266 -7.13 -7.45 10.28
CA LEU C 266 -8.04 -6.67 9.51
C LEU C 266 -7.92 -6.92 8.02
N ASP C 267 -6.72 -6.92 7.45
CA ASP C 267 -6.61 -7.22 6.04
C ASP C 267 -7.12 -8.63 5.75
N GLU C 268 -6.76 -9.60 6.59
CA GLU C 268 -7.12 -10.98 6.33
C GLU C 268 -8.63 -11.06 6.39
N ASP C 269 -9.22 -10.37 7.35
CA ASP C 269 -10.66 -10.40 7.56
C ASP C 269 -11.40 -9.74 6.39
N ASN C 270 -10.94 -8.58 5.95
CA ASN C 270 -11.56 -7.92 4.82
C ASN C 270 -11.52 -8.78 3.56
N ASN C 271 -10.40 -9.46 3.37
CA ASN C 271 -10.32 -10.35 2.22
C ASN C 271 -11.33 -11.52 2.29
N LYS C 272 -11.56 -12.06 3.49
CA LYS C 272 -12.61 -13.06 3.69
C LYS C 272 -13.95 -12.49 3.37
N ARG C 273 -14.22 -11.23 3.73
CA ARG C 273 -15.48 -10.63 3.34
C ARG C 273 -15.59 -10.57 1.81
N LYS C 274 -14.50 -10.22 1.13
CA LYS C 274 -14.52 -10.17 -0.33
CA LYS C 274 -14.52 -10.15 -0.32
C LYS C 274 -14.90 -11.53 -0.88
N ASN C 275 -14.36 -12.60 -0.29
CA ASN C 275 -14.60 -13.98 -0.75
C ASN C 275 -16.11 -14.21 -0.68
N ILE C 276 -16.72 -13.72 0.39
CA ILE C 276 -18.15 -13.97 0.55
C ILE C 276 -19.00 -13.10 -0.36
N ALA C 277 -18.64 -11.81 -0.46
CA ALA C 277 -19.40 -10.91 -1.33
C ALA C 277 -19.34 -11.44 -2.76
N ASN C 278 -18.17 -11.87 -3.17
CA ASN C 278 -18.04 -12.41 -4.52
C ASN C 278 -18.90 -13.67 -4.71
N PHE C 279 -19.01 -14.47 -3.65
CA PHE C 279 -19.84 -15.66 -3.70
C PHE C 279 -21.29 -15.20 -3.92
N TYR C 280 -21.76 -14.22 -3.17
CA TYR C 280 -23.12 -13.70 -3.35
C TYR C 280 -23.29 -13.11 -4.77
N LEU C 281 -22.34 -12.31 -5.24
CA LEU C 281 -22.46 -11.70 -6.53
C LEU C 281 -22.49 -12.74 -7.62
N GLN C 282 -21.83 -13.91 -7.44
CA GLN C 282 -21.74 -14.90 -8.52
C GLN C 282 -22.88 -15.90 -8.45
N ASN C 283 -23.49 -16.04 -7.29
CA ASN C 283 -24.45 -17.15 -7.06
C ASN C 283 -25.91 -16.73 -6.89
N ILE C 284 -26.17 -15.48 -6.53
CA ILE C 284 -27.53 -14.99 -6.48
C ILE C 284 -28.01 -14.58 -7.85
N LYS C 285 -29.07 -15.23 -8.31
CA LYS C 285 -29.65 -14.97 -9.60
C LYS C 285 -31.13 -14.75 -9.41
N ASN C 286 -31.54 -13.50 -9.28
CA ASN C 286 -32.96 -13.23 -9.10
C ASN C 286 -33.32 -11.95 -9.78
N GLU C 287 -34.28 -12.03 -10.70
CA GLU C 287 -34.64 -10.88 -11.51
C GLU C 287 -35.21 -9.72 -10.68
N ASN C 288 -35.63 -10.00 -9.45
CA ASN C 288 -36.14 -8.98 -8.51
C ASN C 288 -35.07 -8.29 -7.67
N ILE C 289 -33.81 -8.70 -7.84
CA ILE C 289 -32.72 -8.24 -6.97
C ILE C 289 -31.58 -7.68 -7.82
N ILE C 290 -31.21 -6.43 -7.56
CA ILE C 290 -30.00 -5.83 -8.09
C ILE C 290 -28.90 -5.95 -7.04
N LEU C 291 -27.82 -6.57 -7.49
CA LEU C 291 -26.66 -6.86 -6.67
C LEU C 291 -25.69 -5.68 -6.69
N PRO C 292 -24.98 -5.50 -5.56
CA PRO C 292 -24.00 -4.41 -5.47
C PRO C 292 -22.67 -4.71 -6.17
N SER C 293 -22.68 -4.84 -7.47
CA SER C 293 -21.45 -5.07 -8.20
C SER C 293 -20.55 -3.84 -7.99
N ASN C 294 -19.34 -4.04 -7.44
CA ASN C 294 -18.42 -2.95 -7.11
C ASN C 294 -17.67 -2.47 -8.38
N LYS C 295 -17.47 -1.16 -8.47
CA LYS C 295 -16.70 -0.48 -9.50
C LYS C 295 -15.30 -0.17 -8.99
N PHE C 296 -15.16 -0.02 -7.68
CA PHE C 296 -13.84 0.21 -7.08
C PHE C 296 -13.59 -0.73 -5.90
N ASP C 297 -12.43 -0.63 -5.25
CA ASP C 297 -12.15 -1.54 -4.16
C ASP C 297 -13.22 -1.44 -3.10
N HIS C 298 -13.50 -2.59 -2.52
CA HIS C 298 -14.60 -2.74 -1.57
C HIS C 298 -14.18 -3.70 -0.47
N VAL C 299 -14.36 -3.30 0.79
CA VAL C 299 -14.13 -4.19 1.93
C VAL C 299 -15.41 -4.73 2.61
N TRP C 300 -16.56 -4.39 2.04
CA TRP C 300 -17.80 -5.12 2.26
C TRP C 300 -18.22 -5.16 3.72
N HIS C 301 -18.20 -3.98 4.32
CA HIS C 301 -18.81 -3.77 5.64
C HIS C 301 -20.27 -4.20 5.58
N LEU C 302 -20.91 -3.79 4.48
CA LEU C 302 -22.32 -4.03 4.22
C LEU C 302 -22.44 -4.60 2.83
N PHE C 303 -23.26 -5.65 2.70
CA PHE C 303 -23.55 -6.22 1.37
C PHE C 303 -25.00 -5.87 1.03
N VAL C 304 -25.18 -4.87 0.16
CA VAL C 304 -26.44 -4.19 0.02
C VAL C 304 -27.12 -4.54 -1.31
N VAL C 305 -28.30 -5.16 -1.23
CA VAL C 305 -29.06 -5.58 -2.40
C VAL C 305 -30.21 -4.57 -2.57
N LYS C 306 -30.78 -4.53 -3.77
CA LYS C 306 -31.79 -3.50 -4.07
C LYS C 306 -32.98 -4.15 -4.79
N THR C 307 -34.17 -3.94 -4.23
CA THR C 307 -35.38 -4.55 -4.80
C THR C 307 -36.59 -3.63 -4.64
N LYS C 308 -37.55 -3.70 -5.57
CA LYS C 308 -38.80 -2.97 -5.46
C LYS C 308 -39.68 -3.51 -4.34
N LEU C 309 -39.39 -4.73 -3.89
CA LEU C 309 -40.21 -5.49 -2.93
C LEU C 309 -39.41 -5.72 -1.61
N ARG C 310 -38.86 -4.62 -1.08
CA ARG C 310 -37.84 -4.67 -0.04
C ARG C 310 -38.41 -5.15 1.29
N ASP C 311 -39.56 -4.62 1.68
CA ASP C 311 -40.14 -5.07 2.94
C ASP C 311 -40.51 -6.55 2.84
N GLU C 312 -41.01 -6.97 1.68
N GLU C 312 -41.01 -6.96 1.68
CA GLU C 312 -41.41 -8.35 1.46
CA GLU C 312 -41.41 -8.33 1.45
C GLU C 312 -40.22 -9.31 1.51
C GLU C 312 -40.22 -9.30 1.52
N LEU C 313 -39.12 -8.93 0.86
CA LEU C 313 -37.89 -9.68 0.95
C LEU C 313 -37.39 -9.84 2.40
N GLN C 314 -37.40 -8.77 3.19
CA GLN C 314 -37.08 -8.87 4.61
C GLN C 314 -37.96 -9.89 5.37
N HIS C 315 -39.25 -9.90 5.07
CA HIS C 315 -40.18 -10.86 5.66
C HIS C 315 -39.89 -12.32 5.25
N TYR C 316 -39.65 -12.53 3.96
CA TYR C 316 -39.20 -13.83 3.46
C TYR C 316 -37.97 -14.33 4.18
N LEU C 317 -36.95 -13.49 4.32
CA LEU C 317 -35.71 -13.95 4.92
C LEU C 317 -35.91 -14.25 6.40
N ASN C 318 -36.69 -13.38 7.06
CA ASN C 318 -37.00 -13.54 8.50
C ASN C 318 -37.63 -14.91 8.76
N ASN C 319 -38.50 -15.29 7.84
CA ASN C 319 -39.21 -16.56 7.92
C ASN C 319 -38.38 -17.76 7.45
N HIS C 320 -37.10 -17.53 7.16
CA HIS C 320 -36.10 -18.60 7.12
C HIS C 320 -35.05 -18.45 8.21
N ASP C 321 -35.40 -17.66 9.22
CA ASP C 321 -34.54 -17.42 10.37
C ASP C 321 -33.22 -16.76 10.00
N ILE C 322 -33.33 -15.80 9.10
CA ILE C 322 -32.18 -14.97 8.67
C ILE C 322 -32.50 -13.52 9.00
N GLN C 323 -31.71 -12.94 9.90
CA GLN C 323 -31.84 -11.54 10.28
C GLN C 323 -31.17 -10.61 9.28
N THR C 324 -31.90 -9.61 8.82
CA THR C 324 -31.31 -8.52 8.07
C THR C 324 -31.61 -7.17 8.69
N ILE C 325 -30.85 -6.17 8.25
CA ILE C 325 -30.97 -4.76 8.65
C ILE C 325 -31.00 -3.91 7.38
N ILE C 326 -31.68 -2.77 7.44
CA ILE C 326 -31.69 -1.84 6.30
C ILE C 326 -30.69 -0.73 6.51
N HIS C 327 -29.84 -0.45 5.52
CA HIS C 327 -28.92 0.68 5.58
C HIS C 327 -29.15 1.47 4.29
N TYR C 328 -30.14 2.36 4.24
CA TYR C 328 -30.97 2.85 5.35
C TYR C 328 -32.33 3.13 4.72
N PRO C 329 -33.41 3.14 5.55
CA PRO C 329 -34.75 3.28 4.96
C PRO C 329 -35.27 4.71 4.91
N ILE C 330 -34.70 5.62 5.70
CA ILE C 330 -35.08 7.01 5.66
C ILE C 330 -33.79 7.84 5.51
N PRO C 331 -33.70 8.66 4.45
CA PRO C 331 -32.51 9.46 4.17
C PRO C 331 -32.51 10.67 5.12
N PRO C 332 -31.33 11.25 5.39
CA PRO C 332 -31.26 12.36 6.33
C PRO C 332 -32.25 13.49 6.05
N HIS C 333 -32.37 13.90 4.78
CA HIS C 333 -33.22 15.05 4.47
C HIS C 333 -34.70 14.84 4.78
N LYS C 334 -35.12 13.59 4.89
CA LYS C 334 -36.51 13.24 5.20
C LYS C 334 -36.80 12.96 6.68
N GLN C 335 -35.78 13.11 7.52
CA GLN C 335 -35.90 12.94 8.95
C GLN C 335 -36.58 14.15 9.60
N LYS C 336 -37.31 13.84 10.66
CA LYS C 336 -37.93 14.88 11.51
C LYS C 336 -36.92 15.92 11.97
N CYS C 337 -35.72 15.49 12.35
CA CYS C 337 -34.72 16.43 12.87
C CYS C 337 -34.21 17.41 11.80
N TYR C 338 -34.46 17.12 10.53
CA TYR C 338 -34.05 18.01 9.45
C TYR C 338 -35.26 18.54 8.65
N LYS C 339 -36.28 19.00 9.36
CA LYS C 339 -37.50 19.54 8.76
C LYS C 339 -37.15 20.51 7.63
N ASP C 340 -36.17 21.35 7.90
CA ASP C 340 -35.72 22.36 6.94
C ASP C 340 -35.36 21.76 5.57
N LEU C 341 -34.99 20.48 5.54
CA LEU C 341 -34.53 19.84 4.31
C LEU C 341 -35.58 18.93 3.67
N ASN C 342 -36.73 18.77 4.32
CA ASN C 342 -37.67 17.74 3.89
C ASN C 342 -38.12 18.01 2.44
N HIS C 343 -38.10 19.27 2.05
CA HIS C 343 -38.60 19.70 0.74
C HIS C 343 -37.69 19.29 -0.40
N LEU C 344 -36.45 18.90 -0.11
CA LEU C 344 -35.43 18.76 -1.14
C LEU C 344 -35.76 17.56 -2.00
N LYS C 345 -35.55 17.72 -3.30
CA LYS C 345 -35.89 16.67 -4.28
C LYS C 345 -34.63 15.86 -4.62
N LEU C 346 -34.53 14.69 -3.99
CA LEU C 346 -33.37 13.84 -4.17
C LEU C 346 -33.86 12.45 -4.53
N PRO C 347 -34.43 12.30 -5.73
CA PRO C 347 -35.06 11.05 -6.10
C PRO C 347 -34.16 9.83 -6.16
N ILE C 348 -32.88 10.02 -6.46
CA ILE C 348 -32.00 8.87 -6.46
C ILE C 348 -31.82 8.32 -5.06
N THR C 349 -31.42 9.22 -4.17
CA THR C 349 -31.27 8.92 -2.74
C THR C 349 -32.57 8.34 -2.18
N GLU C 350 -33.72 8.90 -2.55
CA GLU C 350 -34.99 8.44 -1.99
C GLU C 350 -35.35 7.06 -2.46
N ASN C 351 -35.12 6.82 -3.76
CA ASN C 351 -35.33 5.48 -4.30
C ASN C 351 -34.44 4.42 -3.63
N ILE C 352 -33.16 4.72 -3.48
CA ILE C 352 -32.26 3.76 -2.82
C ILE C 352 -32.83 3.38 -1.43
N HIS C 353 -33.22 4.39 -0.67
CA HIS C 353 -33.68 4.16 0.70
C HIS C 353 -34.98 3.39 0.71
N GLN C 354 -35.77 3.52 -0.36
CA GLN C 354 -36.96 2.68 -0.54
C GLN C 354 -36.72 1.17 -0.78
N GLU C 355 -35.53 0.87 -1.28
CA GLU C 355 -35.26 -0.36 -2.02
C GLU C 355 -34.14 -1.23 -1.44
N VAL C 356 -33.33 -0.69 -0.52
CA VAL C 356 -32.14 -1.45 -0.12
C VAL C 356 -32.37 -2.33 1.09
N LEU C 357 -31.69 -3.48 1.09
CA LEU C 357 -31.65 -4.35 2.24
C LEU C 357 -30.23 -4.92 2.33
N SER C 358 -29.73 -5.06 3.56
CA SER C 358 -28.41 -5.70 3.76
C SER C 358 -28.44 -7.18 4.13
N LEU C 359 -27.62 -7.95 3.46
CA LEU C 359 -27.48 -9.40 3.72
C LEU C 359 -26.38 -9.75 4.74
N PRO C 360 -26.57 -10.81 5.57
CA PRO C 360 -25.49 -11.08 6.53
C PRO C 360 -24.15 -11.36 5.89
N ILE C 361 -23.09 -10.76 6.42
CA ILE C 361 -21.73 -11.00 5.95
C ILE C 361 -20.80 -10.68 7.12
N SER C 362 -19.71 -11.43 7.16
CA SER C 362 -18.73 -11.23 8.20
C SER C 362 -17.50 -12.09 7.88
N PRO C 363 -16.34 -11.74 8.42
CA PRO C 363 -15.20 -12.59 8.06
C PRO C 363 -15.24 -14.03 8.57
N THR C 364 -16.03 -14.29 9.61
CA THR C 364 -16.07 -15.62 10.24
C THR C 364 -17.30 -16.44 9.77
N MET C 365 -18.13 -15.88 8.88
CA MET C 365 -19.42 -16.47 8.51
C MET C 365 -19.20 -17.81 7.83
N LYS C 366 -20.02 -18.79 8.20
CA LYS C 366 -19.76 -20.15 7.78
C LYS C 366 -20.35 -20.38 6.39
N GLU C 367 -19.71 -21.26 5.62
CA GLU C 367 -20.17 -21.56 4.26
C GLU C 367 -21.61 -22.04 4.22
N ASN C 368 -22.02 -22.87 5.19
CA ASN C 368 -23.41 -23.30 5.22
C ASN C 368 -24.34 -22.11 5.23
N ASP C 369 -23.92 -21.05 5.90
CA ASP C 369 -24.80 -19.92 6.07
C ASP C 369 -24.88 -19.01 4.84
N PHE C 370 -23.74 -18.64 4.23
CA PHE C 370 -23.85 -17.82 3.01
C PHE C 370 -24.49 -18.60 1.86
N LYS C 371 -24.25 -19.91 1.84
CA LYS C 371 -24.91 -20.82 0.90
C LYS C 371 -26.41 -20.79 1.10
N LYS C 372 -26.88 -20.89 2.34
CA LYS C 372 -28.31 -20.84 2.63
C LYS C 372 -28.91 -19.56 2.05
N VAL C 373 -28.19 -18.45 2.23
CA VAL C 373 -28.73 -17.14 1.88
C VAL C 373 -28.93 -17.09 0.36
N ALA C 374 -27.92 -17.52 -0.37
CA ALA C 374 -28.08 -17.53 -1.82
C ALA C 374 -29.15 -18.53 -2.27
N ASP C 375 -29.16 -19.71 -1.65
CA ASP C 375 -30.12 -20.74 -2.04
C ASP C 375 -31.56 -20.28 -1.86
N ILE C 376 -31.81 -19.61 -0.74
CA ILE C 376 -33.12 -19.07 -0.41
C ILE C 376 -33.50 -17.88 -1.27
N LEU C 377 -32.53 -17.03 -1.56
CA LEU C 377 -32.81 -15.95 -2.49
C LEU C 377 -33.09 -16.48 -3.90
N ASN C 378 -32.45 -17.58 -4.30
CA ASN C 378 -32.65 -18.14 -5.64
C ASN C 378 -33.99 -18.85 -5.81
N LYS C 379 -34.75 -18.98 -4.73
CA LYS C 379 -36.13 -19.47 -4.80
C LYS C 379 -37.18 -18.39 -4.55
N TRP C 380 -36.75 -17.14 -4.33
CA TRP C 380 -37.68 -16.07 -4.00
C TRP C 380 -38.40 -15.52 -5.22
N LYS C 381 -39.63 -16.02 -5.44
CA LYS C 381 -40.45 -15.61 -6.57
C LYS C 381 -39.84 -15.97 -7.93
N VAL C 382 -38.83 -16.86 -7.94
CA VAL C 382 -38.14 -17.26 -9.16
C VAL C 382 -37.71 -18.72 -9.10
N TYR D 16 3.07 25.52 38.19
CA TYR D 16 2.35 24.48 39.01
C TYR D 16 2.57 23.06 38.46
N PHE D 17 2.95 22.12 39.32
CA PHE D 17 2.96 20.71 38.90
C PHE D 17 1.79 19.89 39.47
N HIS D 22 6.52 6.11 46.86
CA HIS D 22 5.97 7.49 46.85
C HIS D 22 4.47 7.43 47.09
N MET D 23 3.93 8.44 47.79
CA MET D 23 2.51 8.49 48.04
C MET D 23 1.81 9.17 46.86
N PHE D 24 1.07 8.37 46.11
CA PHE D 24 0.32 8.89 44.99
C PHE D 24 -0.84 9.74 45.49
N PHE D 25 -1.27 10.67 44.65
CA PHE D 25 -2.38 11.52 44.97
C PHE D 25 -3.65 10.67 45.06
N LEU D 26 -3.83 9.77 44.10
CA LEU D 26 -4.97 8.87 44.08
C LEU D 26 -4.44 7.58 43.45
N ASN D 27 -4.33 6.56 44.29
CA ASN D 27 -3.81 5.27 43.86
C ASN D 27 -4.94 4.38 43.38
N LEU D 28 -5.29 4.56 42.10
CA LEU D 28 -6.44 3.88 41.52
C LEU D 28 -6.22 2.39 41.43
N LYS D 29 -4.97 1.96 41.20
CA LYS D 29 -4.64 0.55 41.28
C LYS D 29 -5.13 0.00 42.63
N GLN D 30 -4.78 0.67 43.74
CA GLN D 30 -5.13 0.18 45.07
C GLN D 30 -6.63 0.22 45.32
N ILE D 31 -7.29 1.27 44.86
CA ILE D 31 -8.76 1.30 44.92
C ILE D 31 -9.49 0.20 44.16
N ASN D 32 -9.07 -0.05 42.92
CA ASN D 32 -9.69 -1.02 42.05
C ASN D 32 -9.23 -2.48 42.29
N ASP D 33 -8.05 -2.70 42.90
CA ASP D 33 -7.56 -4.07 43.12
C ASP D 33 -8.55 -4.90 43.95
N ARG D 34 -9.29 -4.25 44.84
CA ARG D 34 -10.35 -4.88 45.64
C ARG D 34 -11.32 -5.66 44.78
N PHE D 35 -11.45 -5.24 43.52
CA PHE D 35 -12.52 -5.68 42.66
C PHE D 35 -12.05 -6.46 41.43
N ASN D 36 -10.77 -6.78 41.37
CA ASN D 36 -10.21 -7.30 40.12
C ASN D 36 -10.88 -8.58 39.67
N THR D 37 -11.07 -9.53 40.59
N THR D 37 -11.07 -9.55 40.59
CA THR D 37 -11.67 -10.81 40.23
CA THR D 37 -11.68 -10.82 40.21
C THR D 37 -13.09 -10.63 39.69
C THR D 37 -13.10 -10.64 39.67
N GLU D 38 -13.82 -9.68 40.26
CA GLU D 38 -15.19 -9.41 39.84
C GLU D 38 -15.25 -8.71 38.48
N PHE D 39 -14.33 -7.78 38.28
CA PHE D 39 -14.22 -7.07 37.01
C PHE D 39 -13.98 -8.12 35.92
N ILE D 40 -13.07 -9.06 36.19
CA ILE D 40 -12.68 -10.05 35.19
C ILE D 40 -13.85 -10.98 34.88
N THR D 41 -14.53 -11.43 35.93
CA THR D 41 -15.77 -12.17 35.75
C THR D 41 -16.80 -11.45 34.89
N LYS D 42 -16.99 -10.16 35.15
CA LYS D 42 -18.05 -9.44 34.49
C LYS D 42 -17.64 -9.23 33.02
N PHE D 43 -16.35 -9.00 32.78
CA PHE D 43 -15.81 -8.91 31.42
C PHE D 43 -16.08 -10.16 30.62
N LYS D 44 -15.79 -11.30 31.21
CA LYS D 44 -16.05 -12.59 30.53
C LYS D 44 -17.54 -12.78 30.29
N GLU D 45 -18.35 -12.36 31.26
CA GLU D 45 -19.80 -12.43 31.08
C GLU D 45 -20.23 -11.61 29.86
N ILE D 46 -19.67 -10.42 29.71
CA ILE D 46 -20.04 -9.54 28.62
C ILE D 46 -19.57 -10.13 27.30
N LEU D 47 -18.36 -10.69 27.28
CA LEU D 47 -17.90 -11.42 26.09
C LEU D 47 -18.87 -12.52 25.71
N GLU D 48 -19.34 -13.26 26.71
CA GLU D 48 -20.30 -14.34 26.44
C GLU D 48 -21.62 -13.83 25.87
N SER D 49 -21.98 -12.60 26.25
CA SER D 49 -23.21 -11.98 25.76
C SER D 49 -23.14 -11.56 24.29
N GLY D 50 -21.96 -11.17 23.82
CA GLY D 50 -21.78 -10.56 22.51
C GLY D 50 -22.42 -9.21 22.35
N TRP D 51 -22.71 -8.58 23.48
CA TRP D 51 -23.39 -7.29 23.47
C TRP D 51 -22.59 -6.29 24.31
N TYR D 52 -22.18 -5.21 23.66
CA TYR D 52 -21.20 -4.30 24.25
C TYR D 52 -21.73 -2.88 24.40
N ILE D 53 -22.86 -2.60 23.74
N ILE D 53 -22.91 -2.63 23.84
CA ILE D 53 -23.50 -1.27 23.67
CA ILE D 53 -23.51 -1.30 23.81
C ILE D 53 -24.97 -1.41 24.09
C ILE D 53 -24.99 -1.39 24.08
N LEU D 54 -25.46 -0.54 24.99
CA LEU D 54 -26.90 -0.46 25.27
C LEU D 54 -27.57 -1.81 25.56
N GLY D 55 -27.00 -2.55 26.49
CA GLY D 55 -27.49 -3.87 26.86
C GLY D 55 -27.88 -3.99 28.32
N LYS D 56 -27.78 -5.20 28.82
CA LYS D 56 -28.29 -5.52 30.15
C LYS D 56 -27.50 -4.85 31.26
N GLN D 57 -26.20 -4.67 31.08
CA GLN D 57 -25.34 -4.12 32.16
C GLN D 57 -25.68 -2.63 32.35
N CYS D 58 -25.87 -1.93 31.23
CA CYS D 58 -26.26 -0.53 31.27
CA CYS D 58 -26.29 -0.53 31.23
C CYS D 58 -27.61 -0.38 31.96
N GLU D 59 -28.57 -1.15 31.52
CA GLU D 59 -29.86 -1.22 32.18
C GLU D 59 -29.76 -1.46 33.70
N LYS D 60 -29.00 -2.47 34.08
CA LYS D 60 -28.86 -2.80 35.50
C LYS D 60 -28.19 -1.67 36.28
N PHE D 61 -27.08 -1.12 35.76
CA PHE D 61 -26.39 -0.07 36.51
C PHE D 61 -27.28 1.19 36.61
N GLU D 62 -27.93 1.53 35.50
CA GLU D 62 -28.79 2.69 35.49
C GLU D 62 -29.84 2.54 36.58
N ASN D 63 -30.44 1.35 36.63
CA ASN D 63 -31.51 1.21 37.60
C ASN D 63 -31.00 1.25 39.03
N ASN D 64 -29.81 0.72 39.25
CA ASN D 64 -29.23 0.78 40.57
C ASN D 64 -28.76 2.18 40.95
N PHE D 65 -28.16 2.89 39.99
CA PHE D 65 -27.77 4.27 40.30
C PHE D 65 -28.97 5.21 40.54
N ALA D 66 -30.05 5.01 39.80
CA ALA D 66 -31.28 5.77 40.00
C ALA D 66 -31.80 5.49 41.39
N LYS D 67 -31.74 4.22 41.80
CA LYS D 67 -32.20 3.91 43.15
C LYS D 67 -31.28 4.55 44.18
N TYR D 68 -29.97 4.52 43.94
CA TYR D 68 -29.05 5.09 44.89
C TYR D 68 -29.24 6.62 45.04
N CYS D 69 -29.57 7.29 43.94
CA CYS D 69 -29.82 8.73 43.98
C CYS D 69 -31.24 9.08 44.40
N GLY D 70 -32.09 8.07 44.52
CA GLY D 70 -33.50 8.28 44.77
C GLY D 70 -34.28 8.96 43.65
N VAL D 71 -33.84 8.81 42.40
CA VAL D 71 -34.52 9.40 41.24
C VAL D 71 -35.20 8.32 40.43
N LYS D 72 -36.06 8.73 39.52
N LYS D 72 -36.08 8.71 39.53
CA LYS D 72 -36.85 7.80 38.71
CA LYS D 72 -36.83 7.73 38.74
C LYS D 72 -36.02 7.26 37.55
C LYS D 72 -36.01 7.24 37.54
N HIS D 73 -35.16 8.10 36.99
CA HIS D 73 -34.45 7.83 35.73
C HIS D 73 -32.95 8.13 35.79
N CYS D 74 -32.18 7.17 35.29
CA CYS D 74 -30.75 7.38 35.04
C CYS D 74 -30.42 6.95 33.65
N ILE D 75 -29.76 7.82 32.91
CA ILE D 75 -29.33 7.60 31.54
C ILE D 75 -27.79 7.63 31.51
N GLY D 76 -27.18 6.46 31.34
CA GLY D 76 -25.75 6.37 31.12
C GLY D 76 -25.34 7.15 29.90
N VAL D 77 -24.26 7.92 29.97
CA VAL D 77 -23.75 8.60 28.83
C VAL D 77 -22.22 8.55 28.87
N ALA D 78 -21.54 9.26 27.98
CA ALA D 78 -20.15 8.96 27.71
C ALA D 78 -19.15 9.55 28.66
N ASN D 79 -19.48 10.69 29.25
CA ASN D 79 -18.64 11.39 30.25
C ASN D 79 -19.39 12.49 30.95
N GLY D 80 -18.82 13.03 32.01
CA GLY D 80 -19.43 14.13 32.76
C GLY D 80 -19.76 15.41 31.99
N LEU D 81 -18.85 15.75 31.09
CA LEU D 81 -19.03 16.96 30.26
C LEU D 81 -20.22 16.73 29.33
N ASP D 82 -20.28 15.55 28.75
CA ASP D 82 -21.36 15.26 27.83
C ASP D 82 -22.67 15.29 28.58
N ALA D 83 -22.68 14.75 29.80
CA ALA D 83 -23.91 14.75 30.59
C ALA D 83 -24.50 16.15 30.71
N LEU D 84 -23.66 17.14 31.04
CA LEU D 84 -24.14 18.50 31.21
C LEU D 84 -24.50 19.09 29.84
N ARG D 85 -23.67 18.81 28.84
CA ARG D 85 -23.91 19.41 27.51
C ARG D 85 -25.29 18.93 27.03
N LEU D 86 -25.58 17.65 27.23
CA LEU D 86 -26.88 17.09 26.81
C LEU D 86 -28.08 17.63 27.53
N ILE D 87 -27.93 17.83 28.84
CA ILE D 87 -29.00 18.42 29.62
C ILE D 87 -29.35 19.78 29.02
N ILE D 88 -28.32 20.59 28.75
CA ILE D 88 -28.60 21.93 28.30
C ILE D 88 -29.19 21.87 26.88
N LYS D 89 -28.61 21.01 26.07
CA LYS D 89 -29.05 20.82 24.69
C LYS D 89 -30.53 20.49 24.63
N ALA D 90 -30.97 19.59 25.50
CA ALA D 90 -32.34 19.15 25.58
C ALA D 90 -33.29 20.28 25.92
N TYR D 91 -32.84 21.26 26.70
CA TYR D 91 -33.73 22.39 27.04
C TYR D 91 -33.92 23.35 25.86
N ASP D 92 -33.01 23.29 24.89
CA ASP D 92 -33.18 24.03 23.65
C ASP D 92 -33.30 25.54 23.90
N PHE D 93 -32.40 26.08 24.71
CA PHE D 93 -32.39 27.51 24.98
C PHE D 93 -31.95 28.31 23.74
N LYS D 94 -32.34 29.58 23.68
CA LYS D 94 -31.94 30.44 22.58
C LYS D 94 -30.51 30.89 22.76
N GLU D 95 -29.86 31.26 21.67
CA GLU D 95 -28.51 31.79 21.72
C GLU D 95 -28.48 32.97 22.68
N ASN D 96 -27.44 32.96 23.51
CA ASN D 96 -27.20 33.99 24.52
C ASN D 96 -28.12 33.95 25.74
N ASP D 97 -29.03 32.99 25.80
CA ASP D 97 -29.75 32.71 27.02
C ASP D 97 -28.72 32.46 28.11
N GLU D 98 -29.05 32.86 29.33
CA GLU D 98 -28.07 32.88 30.42
C GLU D 98 -28.27 31.74 31.44
N ILE D 99 -27.14 31.16 31.84
CA ILE D 99 -27.07 30.10 32.85
C ILE D 99 -26.09 30.57 33.92
N ILE D 100 -26.65 30.71 35.11
CA ILE D 100 -25.91 31.16 36.27
C ILE D 100 -25.10 29.96 36.80
N VAL D 101 -23.81 30.13 37.12
CA VAL D 101 -22.95 29.00 37.48
C VAL D 101 -21.84 29.55 38.37
N PRO D 102 -21.34 28.75 39.31
CA PRO D 102 -20.13 29.21 40.03
C PRO D 102 -18.95 29.48 39.14
N ALA D 103 -18.27 30.56 39.51
CA ALA D 103 -17.01 30.92 38.86
C ALA D 103 -15.83 29.98 39.12
N ASN D 104 -15.86 29.22 40.20
CA ASN D 104 -14.67 28.49 40.63
C ASN D 104 -14.76 26.99 40.39
N THR D 105 -15.78 26.56 39.63
CA THR D 105 -15.93 25.14 39.29
C THR D 105 -14.85 24.80 38.24
N TYR D 106 -14.69 23.51 37.98
CA TYR D 106 -13.87 23.04 36.87
C TYR D 106 -14.40 23.53 35.56
N ILE D 107 -13.52 23.76 34.57
CA ILE D 107 -13.92 24.35 33.29
C ILE D 107 -15.02 23.56 32.54
N ALA D 108 -15.07 22.24 32.69
CA ALA D 108 -16.13 21.49 31.96
C ALA D 108 -17.52 21.95 32.26
N SER D 109 -17.79 22.44 33.47
CA SER D 109 -19.11 22.99 33.73
C SER D 109 -19.45 24.14 32.79
N ILE D 110 -18.41 24.92 32.50
CA ILE D 110 -18.56 26.13 31.72
C ILE D 110 -18.56 25.72 30.25
N LEU D 111 -17.69 24.78 29.88
CA LEU D 111 -17.74 24.26 28.52
C LEU D 111 -19.14 23.79 28.06
N ALA D 112 -19.90 23.12 28.94
CA ALA D 112 -21.25 22.64 28.61
C ALA D 112 -22.18 23.77 28.25
N ILE D 113 -22.02 24.88 28.97
CA ILE D 113 -22.82 26.07 28.74
C ILE D 113 -22.51 26.70 27.39
N THR D 114 -21.23 27.00 27.17
CA THR D 114 -20.87 27.74 25.96
C THR D 114 -20.93 26.86 24.69
N ASP D 115 -20.74 25.54 24.79
CA ASP D 115 -20.95 24.63 23.62
C ASP D 115 -22.39 24.77 23.11
N ASN D 116 -23.31 25.03 24.02
CA ASN D 116 -24.71 25.28 23.63
C ASN D 116 -25.08 26.74 23.31
N LYS D 117 -24.04 27.56 23.09
CA LYS D 117 -24.18 28.97 22.77
C LYS D 117 -25.02 29.70 23.82
N CYS D 118 -24.94 29.25 25.06
CA CYS D 118 -25.49 30.00 26.17
C CYS D 118 -24.38 30.81 26.83
N LYS D 119 -24.78 31.84 27.54
CA LYS D 119 -23.86 32.74 28.18
C LYS D 119 -23.72 32.31 29.65
N PRO D 120 -22.51 31.99 30.09
CA PRO D 120 -22.33 31.71 31.51
C PRO D 120 -22.28 32.99 32.35
N ILE D 121 -23.01 33.00 33.45
CA ILE D 121 -23.02 34.15 34.33
C ILE D 121 -22.35 33.71 35.62
N LEU D 122 -21.12 34.16 35.79
CA LEU D 122 -20.23 33.60 36.80
C LEU D 122 -20.44 34.26 38.16
N ILE D 123 -20.68 33.42 39.17
CA ILE D 123 -21.01 33.82 40.54
C ILE D 123 -19.89 33.38 41.45
N GLU D 124 -19.51 34.28 42.37
CA GLU D 124 -18.51 33.98 43.41
C GLU D 124 -19.00 32.90 44.36
N PRO D 125 -18.07 32.02 44.72
CA PRO D 125 -18.38 31.09 45.77
C PRO D 125 -18.31 31.74 47.16
N ASP D 126 -18.87 31.02 48.13
CA ASP D 126 -18.69 31.35 49.55
C ASP D 126 -17.32 30.77 49.96
N ILE D 127 -16.46 31.57 50.60
CA ILE D 127 -15.16 31.04 51.06
C ILE D 127 -15.29 29.93 52.11
N ASN D 128 -16.45 29.85 52.78
CA ASN D 128 -16.67 28.82 53.79
C ASN D 128 -17.27 27.55 53.25
N THR D 129 -17.56 27.50 51.95
CA THR D 129 -18.04 26.26 51.37
C THR D 129 -17.38 25.86 50.06
N TYR D 130 -16.64 26.77 49.43
CA TYR D 130 -16.17 26.58 48.07
C TYR D 130 -17.27 26.37 47.01
N ASN D 131 -18.51 26.60 47.43
CA ASN D 131 -19.65 26.45 46.50
C ASN D 131 -20.25 27.80 46.21
N ILE D 132 -21.06 27.84 45.15
CA ILE D 132 -21.71 29.08 44.77
C ILE D 132 -22.37 29.70 45.99
N ASN D 133 -22.18 31.00 46.16
CA ASN D 133 -22.82 31.70 47.25
C ASN D 133 -24.26 32.04 46.83
N PRO D 134 -25.26 31.36 47.41
CA PRO D 134 -26.63 31.63 46.96
C PRO D 134 -27.10 33.06 47.15
N ASP D 135 -26.49 33.80 48.08
CA ASP D 135 -26.87 35.20 48.28
C ASP D 135 -26.46 36.11 47.15
N LEU D 136 -25.70 35.61 46.18
CA LEU D 136 -25.12 36.45 45.15
C LEU D 136 -25.79 36.14 43.82
N ILE D 137 -26.79 35.25 43.82
CA ILE D 137 -27.43 34.79 42.58
C ILE D 137 -28.46 35.80 42.03
N GLU D 138 -29.36 36.24 42.90
CA GLU D 138 -30.52 36.96 42.45
C GLU D 138 -30.16 38.25 41.71
N GLU D 139 -29.17 38.96 42.21
CA GLU D 139 -28.80 40.25 41.62
C GLU D 139 -28.35 40.12 40.14
N LYS D 140 -27.96 38.92 39.76
CA LYS D 140 -27.47 38.63 38.41
C LYS D 140 -28.52 37.96 37.52
N ILE D 141 -29.70 37.70 38.04
CA ILE D 141 -30.81 37.26 37.17
C ILE D 141 -31.33 38.39 36.27
N THR D 142 -31.57 38.04 35.00
CA THR D 142 -32.09 38.97 33.99
C THR D 142 -33.24 38.32 33.22
N LYS D 143 -33.78 39.03 32.24
CA LYS D 143 -34.81 38.45 31.38
C LYS D 143 -34.32 37.21 30.64
N LYS D 144 -33.01 37.11 30.42
CA LYS D 144 -32.44 36.03 29.63
C LYS D 144 -32.02 34.81 30.48
N THR D 145 -32.10 34.93 31.80
CA THR D 145 -31.71 33.80 32.67
C THR D 145 -32.69 32.65 32.42
N LYS D 146 -32.15 31.46 32.15
CA LYS D 146 -32.96 30.26 31.96
C LYS D 146 -32.67 29.12 32.94
N ALA D 147 -31.48 29.07 33.53
CA ALA D 147 -31.15 27.96 34.43
C ALA D 147 -30.13 28.42 35.42
N ILE D 148 -30.07 27.68 36.51
CA ILE D 148 -28.93 27.79 37.43
C ILE D 148 -28.23 26.43 37.41
N MET D 149 -26.92 26.42 37.15
CA MET D 149 -26.11 25.21 37.28
C MET D 149 -25.40 25.30 38.62
N VAL D 150 -25.85 24.49 39.56
CA VAL D 150 -25.15 24.28 40.81
C VAL D 150 -24.12 23.22 40.59
N VAL D 151 -23.00 23.44 41.29
CA VAL D 151 -21.90 22.48 41.30
C VAL D 151 -21.56 22.09 42.73
N HIS D 152 -21.55 20.80 43.07
CA HIS D 152 -21.31 20.40 44.46
C HIS D 152 -19.81 20.12 44.52
N LEU D 153 -19.03 21.17 44.77
CA LEU D 153 -17.59 21.11 44.53
C LEU D 153 -16.84 20.42 45.64
N TYR D 154 -15.91 19.59 45.22
CA TYR D 154 -14.97 18.87 46.08
C TYR D 154 -15.62 17.75 46.83
N GLY D 155 -16.95 17.59 46.67
CA GLY D 155 -17.68 16.55 47.37
C GLY D 155 -18.72 17.09 48.36
N GLN D 156 -18.81 18.41 48.48
CA GLN D 156 -19.82 19.05 49.37
C GLN D 156 -21.03 19.53 48.61
N VAL D 157 -22.19 19.08 49.06
CA VAL D 157 -23.45 19.53 48.48
C VAL D 157 -23.65 21.03 48.71
N CYS D 158 -24.15 21.69 47.66
N CYS D 158 -24.15 21.70 47.69
CA CYS D 158 -24.54 23.09 47.72
CA CYS D 158 -24.44 23.10 47.82
C CYS D 158 -25.75 23.30 48.61
C CYS D 158 -25.75 23.31 48.56
N ASP D 159 -25.84 24.51 49.16
CA ASP D 159 -26.94 24.92 50.00
C ASP D 159 -28.14 25.27 49.10
N MET D 160 -29.04 24.34 48.89
CA MET D 160 -29.99 24.46 47.80
C MET D 160 -31.22 25.28 48.16
N GLU D 161 -31.47 25.50 49.45
CA GLU D 161 -32.71 26.16 49.88
C GLU D 161 -33.06 27.41 49.07
N LYS D 162 -32.17 28.41 49.04
CA LYS D 162 -32.48 29.67 48.38
C LYS D 162 -32.43 29.52 46.85
N ILE D 163 -31.58 28.61 46.38
CA ILE D 163 -31.53 28.28 44.97
C ILE D 163 -32.87 27.76 44.43
N GLN D 164 -33.47 26.84 45.18
CA GLN D 164 -34.80 26.32 44.80
C GLN D 164 -35.86 27.43 44.79
N LEU D 165 -35.83 28.28 45.80
CA LEU D 165 -36.74 29.42 45.85
C LEU D 165 -36.55 30.33 44.66
N LEU D 166 -35.31 30.62 44.29
CA LEU D 166 -35.07 31.50 43.15
C LEU D 166 -35.56 30.85 41.85
N ALA D 167 -35.33 29.55 41.70
CA ALA D 167 -35.70 28.91 40.46
C ALA D 167 -37.19 28.92 40.28
N ASN D 168 -37.91 28.70 41.38
CA ASN D 168 -39.37 28.73 41.37
C ASN D 168 -39.88 30.13 41.04
N LYS D 169 -39.30 31.14 41.70
CA LYS D 169 -39.65 32.57 41.54
C LYS D 169 -39.45 33.08 40.12
N TYR D 170 -38.34 32.66 39.50
CA TYR D 170 -37.97 33.17 38.19
C TYR D 170 -38.09 32.13 37.06
N ASN D 171 -38.72 31.00 37.38
CA ASN D 171 -39.03 30.02 36.37
C ASN D 171 -37.78 29.45 35.68
N LEU D 172 -36.78 29.11 36.50
CA LEU D 172 -35.44 28.71 36.04
C LEU D 172 -35.41 27.20 36.22
N LYS D 173 -34.73 26.55 35.31
CA LYS D 173 -34.29 25.16 35.54
C LYS D 173 -33.12 25.13 36.52
N ILE D 174 -33.11 24.08 37.34
CA ILE D 174 -31.91 23.76 38.14
C ILE D 174 -31.20 22.55 37.54
N ILE D 175 -29.95 22.78 37.15
CA ILE D 175 -29.05 21.74 36.65
C ILE D 175 -27.99 21.42 37.72
N GLU D 176 -27.86 20.17 38.14
CA GLU D 176 -26.81 19.81 39.08
C GLU D 176 -25.61 19.26 38.34
N ASP D 177 -24.43 19.80 38.61
CA ASP D 177 -23.19 19.12 38.28
C ASP D 177 -22.69 18.40 39.49
N CYS D 178 -22.77 17.07 39.39
CA CYS D 178 -22.60 16.15 40.51
C CYS D 178 -21.31 15.37 40.36
N ALA D 179 -20.45 15.80 39.43
CA ALA D 179 -19.24 15.06 39.09
C ALA D 179 -18.32 14.82 40.27
N GLN D 180 -18.44 15.63 41.32
CA GLN D 180 -17.47 15.56 42.43
C GLN D 180 -18.12 15.08 43.73
N ALA D 181 -19.42 14.77 43.71
CA ALA D 181 -20.10 14.63 44.99
C ALA D 181 -21.01 13.41 45.11
N HIS D 182 -20.65 12.33 44.38
CA HIS D 182 -21.51 11.17 44.33
C HIS D 182 -21.98 10.78 45.74
N GLY D 183 -23.29 10.67 45.96
CA GLY D 183 -23.77 10.17 47.23
C GLY D 183 -24.04 11.22 48.31
N ALA D 184 -23.60 12.47 48.10
CA ALA D 184 -23.85 13.54 49.09
C ALA D 184 -25.34 13.76 49.24
N ILE D 185 -25.71 14.17 50.44
CA ILE D 185 -27.12 14.36 50.81
C ILE D 185 -27.39 15.74 51.31
N TYR D 186 -28.55 16.29 50.93
CA TYR D 186 -29.08 17.56 51.42
C TYR D 186 -30.51 17.29 51.87
N LYS D 187 -30.79 17.62 53.13
CA LYS D 187 -32.10 17.38 53.67
C LYS D 187 -32.47 15.91 53.50
N ASP D 188 -33.55 15.64 52.79
CA ASP D 188 -34.07 14.28 52.61
C ASP D 188 -33.65 13.66 51.27
N LYS D 189 -32.74 14.29 50.52
CA LYS D 189 -32.49 13.89 49.14
C LYS D 189 -31.02 13.89 48.78
N ARG D 190 -30.66 12.95 47.93
CA ARG D 190 -29.30 12.83 47.43
C ARG D 190 -29.00 13.83 46.31
N VAL D 191 -27.74 14.23 46.19
CA VAL D 191 -27.26 14.80 44.97
C VAL D 191 -27.73 13.99 43.76
N GLY D 192 -28.18 14.70 42.75
CA GLY D 192 -28.81 14.04 41.62
C GLY D 192 -30.32 14.15 41.64
N ASN D 193 -30.91 14.51 42.79
CA ASN D 193 -32.34 14.67 42.96
C ASN D 193 -32.69 16.03 43.55
N LEU D 194 -31.78 17.00 43.41
CA LEU D 194 -31.99 18.30 44.03
C LEU D 194 -32.41 19.35 43.02
N GLY D 195 -32.66 18.98 41.77
CA GLY D 195 -33.03 19.97 40.77
C GLY D 195 -33.90 19.32 39.72
N ASP D 196 -33.89 19.87 38.52
CA ASP D 196 -34.64 19.33 37.39
C ASP D 196 -33.91 18.17 36.72
N ALA D 197 -32.61 18.33 36.52
CA ALA D 197 -31.79 17.24 35.98
C ALA D 197 -30.38 17.41 36.44
N ALA D 198 -29.70 16.27 36.54
CA ALA D 198 -28.33 16.24 37.07
C ALA D 198 -27.40 15.48 36.21
N GLY D 199 -26.18 15.99 36.05
CA GLY D 199 -25.06 15.35 35.35
C GLY D 199 -24.05 14.78 36.33
N PHE D 200 -23.58 13.56 36.06
CA PHE D 200 -22.48 12.93 36.77
C PHE D 200 -21.34 12.54 35.83
N SER D 201 -20.10 12.69 36.29
CA SER D 201 -18.94 12.04 35.72
C SER D 201 -18.68 10.79 36.53
N PHE D 202 -18.20 9.76 35.81
CA PHE D 202 -17.64 8.55 36.44
C PHE D 202 -16.21 8.40 35.86
N TYR D 203 -15.58 9.52 35.55
CA TYR D 203 -14.17 9.46 35.22
C TYR D 203 -13.45 8.65 36.28
N PRO D 204 -12.34 7.97 35.92
CA PRO D 204 -11.80 7.02 36.91
C PRO D 204 -11.42 7.56 38.31
N GLY D 205 -11.06 8.84 38.39
CA GLY D 205 -10.63 9.45 39.67
C GLY D 205 -11.75 9.94 40.58
N LYS D 206 -12.99 9.82 40.12
CA LYS D 206 -14.15 10.26 40.91
C LYS D 206 -14.47 9.26 42.01
N ASN D 207 -15.34 9.63 42.94
CA ASN D 207 -15.57 8.71 44.07
C ASN D 207 -16.23 7.41 43.64
N LEU D 208 -17.00 7.46 42.56
CA LEU D 208 -17.43 6.28 41.81
C LEU D 208 -16.87 6.45 40.43
N GLY D 209 -15.83 5.68 40.15
CA GLY D 209 -15.06 5.85 38.92
C GLY D 209 -15.05 4.62 38.04
N ALA D 210 -15.13 4.85 36.73
CA ALA D 210 -15.03 3.76 35.78
C ALA D 210 -13.60 3.38 35.48
N LEU D 211 -13.40 2.51 34.48
CA LEU D 211 -12.06 2.14 34.00
C LEU D 211 -11.99 2.60 32.54
N GLY D 212 -12.35 3.88 32.35
CA GLY D 212 -12.57 4.52 31.05
C GLY D 212 -13.46 5.73 31.27
N ASP D 213 -13.76 6.44 30.19
CA ASP D 213 -14.61 7.62 30.33
C ASP D 213 -16.06 7.14 30.48
N ALA D 214 -16.83 7.87 31.26
CA ALA D 214 -18.19 7.44 31.60
C ALA D 214 -18.94 8.54 32.36
N GLY D 215 -20.27 8.54 32.27
CA GLY D 215 -21.09 9.54 32.99
C GLY D 215 -22.52 9.09 32.99
N CYS D 216 -23.33 9.93 33.58
CA CYS D 216 -24.77 9.74 33.45
C CYS D 216 -25.54 11.02 33.67
N ILE D 217 -26.84 10.94 33.38
CA ILE D 217 -27.81 11.95 33.66
C ILE D 217 -28.91 11.36 34.51
N CYS D 218 -29.33 12.08 35.55
CA CYS D 218 -30.47 11.66 36.37
C CYS D 218 -31.54 12.72 36.32
N THR D 219 -32.79 12.26 36.38
CA THR D 219 -33.98 13.13 36.47
C THR D 219 -35.17 12.26 36.88
N ASN D 220 -36.19 12.95 37.39
CA ASN D 220 -37.49 12.34 37.66
C ASN D 220 -38.49 12.48 36.52
N ASP D 221 -38.17 13.34 35.54
CA ASP D 221 -39.15 13.71 34.49
C ASP D 221 -39.16 12.69 33.35
N ASP D 222 -40.26 11.93 33.22
CA ASP D 222 -40.31 10.87 32.25
C ASP D 222 -40.02 11.41 30.87
N ASN D 223 -40.54 12.58 30.55
CA ASN D 223 -40.48 13.09 29.20
C ASN D 223 -39.08 13.62 28.86
N PHE D 224 -38.49 14.32 29.85
CA PHE D 224 -37.09 14.74 29.73
C PHE D 224 -36.16 13.56 29.55
N ALA D 225 -36.38 12.54 30.36
CA ALA D 225 -35.57 11.35 30.24
C ALA D 225 -35.63 10.70 28.85
N SER D 226 -36.82 10.62 28.32
CA SER D 226 -36.96 10.06 27.00
C SER D 226 -36.20 10.86 25.96
N LYS D 227 -36.39 12.18 26.03
CA LYS D 227 -35.71 13.08 25.13
C LYS D 227 -34.20 12.87 25.27
N ILE D 228 -33.74 12.80 26.52
CA ILE D 228 -32.28 12.65 26.73
C ILE D 228 -31.75 11.35 26.11
N ARG D 229 -32.48 10.23 26.26
CA ARG D 229 -32.02 8.95 25.74
C ARG D 229 -31.86 9.03 24.22
N ALA D 230 -32.85 9.63 23.56
CA ALA D 230 -32.74 9.87 22.12
C ALA D 230 -31.57 10.79 21.78
N LEU D 231 -31.47 11.93 22.47
CA LEU D 231 -30.42 12.91 22.17
C LEU D 231 -28.99 12.33 22.24
N ALA D 232 -28.78 11.42 23.20
CA ALA D 232 -27.49 10.76 23.38
C ALA D 232 -27.25 9.61 22.42
N ASN D 233 -28.28 9.26 21.66
CA ASN D 233 -28.24 8.16 20.69
C ASN D 233 -28.45 8.69 19.25
N TYR D 234 -27.63 9.67 18.85
CA TYR D 234 -27.73 10.34 17.53
C TYR D 234 -28.95 11.26 17.37
N GLY D 235 -29.77 11.36 18.42
CA GLY D 235 -31.11 11.85 18.25
C GLY D 235 -32.19 10.87 17.84
N SER D 236 -31.86 9.59 17.98
CA SER D 236 -32.72 8.51 17.53
C SER D 236 -33.43 7.87 18.71
N HIS D 237 -34.76 8.04 18.76
CA HIS D 237 -35.62 7.30 19.68
C HIS D 237 -36.02 5.91 19.21
N LYS D 238 -36.10 5.73 17.90
CA LYS D 238 -36.50 4.44 17.36
C LYS D 238 -35.61 4.14 16.19
N LYS D 239 -35.21 2.88 16.03
CA LYS D 239 -34.25 2.54 14.98
C LYS D 239 -34.69 3.10 13.62
N TYR D 240 -33.73 3.73 12.96
CA TYR D 240 -33.86 4.28 11.63
C TYR D 240 -34.32 5.71 11.58
N GLU D 241 -34.89 6.16 12.70
CA GLU D 241 -35.43 7.51 12.77
C GLU D 241 -34.73 8.45 13.72
N ASN D 242 -34.70 9.73 13.36
CA ASN D 242 -34.05 10.73 14.17
C ASN D 242 -34.95 11.92 14.43
N LEU D 243 -35.43 12.03 15.66
CA LEU D 243 -36.26 13.19 16.04
C LEU D 243 -35.41 14.47 16.22
N TYR D 244 -34.18 14.29 16.70
CA TYR D 244 -33.31 15.38 17.05
C TYR D 244 -31.99 15.26 16.32
N THR D 245 -31.31 16.39 16.18
CA THR D 245 -29.90 16.38 15.78
C THR D 245 -29.11 16.10 17.02
N GLY D 246 -28.86 14.81 17.33
CA GLY D 246 -28.25 14.48 18.61
C GLY D 246 -26.77 14.13 18.48
N LEU D 247 -26.25 13.52 19.55
CA LEU D 247 -24.81 13.23 19.75
C LEU D 247 -24.69 11.73 19.97
N ASN D 248 -23.47 11.21 19.94
CA ASN D 248 -23.22 9.81 20.29
C ASN D 248 -22.57 9.82 21.67
N SER D 249 -23.38 9.59 22.70
CA SER D 249 -22.86 9.65 24.09
C SER D 249 -23.45 8.56 24.98
N ARG D 250 -22.77 7.41 24.98
CA ARG D 250 -23.23 6.18 25.63
C ARG D 250 -22.21 5.67 26.62
N LEU D 251 -22.76 5.00 27.63
CA LEU D 251 -21.99 4.30 28.62
C LEU D 251 -21.80 2.84 28.19
N ASP D 252 -20.54 2.45 27.97
CA ASP D 252 -20.24 1.10 27.52
C ASP D 252 -20.74 0.03 28.54
N GLU D 253 -21.19 -1.10 28.01
CA GLU D 253 -21.53 -2.23 28.89
C GLU D 253 -20.44 -2.59 29.91
N ILE D 254 -19.19 -2.60 29.46
CA ILE D 254 -18.12 -3.01 30.36
C ILE D 254 -18.02 -1.97 31.48
N GLN D 255 -18.15 -0.68 31.18
CA GLN D 255 -17.98 0.33 32.20
C GLN D 255 -19.17 0.32 33.15
N ALA D 256 -20.39 0.20 32.61
CA ALA D 256 -21.58 0.03 33.42
C ALA D 256 -21.44 -1.11 34.43
N ALA D 257 -20.87 -2.22 33.98
CA ALA D 257 -20.74 -3.36 34.87
C ALA D 257 -19.72 -3.10 36.00
N PHE D 258 -18.60 -2.47 35.65
CA PHE D 258 -17.61 -2.10 36.62
C PHE D 258 -18.18 -1.16 37.62
N LEU D 259 -18.93 -0.16 37.14
CA LEU D 259 -19.56 0.79 38.05
C LEU D 259 -20.55 0.14 39.01
N ASP D 260 -21.34 -0.81 38.50
CA ASP D 260 -22.36 -1.48 39.33
C ASP D 260 -21.67 -2.29 40.44
N ILE D 261 -20.57 -2.96 40.12
CA ILE D 261 -19.79 -3.63 41.15
C ILE D 261 -19.41 -2.66 42.28
N LYS D 262 -18.81 -1.53 41.92
CA LYS D 262 -18.33 -0.57 42.90
C LYS D 262 -19.39 0.21 43.62
N LEU D 263 -20.55 0.40 42.99
CA LEU D 263 -21.60 1.19 43.56
C LEU D 263 -22.04 0.58 44.91
N LYS D 264 -21.89 -0.73 45.03
CA LYS D 264 -22.37 -1.46 46.20
C LYS D 264 -21.58 -1.05 47.43
N TYR D 265 -20.39 -0.52 47.21
CA TYR D 265 -19.53 -0.02 48.26
C TYR D 265 -19.38 1.50 48.39
N LEU D 266 -20.13 2.29 47.64
CA LEU D 266 -19.85 3.70 47.56
C LEU D 266 -20.12 4.48 48.86
N ASP D 267 -21.20 4.17 49.55
CA ASP D 267 -21.42 4.83 50.85
C ASP D 267 -20.33 4.44 51.83
N GLU D 268 -19.99 3.16 51.88
CA GLU D 268 -18.89 2.72 52.76
C GLU D 268 -17.59 3.44 52.44
N ASP D 269 -17.30 3.60 51.15
CA ASP D 269 -16.05 4.19 50.72
C ASP D 269 -16.06 5.69 51.07
N ASN D 270 -17.18 6.33 50.85
CA ASN D 270 -17.35 7.74 51.21
C ASN D 270 -17.17 7.92 52.71
N ASN D 271 -17.66 6.98 53.51
CA ASN D 271 -17.46 7.06 54.97
C ASN D 271 -15.97 6.86 55.36
N LYS D 272 -15.25 6.04 54.61
CA LYS D 272 -13.80 5.91 54.77
C LYS D 272 -13.13 7.26 54.46
N ARG D 273 -13.54 8.00 53.44
CA ARG D 273 -12.99 9.32 53.19
C ARG D 273 -13.38 10.28 54.32
N LYS D 274 -14.60 10.16 54.83
CA LYS D 274 -15.00 10.98 55.99
C LYS D 274 -14.05 10.77 57.13
N ASN D 275 -13.65 9.53 57.35
CA ASN D 275 -12.74 9.21 58.46
C ASN D 275 -11.38 9.89 58.30
N ILE D 276 -10.77 9.77 57.11
CA ILE D 276 -9.51 10.42 56.80
C ILE D 276 -9.60 11.95 56.90
N ALA D 277 -10.68 12.52 56.38
CA ALA D 277 -10.87 13.98 56.44
C ALA D 277 -10.94 14.41 57.90
N ASN D 278 -11.68 13.67 58.72
CA ASN D 278 -11.74 13.99 60.15
C ASN D 278 -10.35 13.90 60.81
N PHE D 279 -9.61 12.86 60.45
CA PHE D 279 -8.24 12.78 60.93
C PHE D 279 -7.41 14.02 60.59
N TYR D 280 -7.42 14.42 59.33
CA TYR D 280 -6.76 15.62 58.92
C TYR D 280 -7.27 16.81 59.74
N LEU D 281 -8.59 16.93 59.88
CA LEU D 281 -9.16 18.14 60.47
C LEU D 281 -8.86 18.21 61.97
N GLN D 282 -8.64 17.04 62.57
CA GLN D 282 -8.39 16.99 63.99
C GLN D 282 -6.89 17.07 64.29
N ASN D 283 -6.02 16.80 63.31
CA ASN D 283 -4.59 16.63 63.56
C ASN D 283 -3.69 17.67 62.89
N ILE D 284 -4.10 18.22 61.75
CA ILE D 284 -3.27 19.21 61.07
C ILE D 284 -3.42 20.55 61.75
N LYS D 285 -2.32 21.12 62.25
CA LYS D 285 -2.39 22.46 62.78
C LYS D 285 -1.10 23.17 62.40
N ASN D 286 -1.22 24.06 61.43
CA ASN D 286 -0.12 24.82 60.86
C ASN D 286 -0.66 26.21 60.53
N GLU D 287 0.01 27.25 61.00
CA GLU D 287 -0.44 28.61 60.77
C GLU D 287 -0.46 29.05 59.31
N ASN D 288 0.19 28.29 58.43
CA ASN D 288 0.26 28.64 57.01
C ASN D 288 -0.84 27.97 56.21
N ILE D 289 -1.69 27.20 56.89
CA ILE D 289 -2.64 26.32 56.21
C ILE D 289 -4.04 26.57 56.76
N ILE D 290 -4.97 26.86 55.86
CA ILE D 290 -6.40 26.90 56.18
C ILE D 290 -7.06 25.61 55.72
N LEU D 291 -7.65 24.88 56.66
CA LEU D 291 -8.32 23.62 56.38
C LEU D 291 -9.74 23.82 55.85
N PRO D 292 -10.21 22.83 55.09
CA PRO D 292 -11.63 22.86 54.69
C PRO D 292 -12.59 22.47 55.80
N SER D 293 -13.81 22.98 55.69
CA SER D 293 -14.86 22.58 56.58
C SER D 293 -15.94 21.87 55.78
N ASN D 294 -16.90 21.34 56.51
CA ASN D 294 -18.04 20.64 55.92
C ASN D 294 -19.37 21.06 56.54
N LYS D 295 -19.86 22.22 56.10
CA LYS D 295 -21.11 22.81 56.56
C LYS D 295 -22.25 21.84 56.28
N PHE D 296 -22.36 21.40 55.02
CA PHE D 296 -23.31 20.37 54.60
C PHE D 296 -22.58 19.09 54.27
N ASP D 297 -23.27 18.03 53.91
CA ASP D 297 -22.67 16.73 53.77
C ASP D 297 -21.58 16.82 52.76
N HIS D 298 -20.47 16.15 53.06
CA HIS D 298 -19.27 16.19 52.23
C HIS D 298 -18.78 14.73 52.07
N VAL D 299 -18.63 14.34 50.80
CA VAL D 299 -18.07 13.04 50.47
C VAL D 299 -16.58 13.06 50.15
N TRP D 300 -15.96 14.23 50.23
CA TRP D 300 -14.49 14.36 50.29
C TRP D 300 -13.86 13.68 49.08
N HIS D 301 -14.45 13.96 47.92
CA HIS D 301 -13.75 13.72 46.64
C HIS D 301 -12.35 14.34 46.61
N LEU D 302 -12.27 15.55 47.12
CA LEU D 302 -11.00 16.27 47.18
C LEU D 302 -10.92 16.92 48.54
N PHE D 303 -9.75 16.79 49.18
CA PHE D 303 -9.49 17.44 50.48
C PHE D 303 -8.64 18.67 50.25
N VAL D 304 -9.26 19.84 50.25
CA VAL D 304 -8.61 21.03 49.70
C VAL D 304 -8.19 21.97 50.81
N VAL D 305 -6.88 22.15 50.95
CA VAL D 305 -6.31 23.20 51.81
C VAL D 305 -5.95 24.49 51.07
N LYS D 306 -5.70 25.54 51.85
CA LYS D 306 -5.53 26.86 51.29
C LYS D 306 -4.41 27.63 52.01
N THR D 307 -3.45 28.06 51.21
CA THR D 307 -2.20 28.67 51.71
C THR D 307 -1.68 29.76 50.76
N LYS D 308 -1.09 30.79 51.34
CA LYS D 308 -0.37 31.81 50.59
C LYS D 308 0.95 31.27 50.03
N LEU D 309 1.39 30.09 50.47
CA LEU D 309 2.63 29.50 49.96
C LEU D 309 2.40 28.19 49.21
N ARG D 310 1.54 28.24 48.20
CA ARG D 310 0.94 27.05 47.61
C ARG D 310 1.95 26.29 46.78
N ASP D 311 2.65 27.00 45.90
CA ASP D 311 3.64 26.39 45.04
C ASP D 311 4.82 25.86 45.91
N GLU D 312 5.17 26.59 46.96
CA GLU D 312 6.16 26.09 47.93
C GLU D 312 5.70 24.83 48.68
N LEU D 313 4.47 24.83 49.21
CA LEU D 313 3.94 23.64 49.86
C LEU D 313 4.00 22.43 48.95
N GLN D 314 3.53 22.61 47.72
CA GLN D 314 3.51 21.52 46.77
C GLN D 314 4.91 20.93 46.59
N HIS D 315 5.91 21.80 46.53
CA HIS D 315 7.30 21.33 46.37
C HIS D 315 7.78 20.64 47.64
N TYR D 316 7.50 21.25 48.77
CA TYR D 316 7.81 20.67 50.08
C TYR D 316 7.28 19.25 50.23
N LEU D 317 6.02 19.02 49.85
CA LEU D 317 5.42 17.70 50.00
C LEU D 317 5.99 16.65 49.03
N ASN D 318 6.26 17.10 47.82
CA ASN D 318 6.94 16.29 46.81
C ASN D 318 8.27 15.79 47.35
N ASN D 319 9.00 16.71 47.99
CA ASN D 319 10.29 16.39 48.56
C ASN D 319 10.13 15.30 49.62
N HIS D 320 8.92 15.15 50.16
CA HIS D 320 8.65 14.07 51.11
C HIS D 320 7.88 12.88 50.55
N ASP D 321 7.91 12.70 49.22
CA ASP D 321 7.25 11.58 48.53
C ASP D 321 5.73 11.64 48.71
N ILE D 322 5.19 12.86 48.74
CA ILE D 322 3.74 13.08 48.85
C ILE D 322 3.30 13.91 47.64
N GLN D 323 2.62 13.24 46.70
CA GLN D 323 2.16 13.89 45.48
C GLN D 323 0.83 14.58 45.71
N THR D 324 0.71 15.80 45.20
CA THR D 324 -0.53 16.56 45.31
C THR D 324 -0.85 17.13 43.93
N ILE D 325 -2.11 17.49 43.71
CA ILE D 325 -2.57 18.10 42.48
C ILE D 325 -3.34 19.33 42.93
N ILE D 326 -3.40 20.37 42.10
CA ILE D 326 -4.15 21.59 42.34
C ILE D 326 -5.53 21.52 41.68
N HIS D 327 -6.57 21.86 42.43
CA HIS D 327 -7.92 21.89 41.88
C HIS D 327 -8.47 23.26 42.30
N TYR D 328 -8.23 24.34 41.56
CA TYR D 328 -7.46 24.40 40.29
C TYR D 328 -6.63 25.68 40.31
N PRO D 329 -5.61 25.78 39.44
CA PRO D 329 -4.75 26.96 39.53
C PRO D 329 -5.16 28.09 38.61
N ILE D 330 -5.87 27.81 37.52
CA ILE D 330 -6.39 28.85 36.64
C ILE D 330 -7.94 28.77 36.51
N PRO D 331 -8.66 29.85 36.87
CA PRO D 331 -10.12 29.78 36.77
C PRO D 331 -10.60 29.91 35.34
N PRO D 332 -11.83 29.45 35.07
CA PRO D 332 -12.36 29.44 33.69
C PRO D 332 -12.24 30.79 32.99
N HIS D 333 -12.56 31.85 33.71
CA HIS D 333 -12.55 33.17 33.12
C HIS D 333 -11.16 33.63 32.74
N LYS D 334 -10.12 32.99 33.27
CA LYS D 334 -8.75 33.41 33.02
C LYS D 334 -8.06 32.51 31.99
N GLN D 335 -8.79 31.53 31.44
CA GLN D 335 -8.20 30.64 30.45
C GLN D 335 -8.14 31.29 29.06
N LYS D 336 -7.20 30.84 28.22
CA LYS D 336 -7.05 31.38 26.87
C LYS D 336 -8.26 31.16 26.00
N CYS D 337 -8.95 30.05 26.23
CA CYS D 337 -10.12 29.71 25.43
C CYS D 337 -11.30 30.65 25.70
N TYR D 338 -11.25 31.34 26.85
CA TYR D 338 -12.25 32.34 27.24
C TYR D 338 -11.65 33.76 27.39
N LYS D 339 -10.81 34.13 26.43
CA LYS D 339 -10.30 35.51 26.33
C LYS D 339 -11.33 36.59 26.62
N ASP D 340 -12.54 36.43 26.10
CA ASP D 340 -13.66 37.35 26.32
C ASP D 340 -14.06 37.53 27.79
N LEU D 341 -13.63 36.62 28.66
CA LEU D 341 -14.07 36.62 30.05
C LEU D 341 -12.94 37.06 30.93
N ASN D 342 -11.77 37.31 30.34
CA ASN D 342 -10.54 37.50 31.10
C ASN D 342 -10.64 38.78 31.96
N HIS D 343 -11.43 39.74 31.49
CA HIS D 343 -11.56 41.04 32.15
C HIS D 343 -12.35 40.97 33.45
N LEU D 344 -13.11 39.90 33.64
CA LEU D 344 -14.08 39.85 34.73
C LEU D 344 -13.34 39.82 36.04
N LYS D 345 -13.95 40.49 37.03
CA LYS D 345 -13.33 40.71 38.33
C LYS D 345 -14.07 39.85 39.35
N LEU D 346 -13.38 38.77 39.69
CA LEU D 346 -13.87 37.68 40.53
C LEU D 346 -12.76 37.33 41.53
N PRO D 347 -12.48 38.26 42.46
CA PRO D 347 -11.33 38.13 43.35
C PRO D 347 -11.41 36.96 44.30
N ILE D 348 -12.60 36.53 44.72
CA ILE D 348 -12.65 35.43 45.66
C ILE D 348 -12.21 34.18 44.91
N THR D 349 -12.81 33.94 43.76
CA THR D 349 -12.38 32.87 42.88
C THR D 349 -10.89 32.94 42.53
N GLU D 350 -10.43 34.12 42.13
CA GLU D 350 -9.05 34.26 41.71
C GLU D 350 -8.12 33.89 42.87
N ASN D 351 -8.44 34.41 44.05
CA ASN D 351 -7.66 34.09 45.21
C ASN D 351 -7.64 32.62 45.59
N ILE D 352 -8.78 31.99 45.49
CA ILE D 352 -8.87 30.58 45.70
C ILE D 352 -7.90 29.85 44.77
N HIS D 353 -7.93 30.19 43.50
CA HIS D 353 -7.08 29.46 42.55
C HIS D 353 -5.59 29.65 42.80
N GLN D 354 -5.23 30.77 43.43
CA GLN D 354 -3.83 31.08 43.72
C GLN D 354 -3.36 30.27 44.92
N GLU D 355 -4.31 29.88 45.77
CA GLU D 355 -3.99 29.36 47.10
C GLU D 355 -4.27 27.90 47.41
N VAL D 356 -5.08 27.19 46.60
CA VAL D 356 -5.54 25.88 47.03
C VAL D 356 -4.62 24.77 46.58
N LEU D 357 -4.59 23.69 47.33
CA LEU D 357 -3.93 22.46 46.96
C LEU D 357 -4.70 21.27 47.59
N SER D 358 -4.74 20.14 46.90
CA SER D 358 -5.48 18.97 47.36
C SER D 358 -4.53 17.92 47.91
N LEU D 359 -4.86 17.36 49.06
CA LEU D 359 -4.02 16.37 49.69
C LEU D 359 -4.52 15.00 49.36
N PRO D 360 -3.66 14.00 49.44
CA PRO D 360 -4.20 12.69 49.11
C PRO D 360 -5.26 12.20 50.07
N ILE D 361 -6.31 11.62 49.51
CA ILE D 361 -7.39 11.00 50.26
C ILE D 361 -8.02 9.94 49.37
N SER D 362 -8.39 8.81 49.96
CA SER D 362 -9.02 7.76 49.17
C SER D 362 -9.58 6.76 50.15
N PRO D 363 -10.56 5.98 49.72
CA PRO D 363 -11.22 5.01 50.64
C PRO D 363 -10.27 3.90 51.10
N THR D 364 -9.26 3.59 50.29
CA THR D 364 -8.30 2.52 50.61
C THR D 364 -6.97 3.05 51.19
N MET D 365 -6.83 4.36 51.39
CA MET D 365 -5.57 4.95 51.81
C MET D 365 -5.15 4.47 53.19
N LYS D 366 -3.87 4.13 53.37
CA LYS D 366 -3.36 3.59 54.63
C LYS D 366 -3.21 4.62 55.77
N GLU D 367 -3.54 4.17 56.99
CA GLU D 367 -3.36 4.99 58.19
C GLU D 367 -1.94 5.53 58.30
N ASN D 368 -0.96 4.66 58.04
CA ASN D 368 0.43 5.12 57.95
C ASN D 368 0.64 6.29 57.02
N ASP D 369 -0.03 6.27 55.86
CA ASP D 369 0.03 7.37 54.91
C ASP D 369 -0.63 8.68 55.35
N PHE D 370 -1.88 8.65 55.79
CA PHE D 370 -2.49 9.92 56.20
C PHE D 370 -1.91 10.51 57.49
N LYS D 371 -1.42 9.64 58.38
CA LYS D 371 -0.57 10.07 59.49
C LYS D 371 0.67 10.81 59.01
N LYS D 372 1.39 10.22 58.04
CA LYS D 372 2.51 10.93 57.44
C LYS D 372 2.12 12.29 56.86
N VAL D 373 1.03 12.37 56.10
CA VAL D 373 0.64 13.68 55.56
C VAL D 373 0.50 14.72 56.70
N ALA D 374 -0.22 14.36 57.76
CA ALA D 374 -0.46 15.29 58.85
C ALA D 374 0.82 15.69 59.53
N ASP D 375 1.68 14.71 59.80
CA ASP D 375 2.93 14.98 60.48
C ASP D 375 3.79 15.93 59.65
N ILE D 376 3.85 15.68 58.35
CA ILE D 376 4.71 16.48 57.51
C ILE D 376 4.17 17.89 57.37
N LEU D 377 2.85 18.02 57.29
CA LEU D 377 2.25 19.34 57.22
C LEU D 377 2.53 20.04 58.53
N ASN D 378 2.45 19.30 59.63
CA ASN D 378 2.64 19.90 60.95
C ASN D 378 4.07 20.48 61.12
N LYS D 379 5.05 19.87 60.47
CA LYS D 379 6.44 20.35 60.54
C LYS D 379 6.77 21.48 59.57
N TRP D 380 5.94 21.65 58.56
CA TRP D 380 6.19 22.60 57.48
C TRP D 380 6.48 23.95 58.09
N LYS D 381 7.69 24.46 57.86
CA LYS D 381 8.08 25.83 58.20
C LYS D 381 8.29 26.08 59.70
N VAL D 382 8.26 25.01 60.48
CA VAL D 382 8.49 25.11 61.91
C VAL D 382 10.00 25.19 62.14
#